data_3NDN
#
_entry.id   3NDN
#
_cell.length_a   81.950
_cell.length_b   129.560
_cell.length_c   95.960
_cell.angle_alpha   90.000
_cell.angle_beta   115.350
_cell.angle_gamma   90.000
#
_symmetry.space_group_name_H-M   'P 1 21 1'
#
loop_
_entity.id
_entity.type
_entity.pdbx_description
1 polymer 'O-succinylhomoserine sulfhydrylase'
2 water water
#
_entity_poly.entity_id   1
_entity_poly.type   'polypeptide(L)'
_entity_poly.pdbx_seq_one_letter_code
;MAHHHHHHMTDESSVRTPKALPDGVSQATVGVRGGMLRSGFEETAEAMYLTSGYVYGSAAVAEKSFAGELDHYVYSRYGN
PTVSVFEERLRLIEGAPAAFATASGMAAVFTSLGALLGAGDRLVAARSLFGSCFVVCSEILPRWGVQTVFVDGDDLSQWE
RALSVPTQAVFFETPSNPMQSLVDIAAVTELAHAAGAKVVLDNVFATPLLQQGFPLGVDVVVYSGT(LLP)HIDGQGRVL
GGAILGDREYIDGPVQKLMRHTGPAMSAFNAWVLLKGLETLAIRVQHSNASAQRIAEFLNGHPSVRWVRYPYLPSHPQYD
LAKRQMSGGGTVVTFALDCPEDVAKQRAFEVLDKMRLIDISNNLGDAKSLVTHPATTTHRAMGPEGRAAIGLGDGVVRIS
VGLEDTDDLIADIDRALS
;
_entity_poly.pdbx_strand_id   A,B,C,D
#
# COMPACT_ATOMS: atom_id res chain seq x y z
N SER A 14 21.71 -4.44 -20.46
CA SER A 14 21.47 -5.05 -19.12
C SER A 14 20.77 -4.10 -18.14
N VAL A 15 19.57 -4.51 -17.68
CA VAL A 15 18.75 -3.67 -16.78
C VAL A 15 18.86 -4.02 -15.28
N ARG A 16 19.47 -5.17 -14.97
CA ARG A 16 19.50 -5.68 -13.60
C ARG A 16 20.77 -5.35 -12.80
N THR A 17 21.71 -4.62 -13.40
CA THR A 17 22.95 -4.25 -12.69
C THR A 17 22.71 -3.10 -11.70
N PRO A 18 22.88 -3.36 -10.39
CA PRO A 18 22.61 -2.34 -9.36
C PRO A 18 23.70 -1.26 -9.23
N LYS A 19 23.38 -0.17 -8.52
CA LYS A 19 24.35 0.89 -8.22
C LYS A 19 25.42 0.35 -7.26
N ALA A 20 26.67 0.26 -7.77
CA ALA A 20 27.80 -0.28 -7.02
C ALA A 20 28.30 0.68 -5.95
N LEU A 21 28.64 0.14 -4.77
CA LEU A 21 29.13 0.96 -3.65
C LEU A 21 30.66 1.06 -3.63
N PRO A 22 31.23 2.12 -3.02
CA PRO A 22 32.70 2.21 -2.87
C PRO A 22 33.33 0.99 -2.19
N ASP A 23 34.60 0.72 -2.51
CA ASP A 23 35.35 -0.39 -1.94
C ASP A 23 35.47 -0.28 -0.41
N GLY A 24 35.18 -1.38 0.29
CA GLY A 24 35.46 -1.48 1.73
C GLY A 24 34.39 -1.00 2.70
N VAL A 25 33.23 -0.58 2.20
CA VAL A 25 32.13 -0.11 3.06
C VAL A 25 31.61 -1.21 4.00
N SER A 26 31.12 -0.82 5.17
CA SER A 26 30.68 -1.77 6.21
C SER A 26 29.26 -2.34 6.00
N GLN A 27 28.90 -3.32 6.85
CA GLN A 27 27.56 -3.96 6.87
C GLN A 27 26.43 -2.94 7.09
N ALA A 28 26.67 -1.92 7.93
CA ALA A 28 25.66 -0.88 8.19
C ALA A 28 25.36 -0.05 6.94
N THR A 29 26.42 0.37 6.26
CA THR A 29 26.31 1.15 5.02
C THR A 29 25.57 0.43 3.88
N VAL A 30 25.86 -0.86 3.66
CA VAL A 30 25.16 -1.61 2.59
C VAL A 30 23.67 -1.80 2.90
N GLY A 31 23.32 -1.90 4.19
CA GLY A 31 21.90 -2.00 4.56
C GLY A 31 21.10 -0.76 4.23
N VAL A 32 21.74 0.42 4.29
CA VAL A 32 21.05 1.67 3.96
C VAL A 32 20.86 1.88 2.45
N ARG A 33 21.87 1.55 1.64
CA ARG A 33 21.83 1.94 0.22
C ARG A 33 22.36 0.90 -0.80
N GLY A 34 22.54 -0.33 -0.35
CA GLY A 34 22.92 -1.44 -1.25
C GLY A 34 21.80 -1.96 -2.16
N GLY A 35 22.20 -2.33 -3.39
CA GLY A 35 21.32 -3.05 -4.32
C GLY A 35 20.24 -2.25 -5.04
N MET A 36 20.36 -0.92 -5.04
CA MET A 36 19.31 -0.07 -5.64
C MET A 36 19.41 -0.05 -7.15
N LEU A 37 18.27 0.16 -7.80
CA LEU A 37 18.16 0.31 -9.26
C LEU A 37 17.21 1.48 -9.61
N ARG A 38 17.71 2.72 -9.56
CA ARG A 38 16.87 3.90 -9.78
C ARG A 38 16.45 4.00 -11.25
N SER A 39 15.20 4.44 -11.47
CA SER A 39 14.70 4.78 -12.83
C SER A 39 15.29 6.09 -13.36
N GLY A 40 14.99 6.40 -14.63
CA GLY A 40 15.29 7.70 -15.23
C GLY A 40 14.67 8.93 -14.59
N PHE A 41 13.72 8.74 -13.65
CA PHE A 41 13.19 9.85 -12.84
C PHE A 41 14.11 10.26 -11.67
N GLU A 42 15.08 9.41 -11.35
CA GLU A 42 16.08 9.68 -10.31
C GLU A 42 15.45 9.89 -8.91
N GLU A 43 14.43 9.10 -8.60
CA GLU A 43 13.83 9.10 -7.27
C GLU A 43 14.86 8.74 -6.20
N THR A 44 14.80 9.41 -5.06
CA THR A 44 15.70 9.13 -3.92
C THR A 44 15.40 7.79 -3.23
N ALA A 45 14.13 7.62 -2.84
CA ALA A 45 13.61 6.38 -2.26
C ALA A 45 13.20 5.33 -3.29
N GLU A 46 13.28 4.06 -2.86
CA GLU A 46 13.07 2.88 -3.72
C GLU A 46 11.63 2.73 -4.29
N ALA A 47 11.53 2.59 -5.61
CA ALA A 47 10.24 2.49 -6.30
C ALA A 47 9.56 1.12 -6.16
N MET A 48 8.22 1.11 -6.22
CA MET A 48 7.41 -0.13 -6.11
C MET A 48 6.72 -0.44 -7.45
N TYR A 49 7.09 -1.57 -8.06
CA TYR A 49 6.56 -1.98 -9.37
C TYR A 49 5.47 -3.06 -9.24
N LEU A 50 4.25 -2.61 -8.95
CA LEU A 50 3.10 -3.52 -8.86
C LEU A 50 2.62 -3.87 -10.27
N THR A 51 3.28 -4.88 -10.85
CA THR A 51 2.94 -5.40 -12.16
C THR A 51 3.20 -6.92 -12.14
N SER A 52 2.31 -7.68 -12.78
CA SER A 52 2.60 -9.11 -12.99
C SER A 52 3.39 -9.39 -14.29
N GLY A 53 3.13 -8.59 -15.34
CA GLY A 53 3.74 -8.77 -16.68
C GLY A 53 4.56 -7.59 -17.16
N TYR A 54 5.19 -7.74 -18.34
CA TYR A 54 6.07 -6.73 -18.96
C TYR A 54 5.77 -6.67 -20.48
N VAL A 55 6.17 -5.58 -21.13
CA VAL A 55 5.97 -5.42 -22.58
C VAL A 55 7.32 -5.39 -23.33
N TYR A 56 7.29 -5.60 -24.65
CA TYR A 56 8.51 -5.65 -25.46
C TYR A 56 8.38 -4.73 -26.69
N GLY A 57 9.50 -4.10 -27.08
CA GLY A 57 9.55 -3.21 -28.25
C GLY A 57 9.29 -3.85 -29.60
N SER A 58 9.53 -5.16 -29.70
CA SER A 58 9.38 -5.89 -30.97
C SER A 58 9.22 -7.38 -30.71
N ALA A 59 8.74 -8.12 -31.71
CA ALA A 59 8.62 -9.57 -31.59
C ALA A 59 9.97 -10.28 -31.39
N ALA A 60 11.02 -9.77 -32.05
CA ALA A 60 12.39 -10.29 -31.87
C ALA A 60 12.90 -10.16 -30.43
N VAL A 61 12.62 -9.02 -29.77
CA VAL A 61 12.96 -8.83 -28.36
C VAL A 61 12.20 -9.80 -27.43
N ALA A 62 10.93 -10.05 -27.73
CA ALA A 62 10.13 -11.00 -26.95
C ALA A 62 10.72 -12.41 -27.03
N GLU A 63 11.13 -12.81 -28.24
CA GLU A 63 11.76 -14.12 -28.45
C GLU A 63 13.08 -14.25 -27.69
N LYS A 64 13.95 -13.24 -27.79
CA LYS A 64 15.24 -13.27 -27.09
C LYS A 64 15.06 -13.29 -25.56
N SER A 65 14.07 -12.57 -25.07
CA SER A 65 13.78 -12.46 -23.63
C SER A 65 13.33 -13.79 -23.04
N PHE A 66 12.44 -14.48 -23.75
CA PHE A 66 12.01 -15.83 -23.36
C PHE A 66 13.12 -16.87 -23.39
N ALA A 67 14.00 -16.77 -24.39
CA ALA A 67 15.15 -17.67 -24.53
C ALA A 67 16.28 -17.34 -23.54
N GLY A 68 16.08 -16.29 -22.73
CA GLY A 68 17.05 -15.87 -21.73
C GLY A 68 18.32 -15.27 -22.28
N GLU A 69 18.26 -14.77 -23.53
CA GLU A 69 19.43 -14.15 -24.16
C GLU A 69 19.57 -12.68 -23.80
N LEU A 70 18.50 -12.10 -23.27
CA LEU A 70 18.49 -10.75 -22.70
C LEU A 70 18.03 -10.84 -21.23
N ASP A 71 18.47 -9.91 -20.38
CA ASP A 71 18.03 -9.92 -18.98
C ASP A 71 16.73 -9.11 -18.69
N HIS A 72 16.03 -8.72 -19.75
CA HIS A 72 14.68 -8.11 -19.70
C HIS A 72 13.77 -8.95 -18.78
N TYR A 73 12.94 -8.27 -17.98
CA TYR A 73 12.01 -9.00 -17.09
C TYR A 73 10.90 -9.68 -17.90
N VAL A 74 10.33 -10.77 -17.37
CA VAL A 74 9.33 -11.57 -18.14
C VAL A 74 8.00 -11.78 -17.39
N TYR A 75 8.06 -12.19 -16.11
CA TYR A 75 6.86 -12.44 -15.34
C TYR A 75 7.21 -12.44 -13.85
N SER A 76 6.39 -11.75 -13.06
CA SER A 76 6.68 -11.51 -11.64
C SER A 76 6.70 -12.71 -10.71
N ARG A 77 6.09 -13.84 -11.11
CA ARG A 77 6.20 -15.06 -10.31
C ARG A 77 7.67 -15.44 -10.07
N TYR A 78 8.55 -15.17 -11.02
CA TYR A 78 9.96 -15.49 -10.79
C TYR A 78 11.00 -14.38 -10.98
N GLY A 79 10.57 -13.17 -11.29
CA GLY A 79 11.47 -12.01 -11.28
C GLY A 79 10.70 -10.70 -11.38
N ASN A 80 11.06 -9.74 -10.53
CA ASN A 80 10.42 -8.40 -10.46
C ASN A 80 11.47 -7.35 -9.98
N PRO A 81 11.47 -6.12 -10.54
CA PRO A 81 12.53 -5.17 -10.13
C PRO A 81 12.59 -4.76 -8.64
N THR A 82 11.44 -4.59 -7.99
CA THR A 82 11.40 -4.32 -6.54
C THR A 82 11.85 -5.54 -5.71
N VAL A 83 11.36 -6.74 -6.07
CA VAL A 83 11.85 -7.97 -5.45
C VAL A 83 13.38 -8.13 -5.59
N SER A 84 13.95 -7.77 -6.75
CA SER A 84 15.41 -7.84 -6.95
C SER A 84 16.22 -6.95 -5.99
N VAL A 85 15.68 -5.76 -5.63
CA VAL A 85 16.35 -4.86 -4.71
C VAL A 85 16.39 -5.49 -3.30
N PHE A 86 15.29 -6.12 -2.85
CA PHE A 86 15.27 -6.82 -1.54
C PHE A 86 16.31 -7.98 -1.52
N GLU A 87 16.30 -8.79 -2.57
CA GLU A 87 17.21 -9.96 -2.72
C GLU A 87 18.68 -9.52 -2.66
N GLU A 88 19.02 -8.46 -3.39
CA GLU A 88 20.41 -8.02 -3.45
C GLU A 88 20.90 -7.33 -2.18
N ARG A 89 20.03 -6.52 -1.56
CA ARG A 89 20.37 -5.90 -0.27
C ARG A 89 20.66 -6.94 0.82
N LEU A 90 19.82 -7.98 0.94
CA LEU A 90 20.06 -9.04 1.92
C LEU A 90 21.32 -9.85 1.56
N ARG A 91 21.54 -10.10 0.27
CA ARG A 91 22.73 -10.84 -0.20
C ARG A 91 24.03 -10.08 0.18
N LEU A 92 24.00 -8.76 0.02
CA LEU A 92 25.14 -7.89 0.39
C LEU A 92 25.41 -7.93 1.90
N ILE A 93 24.37 -7.82 2.72
CA ILE A 93 24.50 -7.91 4.21
C ILE A 93 25.13 -9.25 4.66
N GLU A 94 24.69 -10.34 4.05
CA GLU A 94 25.08 -11.70 4.46
C GLU A 94 26.45 -12.13 3.90
N GLY A 95 26.81 -11.61 2.73
CA GLY A 95 28.03 -12.04 2.01
C GLY A 95 27.90 -13.39 1.32
N ALA A 96 26.74 -13.64 0.69
CA ALA A 96 26.46 -14.88 -0.03
C ALA A 96 26.70 -14.69 -1.54
N PRO A 97 26.93 -15.80 -2.31
CA PRO A 97 27.07 -15.70 -3.77
C PRO A 97 25.78 -15.33 -4.53
N ALA A 98 24.61 -15.74 -4.02
CA ALA A 98 23.32 -15.49 -4.69
C ALA A 98 22.11 -15.64 -3.72
N ALA A 99 20.93 -15.16 -4.16
CA ALA A 99 19.71 -15.10 -3.33
C ALA A 99 18.39 -15.23 -4.13
N PHE A 100 17.36 -15.78 -3.48
CA PHE A 100 16.00 -15.89 -4.06
C PHE A 100 14.95 -15.65 -2.97
N ALA A 101 14.03 -14.70 -3.20
CA ALA A 101 12.99 -14.34 -2.24
C ALA A 101 11.79 -15.29 -2.30
N THR A 102 11.11 -15.49 -1.16
CA THR A 102 9.93 -16.40 -1.06
C THR A 102 8.73 -15.75 -0.31
N ALA A 103 7.56 -16.43 -0.29
CA ALA A 103 6.32 -15.88 0.33
C ALA A 103 6.37 -15.88 1.88
N SER A 104 7.22 -16.72 2.45
CA SER A 104 7.29 -16.89 3.92
C SER A 104 8.59 -17.57 4.29
N GLY A 105 8.93 -17.60 5.59
CA GLY A 105 10.09 -18.38 6.05
C GLY A 105 9.93 -19.89 5.81
N MET A 106 8.74 -20.43 6.07
CA MET A 106 8.50 -21.87 5.82
C MET A 106 8.61 -22.25 4.34
N ALA A 107 8.21 -21.33 3.46
CA ALA A 107 8.43 -21.50 2.01
C ALA A 107 9.92 -21.60 1.68
N ALA A 108 10.76 -20.79 2.34
CA ALA A 108 12.23 -20.91 2.17
C ALA A 108 12.76 -22.26 2.66
N VAL A 109 12.32 -22.71 3.85
CA VAL A 109 12.73 -24.00 4.41
C VAL A 109 12.34 -25.18 3.51
N PHE A 110 11.06 -25.24 3.11
CA PHE A 110 10.58 -26.36 2.29
C PHE A 110 11.24 -26.38 0.89
N THR A 111 11.28 -25.23 0.23
CA THR A 111 11.86 -25.14 -1.12
C THR A 111 13.37 -25.42 -1.13
N SER A 112 14.09 -24.96 -0.10
CA SER A 112 15.55 -25.15 -0.05
C SER A 112 15.89 -26.65 0.10
N LEU A 113 15.17 -27.31 1.02
CA LEU A 113 15.31 -28.75 1.25
C LEU A 113 14.81 -29.59 0.08
N GLY A 114 13.67 -29.20 -0.49
CA GLY A 114 13.10 -29.89 -1.66
C GLY A 114 14.03 -29.81 -2.88
N ALA A 115 14.78 -28.71 -2.98
CA ALA A 115 15.76 -28.51 -4.04
C ALA A 115 16.90 -29.54 -3.97
N LEU A 116 17.19 -30.04 -2.77
CA LEU A 116 18.30 -30.97 -2.53
C LEU A 116 17.83 -32.43 -2.45
N LEU A 117 16.53 -32.64 -2.28
CA LEU A 117 15.99 -33.94 -1.86
C LEU A 117 14.80 -34.48 -2.68
N GLY A 118 15.08 -35.44 -3.56
CA GLY A 118 14.03 -36.20 -4.26
C GLY A 118 13.78 -37.57 -3.63
N ALA A 119 12.86 -38.34 -4.21
CA ALA A 119 12.62 -39.70 -3.75
C ALA A 119 13.93 -40.49 -3.69
N GLY A 120 14.21 -41.07 -2.52
CA GLY A 120 15.42 -41.90 -2.35
C GLY A 120 16.64 -41.22 -1.76
N ASP A 121 16.64 -39.88 -1.77
CA ASP A 121 17.71 -39.10 -1.16
C ASP A 121 17.62 -39.11 0.36
N ARG A 122 18.69 -38.68 1.04
CA ARG A 122 18.85 -38.85 2.49
C ARG A 122 19.11 -37.52 3.22
N LEU A 123 18.36 -37.27 4.31
CA LEU A 123 18.48 -36.06 5.15
C LEU A 123 18.85 -36.43 6.59
N VAL A 124 19.83 -35.71 7.17
CA VAL A 124 20.09 -35.81 8.61
C VAL A 124 19.76 -34.47 9.31
N ALA A 125 18.84 -34.51 10.28
CA ALA A 125 18.36 -33.27 10.90
C ALA A 125 18.44 -33.32 12.40
N ALA A 126 18.65 -32.18 13.06
CA ALA A 126 18.51 -32.07 14.52
C ALA A 126 17.03 -32.20 14.90
N ARG A 127 16.76 -32.69 16.10
CA ARG A 127 15.39 -32.95 16.57
C ARG A 127 14.71 -31.71 17.13
N SER A 128 15.50 -30.78 17.68
CA SER A 128 14.95 -29.60 18.37
C SER A 128 14.69 -28.45 17.40
N LEU A 129 13.54 -28.52 16.72
CA LEU A 129 13.20 -27.56 15.66
C LEU A 129 11.88 -26.81 15.92
N PHE A 130 11.72 -25.67 15.26
CA PHE A 130 10.43 -24.98 15.07
C PHE A 130 9.38 -26.02 14.64
N GLY A 131 8.22 -26.00 15.28
CA GLY A 131 7.11 -26.93 14.97
C GLY A 131 6.93 -27.32 13.51
N SER A 132 6.67 -26.32 12.66
CA SER A 132 6.47 -26.55 11.22
C SER A 132 7.72 -27.11 10.50
N CYS A 133 8.92 -26.69 10.90
CA CYS A 133 10.16 -27.30 10.36
C CYS A 133 10.24 -28.82 10.66
N PHE A 134 9.84 -29.23 11.87
CA PHE A 134 9.82 -30.65 12.25
C PHE A 134 8.81 -31.42 11.39
N VAL A 135 7.63 -30.86 11.17
CA VAL A 135 6.59 -31.49 10.33
C VAL A 135 7.08 -31.69 8.89
N VAL A 136 7.79 -30.71 8.36
CA VAL A 136 8.40 -30.79 7.02
C VAL A 136 9.41 -31.97 6.95
N CYS A 137 10.26 -32.09 7.97
CA CYS A 137 11.34 -33.09 7.96
C CYS A 137 10.85 -34.53 8.28
N SER A 138 9.85 -34.64 9.16
CA SER A 138 9.40 -35.94 9.64
C SER A 138 8.22 -36.53 8.87
N GLU A 139 7.36 -35.68 8.30
CA GLU A 139 6.12 -36.15 7.65
C GLU A 139 5.96 -35.82 6.17
N ILE A 140 6.15 -34.55 5.81
CA ILE A 140 5.87 -34.10 4.43
C ILE A 140 6.88 -34.64 3.41
N LEU A 141 8.17 -34.52 3.69
CA LEU A 141 9.19 -35.03 2.78
C LEU A 141 9.26 -36.59 2.71
N PRO A 142 9.17 -37.28 3.85
CA PRO A 142 9.10 -38.75 3.77
C PRO A 142 7.89 -39.31 3.01
N ARG A 143 6.76 -38.59 2.99
CA ARG A 143 5.58 -38.99 2.18
C ARG A 143 5.92 -38.99 0.68
N TRP A 144 6.90 -38.17 0.31
CA TRP A 144 7.40 -38.08 -1.06
C TRP A 144 8.74 -38.85 -1.27
N GLY A 145 9.02 -39.80 -0.38
CA GLY A 145 10.13 -40.76 -0.59
C GLY A 145 11.49 -40.44 0.01
N VAL A 146 11.59 -39.32 0.73
CA VAL A 146 12.84 -38.91 1.36
C VAL A 146 13.14 -39.74 2.64
N GLN A 147 14.40 -40.16 2.81
CA GLN A 147 14.85 -40.81 4.04
C GLN A 147 15.37 -39.76 5.04
N THR A 148 14.73 -39.66 6.20
CA THR A 148 15.12 -38.70 7.24
C THR A 148 15.56 -39.41 8.53
N VAL A 149 16.75 -39.03 9.01
CA VAL A 149 17.30 -39.50 10.29
C VAL A 149 17.50 -38.33 11.25
N PHE A 150 16.99 -38.45 12.48
CA PHE A 150 17.11 -37.39 13.49
C PHE A 150 18.23 -37.68 14.49
N VAL A 151 18.91 -36.61 14.95
CA VAL A 151 19.92 -36.69 16.00
C VAL A 151 19.69 -35.61 17.05
N ASP A 152 20.25 -35.79 18.24
CA ASP A 152 20.28 -34.71 19.23
C ASP A 152 21.36 -33.71 18.83
N GLY A 153 20.95 -32.47 18.53
CA GLY A 153 21.83 -31.45 17.97
C GLY A 153 23.12 -31.15 18.70
N ASP A 154 23.10 -31.26 20.04
CA ASP A 154 24.28 -30.95 20.87
C ASP A 154 25.28 -32.14 21.09
N ASP A 155 25.04 -33.27 20.44
CA ASP A 155 25.85 -34.48 20.61
C ASP A 155 26.63 -34.83 19.34
N LEU A 156 27.89 -34.41 19.27
CA LEU A 156 28.73 -34.65 18.09
C LEU A 156 28.95 -36.14 17.75
N SER A 157 28.85 -37.04 18.74
CA SER A 157 29.02 -38.46 18.45
CA SER A 157 29.00 -38.47 18.48
C SER A 157 27.82 -39.04 17.70
N GLN A 158 26.65 -38.42 17.89
CA GLN A 158 25.44 -38.82 17.16
C GLN A 158 25.48 -38.31 15.72
N TRP A 159 25.97 -37.09 15.53
CA TRP A 159 26.23 -36.53 14.21
C TRP A 159 27.22 -37.42 13.44
N GLU A 160 28.28 -37.86 14.13
CA GLU A 160 29.30 -38.68 13.48
C GLU A 160 28.71 -40.02 13.00
N ARG A 161 27.93 -40.68 13.85
CA ARG A 161 27.28 -41.96 13.50
C ARG A 161 26.28 -41.85 12.35
N ALA A 162 25.43 -40.82 12.37
CA ALA A 162 24.45 -40.60 11.29
C ALA A 162 25.10 -40.25 9.96
N LEU A 163 26.25 -39.58 10.01
CA LEU A 163 26.96 -39.15 8.80
C LEU A 163 28.12 -40.08 8.37
N SER A 164 28.01 -41.36 8.70
CA SER A 164 29.05 -42.32 8.31
C SER A 164 28.74 -43.04 6.98
N VAL A 165 27.63 -42.66 6.35
CA VAL A 165 27.27 -43.11 4.99
C VAL A 165 26.92 -41.89 4.12
N PRO A 166 27.01 -42.02 2.77
CA PRO A 166 26.68 -40.89 1.87
C PRO A 166 25.32 -40.26 2.16
N THR A 167 25.30 -38.92 2.18
CA THR A 167 24.14 -38.11 2.59
C THR A 167 24.00 -36.90 1.64
N GLN A 168 22.75 -36.46 1.41
CA GLN A 168 22.48 -35.32 0.51
C GLN A 168 22.34 -33.96 1.23
N ALA A 169 21.67 -33.95 2.39
CA ALA A 169 21.42 -32.70 3.13
C ALA A 169 21.52 -32.85 4.65
N VAL A 170 21.92 -31.76 5.31
CA VAL A 170 21.91 -31.61 6.77
C VAL A 170 21.12 -30.32 7.12
N PHE A 171 20.22 -30.38 8.10
CA PHE A 171 19.41 -29.21 8.52
C PHE A 171 19.41 -29.04 10.06
N PHE A 172 19.67 -27.83 10.57
CA PHE A 172 19.49 -27.52 12.00
C PHE A 172 19.25 -26.01 12.25
N GLU A 173 18.75 -25.67 13.44
CA GLU A 173 18.68 -24.29 13.97
C GLU A 173 19.61 -24.17 15.16
N THR A 174 20.24 -23.00 15.34
CA THR A 174 21.02 -22.69 16.55
C THR A 174 21.05 -21.18 16.84
N PRO A 175 20.74 -20.77 18.09
CA PRO A 175 20.19 -21.55 19.21
C PRO A 175 18.81 -22.14 18.90
N SER A 176 18.36 -23.12 19.68
CA SER A 176 17.01 -23.71 19.55
C SER A 176 15.97 -22.89 20.32
N ASN A 177 14.70 -23.16 20.09
CA ASN A 177 13.62 -22.41 20.72
C ASN A 177 12.57 -23.37 21.27
N PRO A 178 12.26 -23.29 22.58
CA PRO A 178 12.61 -22.25 23.56
C PRO A 178 13.79 -22.51 24.49
N MET A 179 14.36 -23.71 24.49
CA MET A 179 15.39 -24.05 25.50
C MET A 179 16.78 -23.47 25.21
N GLN A 180 16.98 -22.96 23.99
CA GLN A 180 18.23 -22.28 23.60
C GLN A 180 19.50 -23.17 23.69
N SER A 181 19.35 -24.43 23.28
CA SER A 181 20.45 -25.38 23.10
CA SER A 181 20.49 -25.33 23.13
C SER A 181 21.21 -25.04 21.81
N LEU A 182 22.52 -25.23 21.79
CA LEU A 182 23.34 -24.91 20.61
C LEU A 182 23.85 -26.11 19.79
N VAL A 183 24.14 -25.88 18.51
CA VAL A 183 24.83 -26.83 17.64
C VAL A 183 26.19 -26.23 17.23
N ASP A 184 27.26 -27.03 17.29
CA ASP A 184 28.61 -26.57 16.91
C ASP A 184 28.73 -26.47 15.37
N ILE A 185 28.60 -25.27 14.81
CA ILE A 185 28.51 -25.11 13.33
C ILE A 185 29.74 -25.65 12.57
N ALA A 186 30.95 -25.22 12.95
CA ALA A 186 32.17 -25.67 12.26
C ALA A 186 32.40 -27.18 12.34
N ALA A 187 32.14 -27.78 13.51
CA ALA A 187 32.35 -29.23 13.68
C ALA A 187 31.34 -30.05 12.88
N VAL A 188 30.07 -29.65 12.89
CA VAL A 188 29.04 -30.35 12.13
C VAL A 188 29.26 -30.20 10.61
N THR A 189 29.69 -29.02 10.18
CA THR A 189 29.98 -28.76 8.76
C THR A 189 31.11 -29.67 8.23
N GLU A 190 32.13 -29.88 9.06
CA GLU A 190 33.25 -30.76 8.72
C GLU A 190 32.78 -32.21 8.47
N LEU A 191 31.96 -32.75 9.38
CA LEU A 191 31.39 -34.11 9.23
C LEU A 191 30.44 -34.24 8.04
N ALA A 192 29.68 -33.19 7.74
CA ALA A 192 28.71 -33.19 6.65
C ALA A 192 29.41 -33.23 5.29
N HIS A 193 30.50 -32.47 5.15
CA HIS A 193 31.24 -32.42 3.88
C HIS A 193 31.97 -33.74 3.55
N ALA A 194 32.41 -34.45 4.58
CA ALA A 194 33.02 -35.78 4.39
C ALA A 194 32.00 -36.82 3.90
N ALA A 195 30.72 -36.60 4.23
CA ALA A 195 29.62 -37.44 3.74
C ALA A 195 29.02 -37.00 2.39
N GLY A 196 29.57 -35.95 1.79
CA GLY A 196 29.05 -35.43 0.51
C GLY A 196 27.80 -34.55 0.60
N ALA A 197 27.41 -34.17 1.81
CA ALA A 197 26.15 -33.43 2.04
C ALA A 197 26.31 -31.90 2.01
N LYS A 198 25.22 -31.20 1.69
CA LYS A 198 25.15 -29.72 1.75
C LYS A 198 24.48 -29.29 3.06
N VAL A 199 25.07 -28.32 3.74
CA VAL A 199 24.58 -27.90 5.06
C VAL A 199 23.61 -26.70 4.95
N VAL A 200 22.37 -26.88 5.44
CA VAL A 200 21.35 -25.80 5.46
C VAL A 200 21.16 -25.31 6.90
N LEU A 201 21.52 -24.04 7.15
CA LEU A 201 21.35 -23.38 8.45
C LEU A 201 20.13 -22.45 8.45
N ASP A 202 19.23 -22.64 9.41
CA ASP A 202 18.09 -21.72 9.69
C ASP A 202 18.60 -20.75 10.76
N ASN A 203 18.81 -19.48 10.37
CA ASN A 203 19.50 -18.47 11.20
C ASN A 203 18.56 -17.39 11.77
N VAL A 204 17.28 -17.73 11.96
CA VAL A 204 16.24 -16.77 12.36
C VAL A 204 16.42 -16.18 13.78
N PHE A 205 16.72 -17.03 14.76
CA PHE A 205 16.99 -16.63 16.15
C PHE A 205 18.10 -15.57 16.27
N ALA A 206 19.21 -15.80 15.58
CA ALA A 206 20.41 -14.94 15.70
C ALA A 206 20.44 -13.66 14.84
N THR A 207 19.83 -13.72 13.65
CA THR A 207 19.95 -12.68 12.60
C THR A 207 21.38 -12.65 12.00
N PRO A 208 21.54 -12.10 10.78
CA PRO A 208 22.89 -11.96 10.16
C PRO A 208 23.83 -11.01 10.91
N LEU A 209 23.30 -10.30 11.89
CA LEU A 209 24.12 -9.37 12.62
C LEU A 209 24.91 -10.05 13.75
N LEU A 210 24.39 -11.16 14.27
CA LEU A 210 25.02 -11.80 15.45
C LEU A 210 25.71 -13.15 15.20
N GLN A 211 25.44 -13.77 14.05
CA GLN A 211 25.99 -15.11 13.70
C GLN A 211 26.09 -15.23 12.18
N GLN A 212 27.29 -15.53 11.67
CA GLN A 212 27.51 -15.62 10.20
C GLN A 212 28.02 -16.97 9.71
N GLY A 213 27.14 -17.71 9.02
CA GLY A 213 27.44 -19.09 8.63
C GLY A 213 28.38 -19.33 7.46
N PHE A 214 28.37 -18.42 6.47
CA PHE A 214 29.19 -18.65 5.27
C PHE A 214 30.71 -18.77 5.52
N PRO A 215 31.32 -17.86 6.34
CA PRO A 215 32.75 -18.04 6.68
C PRO A 215 33.11 -19.36 7.38
N LEU A 216 32.11 -20.05 7.93
CA LEU A 216 32.33 -21.30 8.65
C LEU A 216 32.08 -22.52 7.74
N GLY A 217 31.77 -22.24 6.47
CA GLY A 217 31.61 -23.28 5.46
C GLY A 217 30.20 -23.82 5.25
N VAL A 218 29.19 -23.12 5.78
CA VAL A 218 27.81 -23.51 5.54
C VAL A 218 27.50 -23.27 4.05
N ASP A 219 26.72 -24.16 3.43
CA ASP A 219 26.42 -24.08 2.00
C ASP A 219 25.20 -23.19 1.67
N VAL A 220 24.21 -23.22 2.54
CA VAL A 220 22.89 -22.57 2.35
C VAL A 220 22.40 -21.96 3.66
N VAL A 221 21.87 -20.73 3.60
CA VAL A 221 21.26 -20.11 4.78
C VAL A 221 19.83 -19.70 4.41
N VAL A 222 18.88 -19.96 5.33
CA VAL A 222 17.48 -19.55 5.12
C VAL A 222 16.99 -18.57 6.20
N TYR A 223 16.16 -17.62 5.78
CA TYR A 223 15.60 -16.57 6.65
C TYR A 223 14.09 -16.46 6.51
N SER A 224 13.41 -16.25 7.63
CA SER A 224 12.06 -15.63 7.65
C SER A 224 12.23 -14.10 7.69
N GLY A 225 11.68 -13.38 6.72
CA GLY A 225 11.60 -11.90 6.79
C GLY A 225 10.56 -11.35 7.76
N THR A 226 9.66 -12.23 8.18
CA THR A 226 8.51 -11.92 9.04
C THR A 226 8.96 -11.43 10.42
N HIS A 228 12.77 -10.29 12.62
CA HIS A 228 13.58 -9.04 12.75
C HIS A 228 13.77 -8.23 11.47
N ILE A 229 13.80 -8.90 10.32
CA ILE A 229 13.88 -8.17 9.01
C ILE A 229 12.78 -7.09 8.84
N ASP A 230 11.51 -7.50 8.95
CA ASP A 230 10.37 -6.54 9.08
C ASP A 230 10.58 -5.67 10.32
N GLY A 231 10.69 -6.35 11.46
CA GLY A 231 10.93 -5.72 12.75
C GLY A 231 9.73 -5.07 13.45
N GLN A 232 8.60 -4.93 12.75
CA GLN A 232 7.41 -4.30 13.35
C GLN A 232 6.09 -5.08 13.16
N GLY A 233 6.20 -6.38 12.90
CA GLY A 233 5.02 -7.27 12.87
C GLY A 233 4.00 -7.12 11.77
N ARG A 234 4.41 -6.60 10.62
CA ARG A 234 3.50 -6.16 9.52
C ARG A 234 3.16 -7.21 8.43
N VAL A 235 4.19 -7.83 7.84
CA VAL A 235 4.01 -8.73 6.69
C VAL A 235 4.85 -10.05 6.80
N LEU A 236 4.54 -11.02 5.94
CA LEU A 236 5.36 -12.24 5.82
C LEU A 236 6.29 -12.22 4.60
N GLY A 237 7.41 -12.95 4.72
CA GLY A 237 8.33 -13.16 3.60
C GLY A 237 9.47 -14.05 4.04
N GLY A 238 10.30 -14.43 3.11
CA GLY A 238 11.53 -15.21 3.43
C GLY A 238 12.56 -15.16 2.32
N ALA A 239 13.67 -15.87 2.50
CA ALA A 239 14.70 -15.93 1.47
C ALA A 239 15.58 -17.16 1.58
N ILE A 240 16.12 -17.57 0.43
CA ILE A 240 17.13 -18.64 0.36
C ILE A 240 18.46 -18.08 -0.19
N LEU A 241 19.55 -18.26 0.55
CA LEU A 241 20.89 -17.84 0.08
C LEU A 241 21.88 -19.02 -0.07
N GLY A 242 22.63 -19.04 -1.19
CA GLY A 242 23.59 -20.13 -1.51
C GLY A 242 24.40 -19.90 -2.80
N ASP A 243 25.02 -20.97 -3.33
CA ASP A 243 25.88 -20.88 -4.54
C ASP A 243 25.05 -20.56 -5.78
N ARG A 244 25.64 -19.88 -6.75
CA ARG A 244 24.96 -19.53 -8.02
C ARG A 244 24.29 -20.72 -8.73
N GLU A 245 25.00 -21.85 -8.85
CA GLU A 245 24.43 -22.99 -9.60
C GLU A 245 23.22 -23.61 -8.92
N TYR A 246 23.20 -23.55 -7.58
CA TYR A 246 22.09 -24.06 -6.77
C TYR A 246 20.86 -23.13 -6.84
N ILE A 247 21.08 -21.83 -6.71
CA ILE A 247 19.99 -20.85 -6.71
C ILE A 247 19.35 -20.73 -8.11
N ASP A 248 20.20 -20.69 -9.14
CA ASP A 248 19.75 -20.59 -10.54
C ASP A 248 19.30 -21.94 -11.15
N GLY A 249 19.59 -23.04 -10.46
CA GLY A 249 19.30 -24.39 -10.96
C GLY A 249 18.06 -25.03 -10.35
N PRO A 250 18.25 -25.93 -9.35
CA PRO A 250 17.11 -26.62 -8.71
C PRO A 250 16.18 -25.70 -7.91
N VAL A 251 16.72 -24.66 -7.26
CA VAL A 251 15.86 -23.67 -6.58
C VAL A 251 14.96 -22.89 -7.56
N GLN A 252 15.57 -22.30 -8.60
CA GLN A 252 14.81 -21.57 -9.62
C GLN A 252 13.68 -22.43 -10.22
N LYS A 253 13.97 -23.69 -10.51
CA LYS A 253 12.95 -24.58 -11.07
C LYS A 253 11.73 -24.72 -10.17
N LEU A 254 11.94 -24.98 -8.88
CA LEU A 254 10.83 -25.05 -7.95
C LEU A 254 10.08 -23.71 -7.79
N MET A 255 10.81 -22.60 -7.77
CA MET A 255 10.17 -21.28 -7.60
C MET A 255 9.27 -20.87 -8.78
N ARG A 256 9.77 -21.05 -10.01
CA ARG A 256 8.99 -20.74 -11.21
CA ARG A 256 8.99 -20.73 -11.20
C ARG A 256 7.71 -21.57 -11.29
N HIS A 257 7.82 -22.88 -11.07
CA HIS A 257 6.72 -23.81 -11.35
C HIS A 257 5.77 -24.20 -10.21
N THR A 258 6.24 -24.15 -8.95
CA THR A 258 5.34 -24.29 -7.79
C THR A 258 4.87 -22.94 -7.21
N GLY A 259 5.58 -21.85 -7.53
CA GLY A 259 5.11 -20.46 -7.23
C GLY A 259 4.80 -19.94 -5.82
N PRO A 260 5.65 -20.26 -4.80
CA PRO A 260 5.43 -19.59 -3.52
C PRO A 260 6.10 -18.18 -3.53
N ALA A 261 5.55 -17.27 -4.34
CA ALA A 261 6.20 -16.00 -4.71
C ALA A 261 6.03 -14.86 -3.71
N MET A 262 7.08 -14.08 -3.51
CA MET A 262 7.00 -12.84 -2.70
C MET A 262 6.26 -11.73 -3.46
N SER A 263 5.33 -11.07 -2.77
CA SER A 263 4.61 -9.96 -3.34
C SER A 263 5.54 -8.72 -3.42
N ALA A 264 5.47 -7.97 -4.53
CA ALA A 264 6.26 -6.72 -4.64
C ALA A 264 5.95 -5.68 -3.54
N PHE A 265 4.72 -5.67 -3.02
CA PHE A 265 4.38 -4.77 -1.90
C PHE A 265 5.18 -5.20 -0.64
N ASN A 266 5.13 -6.49 -0.32
CA ASN A 266 5.88 -7.04 0.83
C ASN A 266 7.39 -6.78 0.67
N ALA A 267 7.90 -6.90 -0.56
CA ALA A 267 9.32 -6.69 -0.87
C ALA A 267 9.74 -5.25 -0.51
N TRP A 268 8.87 -4.29 -0.82
CA TRP A 268 9.11 -2.87 -0.46
C TRP A 268 9.16 -2.71 1.08
N VAL A 269 8.18 -3.28 1.78
CA VAL A 269 8.17 -3.26 3.25
C VAL A 269 9.50 -3.80 3.87
N LEU A 270 9.93 -4.95 3.38
CA LEU A 270 11.11 -5.63 3.89
C LEU A 270 12.45 -4.96 3.55
N LEU A 271 12.62 -4.47 2.32
CA LEU A 271 13.87 -3.77 1.94
C LEU A 271 14.08 -2.46 2.71
N LYS A 272 12.99 -1.79 3.08
CA LYS A 272 13.08 -0.58 3.88
C LYS A 272 13.36 -1.01 5.34
N GLY A 273 12.84 -2.17 5.75
CA GLY A 273 13.17 -2.70 7.11
C GLY A 273 14.67 -2.99 7.27
N LEU A 274 15.30 -3.40 6.17
CA LEU A 274 16.74 -3.76 6.21
C LEU A 274 17.63 -2.54 6.50
N GLU A 275 17.12 -1.34 6.22
CA GLU A 275 17.89 -0.08 6.49
C GLU A 275 18.14 0.15 7.98
N THR A 276 17.20 -0.24 8.82
CA THR A 276 17.31 -0.05 10.29
C THR A 276 17.69 -1.31 11.10
N LEU A 277 17.97 -2.41 10.42
CA LEU A 277 18.23 -3.69 11.10
C LEU A 277 19.38 -3.60 12.11
N ALA A 278 20.51 -3.01 11.68
CA ALA A 278 21.70 -2.89 12.53
C ALA A 278 21.44 -2.22 13.89
N ILE A 279 20.87 -1.01 13.87
CA ILE A 279 20.56 -0.30 15.15
C ILE A 279 19.45 -0.95 15.99
N ARG A 280 18.43 -1.51 15.34
CA ARG A 280 17.36 -2.27 16.05
C ARG A 280 17.90 -3.52 16.78
N VAL A 281 18.69 -4.34 16.07
CA VAL A 281 19.30 -5.53 16.72
C VAL A 281 20.26 -5.13 17.86
N GLN A 282 21.16 -4.17 17.60
CA GLN A 282 22.03 -3.61 18.65
C GLN A 282 21.29 -3.26 19.95
N HIS A 283 20.18 -2.52 19.84
CA HIS A 283 19.45 -2.06 21.02
CA HIS A 283 19.40 -2.05 21.01
C HIS A 283 18.69 -3.19 21.73
N SER A 284 18.01 -4.04 20.96
CA SER A 284 17.25 -5.17 21.55
C SER A 284 18.16 -6.25 22.20
N ASN A 285 19.31 -6.51 21.59
CA ASN A 285 20.32 -7.41 22.17
C ASN A 285 20.84 -6.90 23.51
N ALA A 286 21.18 -5.61 23.61
CA ALA A 286 21.66 -5.02 24.85
C ALA A 286 20.59 -5.04 25.94
N SER A 287 19.35 -4.77 25.52
CA SER A 287 18.19 -4.77 26.42
C SER A 287 17.92 -6.19 26.96
N ALA A 288 17.97 -7.18 26.07
CA ALA A 288 17.75 -8.59 26.48
C ALA A 288 18.84 -9.08 27.48
N GLN A 289 20.08 -8.65 27.27
CA GLN A 289 21.20 -8.97 28.20
C GLN A 289 20.89 -8.45 29.61
N ARG A 290 20.40 -7.21 29.71
CA ARG A 290 20.02 -6.62 31.01
C ARG A 290 18.85 -7.35 31.67
N ILE A 291 17.86 -7.73 30.88
CA ILE A 291 16.66 -8.46 31.36
C ILE A 291 17.02 -9.87 31.86
N ALA A 292 17.93 -10.55 31.14
CA ALA A 292 18.40 -11.88 31.54
C ALA A 292 19.11 -11.83 32.89
N GLU A 293 19.96 -10.81 33.08
CA GLU A 293 20.67 -10.62 34.35
C GLU A 293 19.72 -10.28 35.52
N PHE A 294 18.67 -9.49 35.24
CA PHE A 294 17.67 -9.13 36.25
C PHE A 294 16.88 -10.37 36.71
N LEU A 295 16.43 -11.18 35.75
CA LEU A 295 15.73 -12.43 36.05
C LEU A 295 16.63 -13.42 36.83
N ASN A 296 17.89 -13.54 36.41
CA ASN A 296 18.87 -14.42 37.05
C ASN A 296 19.04 -14.13 38.55
N GLY A 297 18.92 -12.86 38.94
CA GLY A 297 19.04 -12.46 40.34
C GLY A 297 17.75 -12.37 41.15
N HIS A 298 16.61 -12.71 40.54
CA HIS A 298 15.31 -12.56 41.18
C HIS A 298 14.91 -13.79 42.00
N PRO A 299 14.33 -13.59 43.23
CA PRO A 299 14.03 -14.73 44.10
C PRO A 299 12.94 -15.67 43.60
N SER A 300 12.05 -15.19 42.72
CA SER A 300 10.97 -16.03 42.16
C SER A 300 11.42 -16.95 41.02
N VAL A 301 12.67 -16.80 40.59
CA VAL A 301 13.18 -17.46 39.39
C VAL A 301 14.13 -18.63 39.70
N ARG A 302 13.81 -19.83 39.22
CA ARG A 302 14.69 -21.02 39.37
C ARG A 302 15.96 -21.02 38.47
N TRP A 303 15.78 -20.81 37.17
CA TRP A 303 16.88 -20.77 36.20
C TRP A 303 16.56 -19.87 35.00
N VAL A 304 17.60 -19.36 34.34
CA VAL A 304 17.46 -18.60 33.09
C VAL A 304 18.26 -19.27 31.96
N ARG A 305 17.74 -19.20 30.74
CA ARG A 305 18.53 -19.61 29.58
C ARG A 305 18.67 -18.44 28.59
N TYR A 306 19.91 -18.01 28.39
CA TYR A 306 20.30 -16.93 27.48
C TYR A 306 21.78 -17.18 27.15
N PRO A 307 22.15 -17.24 25.85
CA PRO A 307 23.49 -17.70 25.43
C PRO A 307 24.67 -16.85 25.90
N TYR A 308 24.45 -15.57 26.21
CA TYR A 308 25.53 -14.67 26.67
C TYR A 308 25.53 -14.47 28.20
N LEU A 309 24.75 -15.28 28.89
CA LEU A 309 24.82 -15.42 30.36
C LEU A 309 25.89 -16.48 30.71
N PRO A 310 26.91 -16.13 31.53
CA PRO A 310 28.03 -17.06 31.80
C PRO A 310 27.68 -18.45 32.36
N SER A 311 26.52 -18.56 33.01
CA SER A 311 25.99 -19.84 33.49
C SER A 311 25.38 -20.79 32.43
N HIS A 312 25.25 -20.34 31.17
CA HIS A 312 24.74 -21.23 30.12
C HIS A 312 25.68 -22.44 29.95
N PRO A 313 25.12 -23.66 29.87
CA PRO A 313 25.98 -24.85 29.78
C PRO A 313 26.92 -24.87 28.58
N GLN A 314 26.56 -24.13 27.52
CA GLN A 314 27.38 -24.04 26.30
C GLN A 314 27.93 -22.63 26.07
N TYR A 315 28.22 -21.91 27.15
CA TYR A 315 28.70 -20.53 27.07
C TYR A 315 29.95 -20.33 26.21
N ASP A 316 30.94 -21.22 26.36
CA ASP A 316 32.17 -21.09 25.58
C ASP A 316 31.91 -21.21 24.07
N LEU A 317 31.01 -22.11 23.69
CA LEU A 317 30.61 -22.26 22.28
C LEU A 317 29.84 -21.04 21.76
N ALA A 318 28.94 -20.50 22.58
CA ALA A 318 28.23 -19.25 22.24
C ALA A 318 29.20 -18.09 21.94
N LYS A 319 30.24 -17.97 22.77
CA LYS A 319 31.27 -16.91 22.58
C LYS A 319 32.14 -17.15 21.33
N ARG A 320 32.30 -18.42 20.95
CA ARG A 320 33.07 -18.81 19.76
C ARG A 320 32.36 -18.44 18.44
N GLN A 321 31.05 -18.65 18.36
CA GLN A 321 30.33 -18.51 17.07
C GLN A 321 29.27 -17.39 16.98
N MET A 322 28.94 -16.77 18.12
CA MET A 322 27.99 -15.63 18.16
C MET A 322 28.65 -14.37 18.73
N SER A 323 28.20 -13.21 18.28
CA SER A 323 28.71 -11.90 18.77
C SER A 323 27.78 -11.22 19.79
N GLY A 324 26.66 -11.87 20.10
CA GLY A 324 25.71 -11.46 21.14
C GLY A 324 24.72 -12.59 21.39
N GLY A 325 24.01 -12.54 22.52
CA GLY A 325 23.04 -13.59 22.89
C GLY A 325 21.75 -13.63 22.10
N GLY A 326 21.31 -12.49 21.58
CA GLY A 326 20.04 -12.40 20.84
C GLY A 326 19.00 -11.55 21.54
N THR A 327 17.72 -11.71 21.16
CA THR A 327 16.65 -10.85 21.68
C THR A 327 15.53 -11.59 22.45
N VAL A 328 15.73 -12.88 22.75
CA VAL A 328 14.74 -13.73 23.45
C VAL A 328 15.34 -14.31 24.76
N VAL A 329 14.57 -14.23 25.85
CA VAL A 329 14.98 -14.76 27.16
C VAL A 329 13.98 -15.82 27.69
N THR A 330 14.47 -17.00 28.03
CA THR A 330 13.64 -18.09 28.58
C THR A 330 13.98 -18.29 30.07
N PHE A 331 12.95 -18.49 30.91
CA PHE A 331 13.16 -18.79 32.35
C PHE A 331 12.11 -19.72 32.98
N ALA A 332 12.41 -20.25 34.16
CA ALA A 332 11.49 -21.11 34.90
C ALA A 332 11.25 -20.59 36.32
N LEU A 333 9.97 -20.62 36.73
CA LEU A 333 9.56 -20.20 38.05
C LEU A 333 9.97 -21.23 39.11
N ASP A 334 10.33 -20.75 40.30
CA ASP A 334 10.71 -21.65 41.40
C ASP A 334 9.49 -21.96 42.28
N CYS A 335 8.86 -23.10 42.01
CA CYS A 335 7.67 -23.54 42.73
C CYS A 335 7.43 -25.04 42.43
N PRO A 336 6.65 -25.73 43.31
CA PRO A 336 6.34 -27.15 43.05
C PRO A 336 5.66 -27.37 41.68
N GLU A 337 5.99 -28.48 41.01
CA GLU A 337 5.52 -28.74 39.64
C GLU A 337 4.01 -28.96 39.53
N ASP A 338 3.38 -29.47 40.59
CA ASP A 338 1.92 -29.70 40.60
C ASP A 338 1.06 -28.41 40.62
N VAL A 339 1.72 -27.27 40.83
CA VAL A 339 1.03 -25.97 40.84
C VAL A 339 1.67 -24.96 39.85
N ALA A 340 2.69 -25.39 39.12
CA ALA A 340 3.47 -24.51 38.23
C ALA A 340 2.66 -23.87 37.10
N LYS A 341 1.74 -24.63 36.50
CA LYS A 341 0.86 -24.09 35.44
C LYS A 341 0.04 -22.89 35.96
N GLN A 342 -0.56 -23.05 37.14
CA GLN A 342 -1.36 -22.00 37.77
C GLN A 342 -0.50 -20.74 38.02
N ARG A 343 0.74 -20.97 38.42
CA ARG A 343 1.66 -19.90 38.77
C ARG A 343 2.11 -19.14 37.50
N ALA A 344 2.46 -19.89 36.46
CA ALA A 344 2.79 -19.31 35.15
C ALA A 344 1.66 -18.46 34.55
N PHE A 345 0.43 -19.00 34.57
CA PHE A 345 -0.74 -18.25 34.08
C PHE A 345 -0.97 -16.95 34.86
N GLU A 346 -0.74 -17.00 36.16
CA GLU A 346 -0.89 -15.84 37.03
C GLU A 346 0.06 -14.69 36.63
N VAL A 347 1.29 -15.05 36.28
CA VAL A 347 2.33 -14.09 35.90
C VAL A 347 2.00 -13.43 34.55
N LEU A 348 1.62 -14.24 33.58
CA LEU A 348 1.24 -13.68 32.26
C LEU A 348 0.05 -12.73 32.39
N ASP A 349 -0.93 -13.10 33.22
CA ASP A 349 -2.15 -12.32 33.38
C ASP A 349 -1.96 -11.00 34.14
N LYS A 350 -0.82 -10.83 34.81
CA LYS A 350 -0.51 -9.58 35.55
C LYS A 350 0.28 -8.54 34.75
N MET A 351 0.87 -8.94 33.62
CA MET A 351 1.54 -8.00 32.69
C MET A 351 0.59 -6.88 32.26
N ARG A 352 1.07 -5.64 32.28
CA ARG A 352 0.27 -4.47 31.84
C ARG A 352 0.91 -3.65 30.70
N LEU A 353 2.14 -3.99 30.32
CA LEU A 353 2.84 -3.36 29.18
C LEU A 353 3.15 -4.35 28.05
N ILE A 354 3.75 -5.49 28.42
CA ILE A 354 4.07 -6.59 27.50
C ILE A 354 2.77 -7.32 27.11
N ASP A 355 2.57 -7.58 25.81
CA ASP A 355 1.39 -8.31 25.28
C ASP A 355 1.59 -9.83 25.34
N ILE A 356 0.50 -10.59 25.55
CA ILE A 356 0.52 -12.08 25.46
C ILE A 356 0.38 -12.48 23.97
N SER A 357 1.40 -13.11 23.40
CA SER A 357 1.47 -13.41 21.95
C SER A 357 2.62 -14.37 21.66
N ASN A 358 2.47 -15.21 20.63
CA ASN A 358 3.49 -16.24 20.29
C ASN A 358 4.60 -15.82 19.29
N ASN A 359 4.58 -14.57 18.84
CA ASN A 359 5.48 -14.12 17.76
C ASN A 359 6.87 -13.66 18.30
N LEU A 360 7.79 -13.36 17.38
CA LEU A 360 9.18 -12.95 17.67
C LEU A 360 9.65 -11.82 16.75
N GLY A 361 10.68 -11.10 17.19
CA GLY A 361 11.36 -10.10 16.36
C GLY A 361 10.59 -8.82 16.08
N ASP A 362 9.76 -8.40 17.04
CA ASP A 362 8.93 -7.18 16.90
C ASP A 362 9.49 -6.09 17.82
N ALA A 363 9.27 -4.82 17.44
CA ALA A 363 9.58 -3.70 18.32
C ALA A 363 8.71 -3.69 19.60
N LYS A 364 7.53 -4.30 19.52
CA LYS A 364 6.66 -4.51 20.70
C LYS A 364 7.11 -5.77 21.45
N SER A 365 7.35 -5.65 22.77
CA SER A 365 7.72 -6.82 23.55
C SER A 365 6.53 -7.75 23.78
N LEU A 366 6.79 -9.06 23.75
CA LEU A 366 5.75 -10.11 23.82
C LEU A 366 6.13 -11.27 24.78
N VAL A 367 5.12 -11.94 25.36
CA VAL A 367 5.33 -13.07 26.30
C VAL A 367 4.45 -14.29 25.94
N THR A 368 5.01 -15.49 26.06
CA THR A 368 4.24 -16.72 25.79
C THR A 368 4.57 -17.88 26.77
N HIS A 369 3.63 -18.84 26.91
CA HIS A 369 3.82 -20.04 27.72
C HIS A 369 3.98 -21.25 26.77
N PRO A 370 5.23 -21.70 26.55
CA PRO A 370 5.47 -22.71 25.50
C PRO A 370 4.73 -24.04 25.66
N ALA A 371 4.59 -24.53 26.90
CA ALA A 371 3.95 -25.84 27.14
C ALA A 371 2.50 -25.95 26.66
N THR A 372 1.81 -24.81 26.55
CA THR A 372 0.43 -24.79 26.06
C THR A 372 0.26 -24.10 24.69
N THR A 373 1.35 -23.59 24.11
CA THR A 373 1.34 -22.90 22.82
C THR A 373 2.47 -23.36 21.88
N THR A 374 3.63 -22.70 21.95
CA THR A 374 4.84 -23.04 21.16
C THR A 374 4.99 -24.56 20.93
N HIS A 375 4.94 -25.34 22.02
CA HIS A 375 5.19 -26.78 21.96
C HIS A 375 4.00 -27.63 22.44
N ARG A 376 2.80 -27.28 21.97
CA ARG A 376 1.58 -27.98 22.37
C ARG A 376 1.47 -29.40 21.79
N ALA A 377 1.81 -29.52 20.50
CA ALA A 377 1.61 -30.77 19.73
C ALA A 377 2.32 -31.99 20.32
N MET A 378 3.60 -31.82 20.69
CA MET A 378 4.47 -32.92 21.12
C MET A 378 4.06 -33.68 22.41
N GLY A 379 3.00 -33.22 23.08
CA GLY A 379 2.51 -33.89 24.29
C GLY A 379 3.45 -33.81 25.50
N PRO A 380 2.95 -34.21 26.70
CA PRO A 380 3.67 -34.04 27.97
C PRO A 380 4.94 -34.89 28.14
N GLU A 381 4.97 -36.05 27.47
CA GLU A 381 6.14 -36.93 27.54
C GLU A 381 7.34 -36.35 26.78
N GLY A 382 7.09 -35.87 25.56
CA GLY A 382 8.11 -35.23 24.73
C GLY A 382 8.69 -33.95 25.32
N ARG A 383 7.85 -33.19 26.04
CA ARG A 383 8.28 -31.96 26.70
C ARG A 383 9.24 -32.23 27.86
N ALA A 384 8.93 -33.24 28.65
CA ALA A 384 9.77 -33.66 29.79
C ALA A 384 11.17 -34.07 29.34
N ALA A 385 11.24 -34.70 28.16
CA ALA A 385 12.50 -35.12 27.55
C ALA A 385 13.52 -33.99 27.43
N ILE A 386 13.05 -32.80 27.04
CA ILE A 386 13.91 -31.63 26.83
C ILE A 386 13.95 -30.62 27.99
N GLY A 387 13.25 -30.93 29.09
CA GLY A 387 13.26 -30.08 30.28
C GLY A 387 12.27 -28.93 30.27
N LEU A 388 11.28 -29.00 29.39
CA LEU A 388 10.27 -27.94 29.26
C LEU A 388 9.03 -28.15 30.15
N GLY A 389 9.17 -27.80 31.43
CA GLY A 389 8.06 -27.93 32.39
C GLY A 389 6.95 -26.89 32.26
N ASP A 390 5.87 -27.08 33.02
CA ASP A 390 4.73 -26.16 33.02
C ASP A 390 5.06 -24.80 33.67
N GLY A 391 6.24 -24.69 34.28
CA GLY A 391 6.70 -23.43 34.90
C GLY A 391 7.57 -22.54 34.01
N VAL A 392 7.70 -22.91 32.74
CA VAL A 392 8.59 -22.18 31.82
C VAL A 392 7.86 -21.05 31.07
N VAL A 393 8.50 -19.87 31.03
CA VAL A 393 8.00 -18.64 30.37
C VAL A 393 9.06 -18.10 29.38
N ARG A 394 8.62 -17.60 28.21
CA ARG A 394 9.52 -17.01 27.18
C ARG A 394 9.18 -15.55 26.86
N ILE A 395 10.18 -14.65 26.95
CA ILE A 395 9.96 -13.21 26.65
C ILE A 395 10.75 -12.74 25.41
N SER A 396 10.04 -12.13 24.47
CA SER A 396 10.64 -11.55 23.25
C SER A 396 10.83 -10.05 23.46
N VAL A 397 12.10 -9.60 23.41
CA VAL A 397 12.47 -8.20 23.75
C VAL A 397 12.50 -7.24 22.56
N GLY A 398 11.72 -6.15 22.68
CA GLY A 398 11.58 -5.13 21.65
C GLY A 398 12.36 -3.85 21.95
N LEU A 399 11.72 -2.71 21.71
CA LEU A 399 12.39 -1.40 21.73
C LEU A 399 11.90 -0.44 22.83
N GLU A 400 10.96 -0.86 23.66
CA GLU A 400 10.54 -0.04 24.80
C GLU A 400 11.72 0.22 25.77
N ASP A 401 11.64 1.29 26.56
CA ASP A 401 12.64 1.58 27.61
C ASP A 401 12.90 0.32 28.48
N THR A 402 14.17 -0.02 28.69
CA THR A 402 14.53 -1.23 29.45
C THR A 402 14.01 -1.17 30.89
N ASP A 403 14.03 0.02 31.47
CA ASP A 403 13.52 0.25 32.82
C ASP A 403 12.01 0.03 32.93
N ASP A 404 11.26 0.40 31.90
CA ASP A 404 9.80 0.22 31.89
C ASP A 404 9.45 -1.28 31.80
N LEU A 405 10.24 -2.03 31.02
CA LEU A 405 10.02 -3.49 30.85
C LEU A 405 10.34 -4.27 32.15
N ILE A 406 11.46 -3.92 32.79
CA ILE A 406 11.84 -4.52 34.08
C ILE A 406 10.80 -4.27 35.17
N ALA A 407 10.30 -3.03 35.26
CA ALA A 407 9.20 -2.70 36.15
C ALA A 407 7.94 -3.58 35.92
N ASP A 408 7.55 -3.80 34.66
CA ASP A 408 6.38 -4.64 34.33
C ASP A 408 6.59 -6.10 34.71
N ILE A 409 7.80 -6.61 34.47
CA ILE A 409 8.14 -7.99 34.84
C ILE A 409 8.17 -8.17 36.37
N ASP A 410 8.78 -7.23 37.08
CA ASP A 410 8.88 -7.29 38.56
C ASP A 410 7.50 -7.24 39.24
N ARG A 411 6.60 -6.42 38.74
CA ARG A 411 5.23 -6.37 39.26
C ARG A 411 4.50 -7.69 39.00
N ALA A 412 4.68 -8.24 37.80
CA ALA A 412 4.03 -9.50 37.40
C ALA A 412 4.51 -10.70 38.25
N LEU A 413 5.77 -10.69 38.65
CA LEU A 413 6.36 -11.76 39.48
C LEU A 413 6.04 -11.61 40.98
N SER A 414 5.82 -10.37 41.40
CA SER A 414 5.69 -10.00 42.80
C SER A 414 4.26 -9.55 43.05
N SER B 14 -18.17 4.72 23.53
CA SER B 14 -17.03 5.59 23.08
C SER B 14 -15.92 4.79 22.37
N VAL B 15 -15.81 4.96 21.05
CA VAL B 15 -14.89 4.12 20.25
C VAL B 15 -13.45 4.66 20.06
N ARG B 16 -13.21 5.90 20.48
CA ARG B 16 -11.90 6.53 20.28
C ARG B 16 -10.91 6.48 21.47
N THR B 17 -11.25 5.75 22.55
CA THR B 17 -10.35 5.65 23.71
CA THR B 17 -10.37 5.64 23.72
C THR B 17 -9.20 4.68 23.43
N PRO B 18 -7.95 5.20 23.44
CA PRO B 18 -6.80 4.33 23.13
C PRO B 18 -6.42 3.35 24.25
N LYS B 19 -5.66 2.29 23.92
CA LYS B 19 -5.16 1.36 24.94
C LYS B 19 -4.27 2.05 25.96
N ALA B 20 -4.61 1.86 27.23
CA ALA B 20 -3.93 2.49 28.36
C ALA B 20 -2.49 1.99 28.55
N LEU B 21 -1.58 2.91 28.88
CA LEU B 21 -0.21 2.54 29.27
C LEU B 21 -0.03 2.77 30.78
N PRO B 22 0.89 2.01 31.42
CA PRO B 22 1.13 2.26 32.86
C PRO B 22 1.61 3.70 33.13
N ASP B 23 1.38 4.19 34.34
CA ASP B 23 1.85 5.52 34.79
C ASP B 23 3.35 5.67 34.74
N GLY B 24 3.81 6.79 34.19
CA GLY B 24 5.24 7.16 34.22
C GLY B 24 6.16 6.57 33.17
N VAL B 25 5.63 5.90 32.15
CA VAL B 25 6.48 5.35 31.07
C VAL B 25 7.17 6.45 30.27
N SER B 26 8.34 6.15 29.68
CA SER B 26 9.17 7.16 29.02
C SER B 26 8.80 7.41 27.54
N GLN B 27 9.47 8.40 26.94
CA GLN B 27 9.25 8.82 25.54
C GLN B 27 9.40 7.68 24.54
N ALA B 28 10.39 6.80 24.76
CA ALA B 28 10.64 5.67 23.86
C ALA B 28 9.53 4.61 23.90
N THR B 29 9.05 4.28 25.10
CA THR B 29 7.91 3.34 25.24
C THR B 29 6.63 3.85 24.53
N VAL B 30 6.35 5.14 24.70
CA VAL B 30 5.18 5.78 24.09
C VAL B 30 5.27 5.74 22.55
N GLY B 31 6.49 5.86 22.02
CA GLY B 31 6.72 5.78 20.56
C GLY B 31 6.41 4.40 19.97
N VAL B 32 6.67 3.36 20.75
CA VAL B 32 6.43 1.96 20.31
C VAL B 32 4.95 1.57 20.40
N ARG B 33 4.26 1.95 21.48
CA ARG B 33 2.89 1.41 21.70
C ARG B 33 1.78 2.40 22.13
N GLY B 34 2.08 3.68 22.14
CA GLY B 34 1.07 4.70 22.47
C GLY B 34 -0.01 4.93 21.40
N GLY B 35 -1.24 5.17 21.83
CA GLY B 35 -2.31 5.60 20.92
C GLY B 35 -3.06 4.51 20.18
N MET B 36 -2.79 3.25 20.48
CA MET B 36 -3.36 2.12 19.72
C MET B 36 -4.89 1.93 19.83
N LEU B 37 -5.51 1.62 18.69
CA LEU B 37 -6.95 1.33 18.63
C LEU B 37 -7.26 -0.04 17.98
N ARG B 38 -7.06 -1.12 18.74
CA ARG B 38 -7.23 -2.51 18.22
C ARG B 38 -8.70 -2.90 18.02
N SER B 39 -8.96 -3.70 17.00
CA SER B 39 -10.30 -4.21 16.71
C SER B 39 -10.60 -5.47 17.53
N GLY B 40 -11.81 -6.00 17.34
CA GLY B 40 -12.23 -7.27 17.95
C GLY B 40 -11.41 -8.48 17.49
N PHE B 41 -10.69 -8.35 16.38
CA PHE B 41 -9.79 -9.41 15.89
C PHE B 41 -8.47 -9.53 16.68
N GLU B 42 -8.12 -8.49 17.44
CA GLU B 42 -6.94 -8.47 18.34
C GLU B 42 -5.59 -8.59 17.61
N GLU B 43 -5.52 -7.98 16.43
CA GLU B 43 -4.29 -7.87 15.64
C GLU B 43 -3.16 -7.23 16.45
N THR B 44 -1.95 -7.78 16.35
CA THR B 44 -0.83 -7.19 17.10
C THR B 44 -0.44 -5.82 16.53
N ALA B 45 -0.24 -5.75 15.20
CA ALA B 45 0.15 -4.53 14.53
C ALA B 45 -1.06 -3.68 14.11
N GLU B 46 -0.82 -2.40 13.88
CA GLU B 46 -1.87 -1.39 13.68
C GLU B 46 -2.56 -1.51 12.32
N ALA B 47 -3.89 -1.59 12.33
CA ALA B 47 -4.69 -1.77 11.09
C ALA B 47 -4.79 -0.52 10.21
N MET B 48 -5.02 -0.75 8.90
CA MET B 48 -5.15 0.29 7.89
C MET B 48 -6.59 0.35 7.38
N TYR B 49 -7.31 1.41 7.74
CA TYR B 49 -8.71 1.58 7.34
C TYR B 49 -8.79 2.48 6.11
N LEU B 50 -8.57 1.90 4.95
CA LEU B 50 -8.77 2.60 3.67
C LEU B 50 -10.27 2.72 3.32
N THR B 51 -10.91 3.75 3.87
CA THR B 51 -12.34 4.03 3.66
C THR B 51 -12.51 5.55 3.71
N SER B 52 -13.40 6.09 2.88
CA SER B 52 -13.73 7.52 2.95
C SER B 52 -14.92 7.79 3.87
N GLY B 53 -15.84 6.83 3.99
CA GLY B 53 -17.03 6.99 4.86
C GLY B 53 -17.34 5.82 5.80
N TYR B 54 -18.45 5.96 6.52
CA TYR B 54 -18.86 5.00 7.58
C TYR B 54 -20.36 4.70 7.51
N VAL B 55 -20.78 3.58 8.10
CA VAL B 55 -22.21 3.18 8.12
C VAL B 55 -22.77 3.26 9.55
N TYR B 56 -24.10 3.41 9.67
CA TYR B 56 -24.76 3.58 10.98
C TYR B 56 -25.86 2.53 11.19
N GLY B 57 -26.03 2.07 12.44
CA GLY B 57 -27.08 1.11 12.76
C GLY B 57 -28.49 1.66 12.60
N SER B 58 -28.64 2.99 12.72
CA SER B 58 -29.95 3.64 12.62
C SER B 58 -29.81 5.12 12.25
N ALA B 59 -30.92 5.71 11.79
CA ALA B 59 -30.92 7.12 11.42
C ALA B 59 -30.67 8.02 12.63
N ALA B 60 -31.18 7.64 13.81
CA ALA B 60 -30.91 8.38 15.04
C ALA B 60 -29.42 8.42 15.43
N VAL B 61 -28.73 7.29 15.26
CA VAL B 61 -27.26 7.25 15.46
C VAL B 61 -26.51 8.20 14.49
N ALA B 62 -26.91 8.22 13.22
CA ALA B 62 -26.30 9.12 12.25
C ALA B 62 -26.46 10.61 12.66
N GLU B 63 -27.66 11.00 13.07
CA GLU B 63 -27.95 12.37 13.54
C GLU B 63 -27.08 12.75 14.74
N LYS B 64 -27.02 11.86 15.74
CA LYS B 64 -26.23 12.09 16.94
C LYS B 64 -24.72 12.20 16.63
N SER B 65 -24.26 11.44 15.66
CA SER B 65 -22.85 11.48 15.24
C SER B 65 -22.46 12.83 14.63
N PHE B 66 -23.32 13.38 13.77
CA PHE B 66 -23.12 14.74 13.22
C PHE B 66 -23.23 15.85 14.26
N ALA B 67 -24.03 15.61 15.30
CA ALA B 67 -24.19 16.58 16.39
C ALA B 67 -23.02 16.58 17.40
N GLY B 68 -22.23 15.51 17.41
CA GLY B 68 -21.09 15.40 18.34
C GLY B 68 -21.47 14.73 19.65
N GLU B 69 -22.72 14.28 19.74
CA GLU B 69 -23.20 13.54 20.91
C GLU B 69 -22.62 12.14 21.04
N LEU B 70 -22.22 11.54 19.92
CA LEU B 70 -21.44 10.29 19.92
C LEU B 70 -20.13 10.48 19.15
N ASP B 71 -19.09 9.74 19.54
CA ASP B 71 -17.78 9.88 18.88
C ASP B 71 -17.57 8.96 17.65
N HIS B 72 -18.65 8.33 17.19
CA HIS B 72 -18.72 7.59 15.92
C HIS B 72 -18.04 8.36 14.80
N TYR B 73 -17.22 7.67 14.00
CA TYR B 73 -16.57 8.30 12.84
C TYR B 73 -17.61 8.66 11.78
N VAL B 74 -17.36 9.75 11.05
CA VAL B 74 -18.34 10.29 10.15
C VAL B 74 -17.82 10.40 8.71
N TYR B 75 -16.61 10.95 8.55
CA TYR B 75 -16.03 11.14 7.21
C TYR B 75 -14.53 11.38 7.30
N SER B 76 -13.74 10.69 6.47
CA SER B 76 -12.29 10.67 6.63
C SER B 76 -11.56 12.00 6.34
N ARG B 77 -12.25 12.97 5.73
CA ARG B 77 -11.64 14.31 5.49
C ARG B 77 -11.23 14.96 6.81
N TYR B 78 -11.91 14.61 7.88
CA TYR B 78 -11.60 15.14 9.20
C TYR B 78 -11.60 14.14 10.37
N GLY B 79 -11.68 12.84 10.09
CA GLY B 79 -11.51 11.81 11.12
C GLY B 79 -11.50 10.39 10.56
N ASN B 80 -10.47 9.61 10.93
CA ASN B 80 -10.26 8.23 10.50
C ASN B 80 -9.50 7.44 11.59
N PRO B 81 -9.90 6.17 11.85
CA PRO B 81 -9.30 5.46 12.98
C PRO B 81 -7.76 5.26 12.89
N THR B 82 -7.23 5.09 11.68
CA THR B 82 -5.77 4.91 11.50
C THR B 82 -5.09 6.27 11.71
N VAL B 83 -5.69 7.34 11.18
CA VAL B 83 -5.19 8.71 11.38
C VAL B 83 -5.15 9.07 12.90
N SER B 84 -6.20 8.68 13.63
CA SER B 84 -6.26 8.88 15.09
C SER B 84 -5.08 8.27 15.85
N VAL B 85 -4.58 7.13 15.39
CA VAL B 85 -3.43 6.48 16.05
C VAL B 85 -2.17 7.36 15.87
N PHE B 86 -1.90 7.79 14.64
CA PHE B 86 -0.79 8.71 14.35
C PHE B 86 -0.83 9.98 15.22
N GLU B 87 -2.01 10.61 15.31
CA GLU B 87 -2.17 11.88 16.02
C GLU B 87 -1.89 11.72 17.53
N GLU B 88 -2.48 10.69 18.13
CA GLU B 88 -2.31 10.43 19.58
C GLU B 88 -0.87 10.02 19.96
N ARG B 89 -0.23 9.21 19.14
CA ARG B 89 1.15 8.78 19.37
C ARG B 89 2.10 10.01 19.38
N LEU B 90 1.96 10.89 18.40
CA LEU B 90 2.77 12.14 18.35
C LEU B 90 2.46 13.12 19.49
N ARG B 91 1.18 13.27 19.83
CA ARG B 91 0.72 14.07 20.97
C ARG B 91 1.39 13.63 22.28
N LEU B 92 1.52 12.32 22.48
CA LEU B 92 2.11 11.77 23.70
C LEU B 92 3.65 11.93 23.71
N ILE B 93 4.29 11.76 22.57
CA ILE B 93 5.73 11.99 22.45
C ILE B 93 6.10 13.46 22.74
N GLU B 94 5.27 14.37 22.25
CA GLU B 94 5.51 15.81 22.42
C GLU B 94 5.17 16.31 23.83
N GLY B 95 4.15 15.71 24.45
CA GLY B 95 3.53 16.25 25.67
C GLY B 95 2.64 17.45 25.38
N ALA B 96 1.78 17.33 24.37
CA ALA B 96 0.84 18.40 23.98
C ALA B 96 -0.60 18.10 24.44
N PRO B 97 -1.45 19.14 24.59
CA PRO B 97 -2.88 18.91 24.89
C PRO B 97 -3.72 18.21 23.81
N ALA B 98 -3.44 18.46 22.53
CA ALA B 98 -4.27 17.99 21.40
C ALA B 98 -3.49 18.07 20.08
N ALA B 99 -3.97 17.36 19.05
CA ALA B 99 -3.28 17.27 17.76
C ALA B 99 -4.21 17.02 16.58
N PHE B 100 -3.80 17.50 15.40
CA PHE B 100 -4.56 17.34 14.17
C PHE B 100 -3.59 17.09 13.01
N ALA B 101 -3.74 15.96 12.31
CA ALA B 101 -2.87 15.57 11.16
C ALA B 101 -3.22 16.26 9.84
N THR B 102 -2.20 16.54 9.02
CA THR B 102 -2.38 17.22 7.71
C THR B 102 -1.66 16.54 6.52
N ALA B 103 -2.00 16.94 5.28
CA ALA B 103 -1.39 16.39 4.06
C ALA B 103 0.13 16.62 3.88
N SER B 104 0.64 17.72 4.43
CA SER B 104 2.08 18.07 4.38
C SER B 104 2.48 19.01 5.53
N GLY B 105 3.80 19.19 5.71
CA GLY B 105 4.34 20.19 6.64
C GLY B 105 3.85 21.60 6.33
N MET B 106 3.84 21.97 5.05
CA MET B 106 3.32 23.30 4.67
C MET B 106 1.83 23.50 4.92
N ALA B 107 1.03 22.44 4.79
CA ALA B 107 -0.39 22.51 5.15
C ALA B 107 -0.56 22.76 6.66
N ALA B 108 0.33 22.18 7.47
CA ALA B 108 0.33 22.47 8.92
C ALA B 108 0.68 23.94 9.22
N VAL B 109 1.72 24.47 8.56
CA VAL B 109 2.11 25.89 8.72
C VAL B 109 0.99 26.87 8.31
N PHE B 110 0.53 26.76 7.06
CA PHE B 110 -0.54 27.64 6.59
C PHE B 110 -1.83 27.60 7.43
N THR B 111 -2.33 26.39 7.70
CA THR B 111 -3.60 26.23 8.42
C THR B 111 -3.52 26.70 9.88
N SER B 112 -2.41 26.40 10.56
CA SER B 112 -2.20 26.89 11.94
C SER B 112 -2.23 28.42 12.00
N LEU B 113 -1.54 29.07 11.06
CA LEU B 113 -1.51 30.56 11.01
C LEU B 113 -2.85 31.13 10.55
N GLY B 114 -3.43 30.56 9.49
CA GLY B 114 -4.78 30.92 9.02
C GLY B 114 -5.87 30.84 10.09
N ALA B 115 -5.72 29.90 11.02
CA ALA B 115 -6.67 29.72 12.13
C ALA B 115 -6.59 30.88 13.13
N LEU B 116 -5.45 31.56 13.15
CA LEU B 116 -5.18 32.67 14.04
C LEU B 116 -5.38 34.05 13.39
N LEU B 117 -5.40 34.11 12.05
CA LEU B 117 -5.28 35.38 11.31
C LEU B 117 -6.30 35.56 10.18
N GLY B 118 -7.25 36.47 10.40
CA GLY B 118 -8.16 36.92 9.34
C GLY B 118 -7.75 38.29 8.81
N ALA B 119 -8.48 38.82 7.83
CA ALA B 119 -8.19 40.14 7.28
C ALA B 119 -8.24 41.18 8.39
N GLY B 120 -7.26 42.08 8.40
CA GLY B 120 -7.13 43.09 9.46
C GLY B 120 -6.23 42.72 10.62
N ASP B 121 -5.88 41.42 10.72
CA ASP B 121 -5.04 40.94 11.84
C ASP B 121 -3.54 41.08 11.55
N ARG B 122 -2.73 40.97 12.61
CA ARG B 122 -1.29 41.26 12.52
C ARG B 122 -0.39 40.10 12.99
N LEU B 123 0.62 39.82 12.17
CA LEU B 123 1.61 38.75 12.38
C LEU B 123 3.02 39.33 12.45
N VAL B 124 3.78 38.95 13.49
CA VAL B 124 5.22 39.24 13.59
C VAL B 124 6.04 37.94 13.44
N ALA B 125 6.99 37.92 12.52
CA ALA B 125 7.74 36.69 12.21
C ALA B 125 9.24 36.92 12.08
N ALA B 126 10.04 35.87 12.31
CA ALA B 126 11.49 35.89 12.01
C ALA B 126 11.68 35.89 10.50
N ARG B 127 12.77 36.51 10.02
CA ARG B 127 13.06 36.63 8.58
C ARG B 127 13.75 35.37 8.00
N SER B 128 14.53 34.66 8.84
CA SER B 128 15.29 33.48 8.40
C SER B 128 14.44 32.21 8.44
N LEU B 129 13.63 32.00 7.41
CA LEU B 129 12.68 30.86 7.31
C LEU B 129 12.90 29.98 6.07
N PHE B 130 12.40 28.74 6.15
CA PHE B 130 12.22 27.84 5.00
C PHE B 130 11.55 28.62 3.88
N GLY B 131 12.06 28.49 2.66
CA GLY B 131 11.51 29.21 1.51
C GLY B 131 9.99 29.34 1.47
N SER B 132 9.31 28.20 1.46
CA SER B 132 7.84 28.22 1.42
C SER B 132 7.17 28.90 2.63
N CYS B 133 7.78 28.81 3.82
CA CYS B 133 7.22 29.50 4.99
C CYS B 133 7.33 31.02 4.81
N PHE B 134 8.44 31.47 4.22
CA PHE B 134 8.59 32.90 3.93
C PHE B 134 7.55 33.40 2.90
N VAL B 135 7.24 32.58 1.89
CA VAL B 135 6.20 32.96 0.90
C VAL B 135 4.78 33.05 1.53
N VAL B 136 4.45 32.12 2.44
CA VAL B 136 3.18 32.16 3.18
C VAL B 136 3.03 33.45 3.99
N CYS B 137 4.10 33.80 4.71
CA CYS B 137 4.10 34.97 5.59
C CYS B 137 4.16 36.31 4.84
N SER B 138 4.93 36.38 3.74
CA SER B 138 5.16 37.66 3.07
C SER B 138 4.19 37.97 1.93
N GLU B 139 3.67 36.94 1.25
CA GLU B 139 2.85 37.14 0.06
C GLU B 139 1.41 36.60 0.14
N ILE B 140 1.29 35.33 0.51
CA ILE B 140 0.00 34.65 0.50
C ILE B 140 -1.01 35.19 1.55
N LEU B 141 -0.60 35.27 2.81
CA LEU B 141 -1.48 35.84 3.84
C LEU B 141 -1.76 37.36 3.71
N PRO B 142 -0.74 38.16 3.34
CA PRO B 142 -1.05 39.58 3.07
C PRO B 142 -2.01 39.83 1.88
N ARG B 143 -2.04 38.93 0.89
CA ARG B 143 -3.02 39.01 -0.21
C ARG B 143 -4.46 38.83 0.33
N TRP B 144 -4.59 38.18 1.48
CA TRP B 144 -5.87 37.97 2.15
C TRP B 144 -6.06 38.95 3.33
N GLY B 145 -5.31 40.06 3.29
CA GLY B 145 -5.51 41.19 4.24
C GLY B 145 -4.78 41.18 5.58
N VAL B 146 -3.83 40.24 5.75
CA VAL B 146 -3.03 40.15 6.98
C VAL B 146 -1.89 41.18 6.90
N GLN B 147 -1.52 41.76 8.05
CA GLN B 147 -0.36 42.66 8.14
C GLN B 147 0.85 41.94 8.75
N THR B 148 1.91 41.77 7.96
CA THR B 148 3.13 41.06 8.39
C THR B 148 4.35 41.97 8.57
N VAL B 149 5.02 41.88 9.72
CA VAL B 149 6.29 42.56 9.98
C VAL B 149 7.40 41.52 10.27
N PHE B 150 8.55 41.64 9.60
CA PHE B 150 9.72 40.74 9.85
C PHE B 150 10.81 41.36 10.72
N VAL B 151 11.46 40.52 11.54
CA VAL B 151 12.57 40.91 12.44
C VAL B 151 13.73 39.91 12.30
N ASP B 152 14.94 40.31 12.67
CA ASP B 152 16.05 39.34 12.81
C ASP B 152 15.83 38.53 14.08
N GLY B 153 15.66 37.21 13.94
CA GLY B 153 15.28 36.33 15.06
C GLY B 153 16.20 36.31 16.26
N ASP B 154 17.50 36.57 16.02
CA ASP B 154 18.51 36.60 17.08
C ASP B 154 18.70 37.98 17.77
N ASP B 155 17.74 38.89 17.58
CA ASP B 155 17.83 40.25 18.14
C ASP B 155 16.58 40.59 18.99
N LEU B 156 16.70 40.47 20.32
CA LEU B 156 15.56 40.66 21.23
C LEU B 156 15.02 42.09 21.24
N SER B 157 15.88 43.06 20.95
CA SER B 157 15.44 44.46 20.89
C SER B 157 14.55 44.70 19.65
N GLN B 158 14.77 43.95 18.58
CA GLN B 158 13.90 44.04 17.38
C GLN B 158 12.53 43.41 17.64
N TRP B 159 12.51 42.28 18.36
CA TRP B 159 11.25 41.63 18.81
C TRP B 159 10.42 42.58 19.68
N GLU B 160 11.08 43.23 20.64
CA GLU B 160 10.42 44.15 21.56
C GLU B 160 9.77 45.37 20.87
N ARG B 161 10.48 45.94 19.89
CA ARG B 161 9.97 47.06 19.08
C ARG B 161 8.74 46.66 18.23
N ALA B 162 8.80 45.50 17.58
CA ALA B 162 7.69 45.00 16.75
C ALA B 162 6.45 44.61 17.58
N LEU B 163 6.67 44.22 18.84
CA LEU B 163 5.59 43.74 19.71
C LEU B 163 5.03 44.81 20.69
N SER B 164 5.34 46.08 20.45
CA SER B 164 4.78 47.11 21.33
C SER B 164 3.46 47.71 20.82
N VAL B 165 2.90 47.11 19.76
CA VAL B 165 1.51 47.36 19.33
C VAL B 165 0.73 46.02 19.36
N PRO B 166 -0.61 46.05 19.47
CA PRO B 166 -1.33 44.76 19.58
C PRO B 166 -1.12 43.80 18.40
N THR B 167 -0.91 42.53 18.71
CA THR B 167 -0.48 41.52 17.72
C THR B 167 -1.26 40.21 17.97
N GLN B 168 -1.64 39.52 16.90
CA GLN B 168 -2.43 38.28 17.01
C GLN B 168 -1.57 37.00 17.01
N ALA B 169 -0.49 37.01 16.25
CA ALA B 169 0.37 35.82 16.10
C ALA B 169 1.86 36.14 15.92
N VAL B 170 2.69 35.20 16.37
CA VAL B 170 4.15 35.23 16.19
C VAL B 170 4.59 33.89 15.58
N PHE B 171 5.52 33.91 14.60
CA PHE B 171 6.03 32.66 13.99
C PHE B 171 7.56 32.66 13.86
N PHE B 172 8.20 31.53 14.18
CA PHE B 172 9.65 31.34 13.96
C PHE B 172 10.10 29.86 13.94
N GLU B 173 11.30 29.62 13.38
CA GLU B 173 12.03 28.33 13.37
C GLU B 173 13.30 28.52 14.18
N THR B 174 13.71 27.52 14.96
CA THR B 174 15.05 27.54 15.58
C THR B 174 15.57 26.12 15.79
N PRO B 175 16.82 25.85 15.36
CA PRO B 175 17.74 26.65 14.54
C PRO B 175 17.22 26.91 13.13
N SER B 176 17.71 27.97 12.49
CA SER B 176 17.41 28.30 11.07
C SER B 176 18.22 27.42 10.10
N ASN B 177 17.91 27.50 8.81
CA ASN B 177 18.59 26.66 7.85
C ASN B 177 18.89 27.45 6.56
N PRO B 178 20.16 27.49 6.11
CA PRO B 178 21.35 26.71 6.50
C PRO B 178 22.29 27.28 7.58
N MET B 179 22.13 28.54 7.95
CA MET B 179 23.13 29.23 8.77
C MET B 179 23.05 28.88 10.26
N GLN B 180 21.96 28.22 10.65
CA GLN B 180 21.79 27.66 12.03
C GLN B 180 21.82 28.72 13.14
N SER B 181 21.19 29.86 12.84
CA SER B 181 20.98 30.94 13.81
C SER B 181 19.87 30.56 14.80
N LEU B 182 20.02 30.91 16.09
CA LEU B 182 19.00 30.54 17.11
C LEU B 182 18.07 31.69 17.57
N VAL B 183 16.87 31.32 18.02
CA VAL B 183 15.96 32.25 18.69
C VAL B 183 15.86 31.83 20.17
N ASP B 184 15.96 32.79 21.08
CA ASP B 184 15.69 32.54 22.53
C ASP B 184 14.18 32.34 22.78
N ILE B 185 13.75 31.07 22.83
CA ILE B 185 12.32 30.72 22.93
C ILE B 185 11.53 31.37 24.10
N ALA B 186 12.06 31.23 25.33
CA ALA B 186 11.39 31.70 26.54
C ALA B 186 11.28 33.23 26.59
N ALA B 187 12.32 33.93 26.14
CA ALA B 187 12.31 35.39 26.11
C ALA B 187 11.30 35.95 25.10
N VAL B 188 11.23 35.35 23.92
CA VAL B 188 10.28 35.79 22.89
C VAL B 188 8.81 35.49 23.28
N THR B 189 8.58 34.36 23.95
CA THR B 189 7.23 34.02 24.38
CA THR B 189 7.22 34.02 24.39
C THR B 189 6.67 35.00 25.44
N GLU B 190 7.53 35.46 26.34
CA GLU B 190 7.11 36.46 27.35
C GLU B 190 6.71 37.80 26.70
N LEU B 191 7.53 38.27 25.75
CA LEU B 191 7.22 39.48 24.98
C LEU B 191 5.95 39.33 24.13
N ALA B 192 5.78 38.17 23.50
CA ALA B 192 4.62 37.90 22.65
C ALA B 192 3.30 37.91 23.43
N HIS B 193 3.31 37.27 24.59
CA HIS B 193 2.11 37.20 25.45
C HIS B 193 1.67 38.59 25.95
N ALA B 194 2.64 39.48 26.19
CA ALA B 194 2.36 40.86 26.61
C ALA B 194 1.57 41.65 25.57
N ALA B 195 1.78 41.33 24.28
CA ALA B 195 1.11 41.99 23.17
C ALA B 195 -0.21 41.32 22.75
N GLY B 196 -0.58 40.26 23.48
CA GLY B 196 -1.80 39.49 23.21
C GLY B 196 -1.71 38.40 22.15
N ALA B 197 -0.48 38.03 21.75
CA ALA B 197 -0.28 37.13 20.62
C ALA B 197 -0.13 35.66 21.04
N LYS B 198 -0.46 34.74 20.13
CA LYS B 198 -0.15 33.32 20.31
C LYS B 198 1.11 32.97 19.51
N VAL B 199 2.00 32.20 20.13
CA VAL B 199 3.32 31.83 19.55
C VAL B 199 3.27 30.45 18.84
N VAL B 200 3.60 30.43 17.54
CA VAL B 200 3.72 29.18 16.75
C VAL B 200 5.21 28.86 16.47
N LEU B 201 5.66 27.67 16.90
CA LEU B 201 7.04 27.24 16.70
C LEU B 201 7.08 26.11 15.68
N ASP B 202 7.88 26.31 14.63
CA ASP B 202 8.18 25.23 13.68
C ASP B 202 9.43 24.49 14.20
N ASN B 203 9.27 23.20 14.54
CA ASN B 203 10.30 22.42 15.27
C ASN B 203 10.92 21.28 14.44
N VAL B 204 10.90 21.42 13.11
CA VAL B 204 11.36 20.35 12.21
C VAL B 204 12.86 20.05 12.31
N PHE B 205 13.67 21.11 12.42
CA PHE B 205 15.14 20.98 12.49
C PHE B 205 15.57 20.14 13.71
N ALA B 206 14.97 20.40 14.86
CA ALA B 206 15.41 19.76 16.11
C ALA B 206 14.78 18.38 16.42
N THR B 207 13.53 18.20 15.99
CA THR B 207 12.65 17.06 16.35
C THR B 207 12.24 17.15 17.85
N PRO B 208 11.18 16.42 18.26
CA PRO B 208 10.77 16.44 19.69
C PRO B 208 11.76 15.76 20.65
N LEU B 209 12.74 15.06 20.11
CA LEU B 209 13.78 14.44 20.93
C LEU B 209 14.82 15.43 21.49
N LEU B 210 15.09 16.51 20.76
CA LEU B 210 16.18 17.42 21.10
C LEU B 210 15.75 18.81 21.61
N GLN B 211 14.46 19.14 21.48
CA GLN B 211 13.96 20.46 21.90
C GLN B 211 12.44 20.45 22.15
N GLN B 212 12.02 20.87 23.35
CA GLN B 212 10.60 20.89 23.72
C GLN B 212 10.08 22.30 24.03
N GLY B 213 9.19 22.80 23.19
CA GLY B 213 8.71 24.17 23.30
C GLY B 213 7.62 24.43 24.31
N PHE B 214 6.73 23.46 24.55
CA PHE B 214 5.61 23.66 25.49
C PHE B 214 6.05 24.04 26.92
N PRO B 215 7.09 23.37 27.47
CA PRO B 215 7.55 23.82 28.80
C PRO B 215 8.20 25.21 28.80
N LEU B 216 8.39 25.79 27.62
CA LEU B 216 8.98 27.13 27.51
C LEU B 216 7.94 28.21 27.18
N GLY B 217 6.66 27.82 27.17
CA GLY B 217 5.54 28.77 27.03
C GLY B 217 4.91 28.91 25.65
N VAL B 218 5.42 28.19 24.65
CA VAL B 218 4.88 28.23 23.29
CA VAL B 218 4.85 28.28 23.30
C VAL B 218 3.41 27.78 23.29
N ASP B 219 2.60 28.33 22.40
CA ASP B 219 1.18 27.98 22.32
C ASP B 219 0.86 26.83 21.36
N VAL B 220 1.57 26.82 20.23
CA VAL B 220 1.36 25.89 19.12
C VAL B 220 2.72 25.40 18.59
N VAL B 221 2.84 24.10 18.34
CA VAL B 221 4.01 23.52 17.66
C VAL B 221 3.56 22.85 16.36
N VAL B 222 4.24 23.15 15.26
CA VAL B 222 3.96 22.49 13.97
C VAL B 222 5.12 21.57 13.50
N TYR B 223 4.77 20.38 12.99
CA TYR B 223 5.73 19.46 12.35
C TYR B 223 5.51 19.19 10.85
N SER B 224 6.60 18.89 10.16
CA SER B 224 6.57 18.09 8.93
C SER B 224 6.81 16.62 9.29
N GLY B 225 5.90 15.73 8.88
CA GLY B 225 6.15 14.28 8.99
C GLY B 225 7.08 13.72 7.91
N THR B 226 7.24 14.48 6.84
CA THR B 226 8.08 14.13 5.68
C THR B 226 9.55 13.86 6.05
N HIS B 228 12.34 13.67 9.65
CA HIS B 228 12.76 12.59 10.56
C HIS B 228 11.62 11.60 10.97
N ILE B 229 10.40 12.11 11.13
CA ILE B 229 9.27 11.21 11.53
C ILE B 229 9.09 9.97 10.61
N ASP B 230 8.97 10.19 9.30
CA ASP B 230 9.11 9.12 8.29
C ASP B 230 10.49 8.45 8.36
N GLY B 231 11.54 9.27 8.30
CA GLY B 231 12.91 8.78 8.45
C GLY B 231 13.59 8.12 7.25
N GLN B 232 12.84 7.86 6.17
CA GLN B 232 13.35 7.08 5.05
C GLN B 232 12.89 7.60 3.68
N GLY B 233 12.40 8.84 3.66
CA GLY B 233 12.12 9.54 2.41
C GLY B 233 10.93 9.07 1.58
N ARG B 234 9.95 8.41 2.20
CA ARG B 234 8.85 7.75 1.46
C ARG B 234 7.62 8.63 1.10
N VAL B 235 7.03 9.25 2.12
CA VAL B 235 5.75 9.97 1.93
C VAL B 235 5.75 11.39 2.53
N LEU B 236 4.69 12.15 2.23
CA LEU B 236 4.47 13.48 2.86
C LEU B 236 3.41 13.48 3.98
N GLY B 237 3.53 14.45 4.88
CA GLY B 237 2.57 14.62 5.98
C GLY B 237 2.94 15.73 6.94
N GLY B 238 1.99 16.13 7.79
CA GLY B 238 2.24 17.14 8.80
C GLY B 238 1.35 16.98 10.02
N ALA B 239 1.57 17.83 11.01
CA ALA B 239 0.71 17.89 12.23
C ALA B 239 0.70 19.28 12.87
N ILE B 240 -0.46 19.65 13.42
CA ILE B 240 -0.66 20.86 14.25
C ILE B 240 -0.95 20.41 15.70
N LEU B 241 -0.19 20.93 16.65
CA LEU B 241 -0.33 20.60 18.11
C LEU B 241 -0.57 21.82 19.01
N GLY B 242 -1.58 21.73 19.89
CA GLY B 242 -1.93 22.85 20.79
C GLY B 242 -3.09 22.59 21.75
N ASP B 243 -3.67 23.66 22.29
CA ASP B 243 -4.86 23.62 23.17
C ASP B 243 -6.07 22.94 22.54
N ARG B 244 -6.82 22.21 23.37
CA ARG B 244 -8.09 21.60 22.98
C ARG B 244 -9.04 22.60 22.27
N GLU B 245 -9.25 23.78 22.89
CA GLU B 245 -10.14 24.82 22.33
C GLU B 245 -9.71 25.25 20.93
N TYR B 246 -8.41 25.50 20.76
CA TYR B 246 -7.81 25.90 19.47
C TYR B 246 -7.93 24.79 18.42
N ILE B 247 -7.49 23.58 18.76
CA ILE B 247 -7.55 22.44 17.82
C ILE B 247 -8.99 22.08 17.37
N ASP B 248 -9.92 22.03 18.34
CA ASP B 248 -11.31 21.64 18.06
C ASP B 248 -12.17 22.79 17.50
N GLY B 249 -11.65 24.01 17.55
CA GLY B 249 -12.37 25.20 17.11
C GLY B 249 -12.01 25.64 15.70
N PRO B 250 -11.15 26.68 15.57
CA PRO B 250 -10.82 27.26 14.25
C PRO B 250 -9.98 26.36 13.35
N VAL B 251 -9.14 25.52 13.94
CA VAL B 251 -8.33 24.56 13.17
C VAL B 251 -9.24 23.51 12.54
N GLN B 252 -10.08 22.88 13.36
CA GLN B 252 -11.07 21.92 12.87
C GLN B 252 -11.89 22.47 11.71
N LYS B 253 -12.37 23.72 11.84
CA LYS B 253 -13.19 24.36 10.80
C LYS B 253 -12.49 24.46 9.43
N LEU B 254 -11.23 24.92 9.42
CA LEU B 254 -10.47 24.96 8.16
C LEU B 254 -10.18 23.54 7.63
N MET B 255 -9.87 22.62 8.53
CA MET B 255 -9.56 21.23 8.13
C MET B 255 -10.77 20.54 7.49
N ARG B 256 -11.94 20.66 8.14
CA ARG B 256 -13.18 20.10 7.62
C ARG B 256 -13.56 20.66 6.24
N HIS B 257 -13.48 21.99 6.07
CA HIS B 257 -14.03 22.65 4.88
C HIS B 257 -13.06 23.04 3.75
N THR B 258 -11.76 23.20 4.07
CA THR B 258 -10.74 23.40 3.01
C THR B 258 -9.96 22.10 2.62
N GLY B 259 -10.06 21.07 3.46
CA GLY B 259 -9.63 19.71 3.11
C GLY B 259 -8.19 19.31 2.78
N PRO B 260 -7.17 19.89 3.46
CA PRO B 260 -5.80 19.38 3.25
C PRO B 260 -5.52 18.12 4.09
N ALA B 261 -6.23 17.04 3.78
CA ALA B 261 -6.35 15.86 4.63
C ALA B 261 -5.19 14.87 4.44
N MET B 262 -4.69 14.29 5.54
CA MET B 262 -3.73 13.16 5.48
C MET B 262 -4.42 11.87 5.00
N SER B 263 -3.80 11.16 4.06
CA SER B 263 -4.23 9.82 3.63
C SER B 263 -4.05 8.80 4.75
N ALA B 264 -4.98 7.84 4.87
CA ALA B 264 -4.87 6.77 5.87
C ALA B 264 -3.64 5.88 5.59
N PHE B 265 -3.24 5.79 4.32
CA PHE B 265 -2.02 5.02 3.95
C PHE B 265 -0.78 5.73 4.49
N ASN B 266 -0.72 7.04 4.28
CA ASN B 266 0.42 7.83 4.75
C ASN B 266 0.48 7.80 6.29
N ALA B 267 -0.68 7.87 6.94
CA ALA B 267 -0.74 7.77 8.42
C ALA B 267 -0.10 6.48 8.96
N TRP B 268 -0.42 5.36 8.30
CA TRP B 268 0.17 4.05 8.62
C TRP B 268 1.72 4.07 8.54
N VAL B 269 2.24 4.54 7.41
CA VAL B 269 3.71 4.72 7.26
C VAL B 269 4.36 5.56 8.38
N LEU B 270 3.75 6.71 8.70
CA LEU B 270 4.30 7.65 9.64
C LEU B 270 4.18 7.18 11.10
N LEU B 271 3.10 6.49 11.46
CA LEU B 271 2.96 5.98 12.85
C LEU B 271 3.94 4.82 13.13
N LYS B 272 4.25 4.08 12.09
CA LYS B 272 5.30 3.04 12.16
C LYS B 272 6.70 3.68 12.22
N GLY B 273 6.90 4.79 11.51
CA GLY B 273 8.16 5.58 11.60
C GLY B 273 8.45 6.07 13.03
N LEU B 274 7.40 6.50 13.72
CA LEU B 274 7.49 6.95 15.11
C LEU B 274 8.05 5.90 16.09
N GLU B 275 7.85 4.60 15.81
CA GLU B 275 8.41 3.54 16.68
C GLU B 275 9.94 3.56 16.80
N THR B 276 10.64 3.93 15.73
CA THR B 276 12.12 3.94 15.72
C THR B 276 12.74 5.34 15.77
N LEU B 277 11.91 6.36 15.99
CA LEU B 277 12.41 7.76 16.04
C LEU B 277 13.51 8.01 17.09
N ALA B 278 13.29 7.55 18.31
CA ALA B 278 14.27 7.74 19.37
C ALA B 278 15.68 7.21 19.00
N ILE B 279 15.79 5.95 18.60
CA ILE B 279 17.10 5.39 18.24
C ILE B 279 17.73 5.96 16.94
N ARG B 280 16.90 6.34 15.96
CA ARG B 280 17.42 6.94 14.72
C ARG B 280 18.01 8.32 14.98
N VAL B 281 17.28 9.17 15.73
CA VAL B 281 17.79 10.50 16.09
C VAL B 281 19.05 10.43 16.96
N GLN B 282 19.04 9.55 17.97
CA GLN B 282 20.24 9.27 18.82
C GLN B 282 21.51 8.98 17.95
N HIS B 283 21.40 8.02 17.03
CA HIS B 283 22.53 7.66 16.17
CA HIS B 283 22.51 7.64 16.11
C HIS B 283 22.97 8.78 15.20
N SER B 284 22.02 9.42 14.52
CA SER B 284 22.36 10.52 13.60
C SER B 284 22.93 11.77 14.27
N ASN B 285 22.42 12.10 15.47
CA ASN B 285 22.95 13.21 16.26
C ASN B 285 24.43 12.98 16.62
N ALA B 286 24.74 11.75 17.07
CA ALA B 286 26.11 11.38 17.47
C ALA B 286 27.05 11.40 16.27
N SER B 287 26.55 10.90 15.15
CA SER B 287 27.31 10.91 13.88
C SER B 287 27.62 12.34 13.40
N ALA B 288 26.60 13.19 13.36
CA ALA B 288 26.79 14.60 12.94
C ALA B 288 27.78 15.34 13.84
N GLN B 289 27.74 15.09 15.15
CA GLN B 289 28.72 15.69 16.07
C GLN B 289 30.18 15.33 15.69
N ARG B 290 30.43 14.04 15.45
CA ARG B 290 31.74 13.55 15.00
C ARG B 290 32.15 14.18 13.66
N ILE B 291 31.22 14.29 12.71
CA ILE B 291 31.53 14.86 11.38
C ILE B 291 31.85 16.37 11.48
N ALA B 292 31.11 17.12 12.29
CA ALA B 292 31.43 18.54 12.50
C ALA B 292 32.84 18.76 13.09
N GLU B 293 33.20 17.94 14.09
CA GLU B 293 34.55 18.00 14.70
C GLU B 293 35.66 17.67 13.69
N PHE B 294 35.44 16.65 12.86
CA PHE B 294 36.35 16.34 11.74
C PHE B 294 36.52 17.50 10.77
N LEU B 295 35.42 18.09 10.32
CA LEU B 295 35.50 19.24 9.41
C LEU B 295 36.18 20.46 10.03
N ASN B 296 36.06 20.61 11.36
CA ASN B 296 36.63 21.75 12.07
C ASN B 296 38.17 21.73 12.12
N GLY B 297 38.77 20.54 11.95
CA GLY B 297 40.23 20.39 11.90
C GLY B 297 40.85 20.24 10.51
N HIS B 298 40.02 20.19 9.47
CA HIS B 298 40.48 19.99 8.08
C HIS B 298 41.08 21.26 7.45
N PRO B 299 42.28 21.16 6.83
CA PRO B 299 42.92 22.36 6.21
C PRO B 299 42.18 23.00 5.02
N SER B 300 41.28 22.26 4.36
CA SER B 300 40.53 22.83 3.23
C SER B 300 39.26 23.60 3.65
N VAL B 301 38.98 23.66 4.96
CA VAL B 301 37.74 24.25 5.50
C VAL B 301 38.02 25.52 6.32
N ARG B 302 37.25 26.59 6.06
CA ARG B 302 37.41 27.88 6.78
C ARG B 302 36.67 27.95 8.13
N TRP B 303 35.38 27.56 8.13
CA TRP B 303 34.55 27.51 9.34
C TRP B 303 33.45 26.46 9.24
N VAL B 304 32.90 26.07 10.39
CA VAL B 304 31.79 25.09 10.50
C VAL B 304 30.70 25.68 11.43
N ARG B 305 29.44 25.45 11.07
CA ARG B 305 28.30 25.81 11.93
C ARG B 305 27.53 24.56 12.37
N TYR B 306 27.49 24.31 13.68
CA TYR B 306 26.76 23.19 14.28
C TYR B 306 26.49 23.62 15.73
N PRO B 307 25.22 23.52 16.20
CA PRO B 307 24.91 24.16 17.50
C PRO B 307 25.70 23.61 18.71
N TYR B 308 26.15 22.36 18.64
CA TYR B 308 26.87 21.74 19.78
C TYR B 308 28.40 21.76 19.61
N LEU B 309 28.87 22.54 18.63
CA LEU B 309 30.29 22.79 18.41
C LEU B 309 30.66 24.15 19.03
N PRO B 310 31.73 24.21 19.87
CA PRO B 310 32.13 25.47 20.55
C PRO B 310 32.32 26.73 19.70
N SER B 311 32.61 26.58 18.41
CA SER B 311 32.74 27.74 17.51
C SER B 311 31.43 28.48 17.16
N HIS B 312 30.27 27.87 17.45
CA HIS B 312 28.97 28.50 17.18
C HIS B 312 28.79 29.80 18.00
N PRO B 313 28.40 30.91 17.34
CA PRO B 313 28.21 32.21 18.03
C PRO B 313 27.19 32.20 19.17
N GLN B 314 26.24 31.27 19.14
CA GLN B 314 25.24 31.11 20.22
C GLN B 314 25.35 29.73 20.91
N TYR B 315 26.58 29.21 20.99
CA TYR B 315 26.88 27.92 21.60
C TYR B 315 26.27 27.80 23.01
N ASP B 316 26.42 28.85 23.80
CA ASP B 316 25.96 28.82 25.20
C ASP B 316 24.44 28.73 25.31
N LEU B 317 23.71 29.42 24.42
CA LEU B 317 22.24 29.31 24.39
C LEU B 317 21.77 27.92 23.90
N ALA B 318 22.44 27.36 22.89
CA ALA B 318 22.14 26.00 22.39
C ALA B 318 22.23 24.96 23.50
N LYS B 319 23.26 25.08 24.32
CA LYS B 319 23.49 24.15 25.43
C LYS B 319 22.42 24.20 26.51
N ARG B 320 21.74 25.34 26.64
CA ARG B 320 20.65 25.51 27.60
C ARG B 320 19.27 25.09 27.06
N GLN B 321 18.99 25.34 25.78
CA GLN B 321 17.63 25.05 25.25
C GLN B 321 17.47 23.78 24.37
N MET B 322 18.59 23.19 23.92
CA MET B 322 18.59 21.90 23.19
C MET B 322 19.40 20.82 23.92
N SER B 323 19.02 19.55 23.78
CA SER B 323 19.81 18.43 24.35
C SER B 323 20.82 17.82 23.37
N GLY B 324 20.82 18.31 22.13
CA GLY B 324 21.82 17.89 21.14
C GLY B 324 21.80 18.87 19.97
N GLY B 325 22.84 18.81 19.13
CA GLY B 325 22.99 19.76 18.02
C GLY B 325 22.13 19.50 16.80
N GLY B 326 21.71 18.24 16.61
CA GLY B 326 20.87 17.89 15.44
C GLY B 326 21.57 17.02 14.40
N THR B 327 21.01 16.97 13.19
CA THR B 327 21.50 16.03 12.18
C THR B 327 22.05 16.70 10.90
N VAL B 328 22.32 18.01 10.96
CA VAL B 328 22.77 18.81 9.80
C VAL B 328 24.04 19.62 10.14
N VAL B 329 25.03 19.59 9.25
CA VAL B 329 26.28 20.36 9.41
C VAL B 329 26.50 21.27 8.20
N THR B 330 26.75 22.57 8.45
CA THR B 330 27.02 23.54 7.39
C THR B 330 28.49 24.01 7.51
N PHE B 331 29.17 24.24 6.38
CA PHE B 331 30.58 24.67 6.40
C PHE B 331 30.99 25.48 5.17
N ALA B 332 32.05 26.27 5.29
CA ALA B 332 32.61 27.03 4.15
C ALA B 332 34.01 26.57 3.76
N LEU B 333 34.29 26.55 2.45
CA LEU B 333 35.61 26.17 1.96
C LEU B 333 36.60 27.31 2.10
N ASP B 334 37.87 26.97 2.31
CA ASP B 334 38.96 27.97 2.43
C ASP B 334 39.59 28.21 1.05
N CYS B 335 39.00 29.13 0.28
CA CYS B 335 39.49 29.46 -1.06
C CYS B 335 39.09 30.89 -1.44
N PRO B 336 39.72 31.47 -2.48
CA PRO B 336 39.34 32.83 -2.90
C PRO B 336 37.88 32.87 -3.39
N GLU B 337 37.16 33.95 -3.08
CA GLU B 337 35.75 34.08 -3.46
C GLU B 337 35.56 34.03 -4.99
N ASP B 338 36.63 34.38 -5.71
CA ASP B 338 36.71 34.29 -7.16
C ASP B 338 36.37 32.90 -7.73
N VAL B 339 36.85 31.85 -7.06
CA VAL B 339 36.70 30.47 -7.53
C VAL B 339 35.79 29.62 -6.61
N ALA B 340 35.08 30.28 -5.70
CA ALA B 340 34.33 29.58 -4.62
C ALA B 340 33.18 28.68 -5.12
N LYS B 341 32.37 29.19 -6.05
CA LYS B 341 31.27 28.42 -6.68
C LYS B 341 31.82 27.16 -7.37
N GLN B 342 32.87 27.36 -8.18
CA GLN B 342 33.53 26.28 -8.93
C GLN B 342 34.12 25.21 -8.01
N ARG B 343 34.78 25.66 -6.96
CA ARG B 343 35.31 24.75 -5.92
C ARG B 343 34.22 23.93 -5.19
N ALA B 344 33.14 24.60 -4.79
CA ALA B 344 32.03 23.90 -4.14
C ALA B 344 31.39 22.87 -5.08
N PHE B 345 31.18 23.25 -6.33
CA PHE B 345 30.65 22.31 -7.33
C PHE B 345 31.56 21.11 -7.50
N GLU B 346 32.87 21.33 -7.49
CA GLU B 346 33.85 20.24 -7.61
C GLU B 346 33.73 19.22 -6.46
N VAL B 347 33.56 19.75 -5.25
CA VAL B 347 33.41 18.92 -4.04
C VAL B 347 32.16 18.02 -4.09
N LEU B 348 30.99 18.60 -4.40
CA LEU B 348 29.76 17.82 -4.58
C LEU B 348 29.88 16.73 -5.63
N ASP B 349 30.45 17.09 -6.78
CA ASP B 349 30.59 16.18 -7.92
C ASP B 349 31.57 15.00 -7.68
N LYS B 350 32.45 15.14 -6.69
CA LYS B 350 33.42 14.09 -6.32
C LYS B 350 32.90 13.05 -5.29
N MET B 351 31.80 13.33 -4.60
CA MET B 351 31.14 12.36 -3.70
C MET B 351 30.79 11.05 -4.40
N ARG B 352 31.04 9.93 -3.73
CA ARG B 352 30.74 8.61 -4.31
C ARG B 352 29.70 7.83 -3.51
N LEU B 353 29.48 8.27 -2.27
CA LEU B 353 28.55 7.60 -1.35
C LEU B 353 27.31 8.48 -1.05
N ILE B 354 27.57 9.73 -0.65
CA ILE B 354 26.52 10.74 -0.36
C ILE B 354 25.88 11.19 -1.68
N ASP B 355 24.54 11.23 -1.73
CA ASP B 355 23.80 11.68 -2.93
C ASP B 355 23.63 13.21 -2.93
N ILE B 356 23.65 13.83 -4.11
CA ILE B 356 23.29 15.25 -4.28
C ILE B 356 21.75 15.41 -4.28
N SER B 357 21.21 16.06 -3.24
CA SER B 357 19.75 16.22 -3.05
C SER B 357 19.38 17.32 -2.05
N ASN B 358 18.19 17.93 -2.20
CA ASN B 358 17.77 19.07 -1.35
C ASN B 358 17.11 18.74 0.03
N ASN B 359 16.76 17.47 0.26
CA ASN B 359 15.93 17.02 1.39
C ASN B 359 16.72 16.86 2.71
N LEU B 360 15.99 16.63 3.80
CA LEU B 360 16.53 16.39 5.16
C LEU B 360 15.83 15.21 5.85
N GLY B 361 16.40 14.72 6.96
CA GLY B 361 15.71 13.73 7.79
C GLY B 361 15.57 12.31 7.23
N ASP B 362 16.49 11.89 6.36
CA ASP B 362 16.50 10.54 5.73
C ASP B 362 17.63 9.69 6.30
N ALA B 363 17.44 8.37 6.31
CA ALA B 363 18.52 7.41 6.61
C ALA B 363 19.67 7.47 5.59
N LYS B 364 19.36 7.88 4.37
CA LYS B 364 20.40 8.12 3.36
C LYS B 364 21.01 9.53 3.58
N SER B 365 22.34 9.63 3.61
CA SER B 365 23.00 10.96 3.72
C SER B 365 22.95 11.73 2.39
N LEU B 366 22.76 13.07 2.46
CA LEU B 366 22.53 13.95 1.29
C LEU B 366 23.38 15.24 1.41
N VAL B 367 23.73 15.83 0.27
CA VAL B 367 24.49 17.12 0.22
C VAL B 367 23.85 18.11 -0.77
N THR B 368 23.95 19.42 -0.49
CA THR B 368 23.35 20.46 -1.31
C THR B 368 24.18 21.75 -1.22
N HIS B 369 24.05 22.60 -2.25
CA HIS B 369 24.70 23.93 -2.32
C HIS B 369 23.61 25.00 -2.19
N PRO B 370 23.37 25.51 -0.97
CA PRO B 370 22.24 26.46 -0.79
C PRO B 370 22.19 27.70 -1.72
N ALA B 371 23.34 28.33 -1.98
CA ALA B 371 23.39 29.58 -2.75
C ALA B 371 22.85 29.48 -4.19
N THR B 372 22.87 28.27 -4.78
CA THR B 372 22.40 28.09 -6.17
C THR B 372 21.08 27.32 -6.26
N THR B 373 20.58 26.87 -5.12
CA THR B 373 19.27 26.22 -5.08
C THR B 373 18.27 27.10 -4.33
N THR B 374 18.04 26.79 -3.05
CA THR B 374 17.06 27.47 -2.21
C THR B 374 17.23 28.99 -2.08
N HIS B 375 18.47 29.46 -2.01
CA HIS B 375 18.75 30.88 -1.75
C HIS B 375 19.29 31.64 -2.96
N ARG B 376 19.03 31.10 -4.15
CA ARG B 376 19.44 31.74 -5.39
C ARG B 376 18.50 32.89 -5.75
N ALA B 377 17.25 32.78 -5.30
CA ALA B 377 16.21 33.80 -5.48
C ALA B 377 16.56 35.16 -4.86
N MET B 378 16.89 35.16 -3.56
CA MET B 378 17.14 36.39 -2.80
C MET B 378 18.33 37.22 -3.29
N GLY B 379 19.17 36.60 -4.13
CA GLY B 379 20.28 37.29 -4.79
C GLY B 379 21.46 37.55 -3.86
N PRO B 380 22.56 38.10 -4.41
CA PRO B 380 23.82 38.37 -3.68
C PRO B 380 23.66 39.21 -2.40
N GLU B 381 22.84 40.26 -2.46
CA GLU B 381 22.62 41.15 -1.31
C GLU B 381 21.90 40.43 -0.15
N GLY B 382 20.82 39.73 -0.47
CA GLY B 382 20.10 38.92 0.51
C GLY B 382 20.97 37.88 1.19
N ARG B 383 21.78 37.19 0.38
CA ARG B 383 22.69 36.14 0.87
C ARG B 383 23.83 36.66 1.74
N ALA B 384 24.45 37.77 1.31
CA ALA B 384 25.55 38.37 2.08
C ALA B 384 25.09 38.92 3.44
N ALA B 385 23.82 39.30 3.53
CA ALA B 385 23.23 39.83 4.77
C ALA B 385 23.11 38.76 5.87
N ILE B 386 23.00 37.49 5.46
CA ILE B 386 22.97 36.39 6.42
C ILE B 386 24.29 35.59 6.47
N GLY B 387 25.25 35.99 5.64
CA GLY B 387 26.61 35.39 5.64
C GLY B 387 26.77 34.16 4.77
N LEU B 388 25.82 33.93 3.87
CA LEU B 388 25.81 32.75 3.00
C LEU B 388 26.61 32.96 1.70
N GLY B 389 27.88 32.57 1.70
CA GLY B 389 28.73 32.70 0.51
C GLY B 389 28.60 31.59 -0.54
N ASP B 390 29.25 31.81 -1.69
CA ASP B 390 29.29 30.83 -2.78
C ASP B 390 30.08 29.56 -2.47
N GLY B 391 30.85 29.58 -1.38
CA GLY B 391 31.63 28.42 -0.92
C GLY B 391 31.01 27.60 0.21
N VAL B 392 29.73 27.84 0.49
CA VAL B 392 29.01 27.16 1.58
C VAL B 392 28.34 25.84 1.10
N VAL B 393 28.55 24.78 1.88
CA VAL B 393 28.01 23.42 1.62
C VAL B 393 27.22 22.94 2.86
N ARG B 394 26.11 22.21 2.65
CA ARG B 394 25.31 21.67 3.76
C ARG B 394 25.21 20.13 3.63
N ILE B 395 25.48 19.40 4.71
CA ILE B 395 25.34 17.93 4.71
C ILE B 395 24.30 17.45 5.72
N SER B 396 23.39 16.57 5.26
CA SER B 396 22.36 15.97 6.10
C SER B 396 22.76 14.52 6.41
N VAL B 397 22.97 14.22 7.70
CA VAL B 397 23.63 12.98 8.13
C VAL B 397 22.60 11.87 8.40
N GLY B 398 22.78 10.74 7.73
CA GLY B 398 21.91 9.56 7.89
C GLY B 398 22.41 8.46 8.84
N LEU B 399 22.11 7.21 8.47
CA LEU B 399 22.47 6.04 9.27
C LEU B 399 23.66 5.19 8.75
N GLU B 400 24.33 5.62 7.67
CA GLU B 400 25.58 4.90 7.25
C GLU B 400 26.65 4.94 8.35
N ASP B 401 27.61 4.00 8.30
CA ASP B 401 28.75 4.00 9.21
C ASP B 401 29.48 5.36 9.17
N THR B 402 29.73 5.93 10.34
CA THR B 402 30.34 7.27 10.47
C THR B 402 31.72 7.36 9.79
N ASP B 403 32.52 6.29 9.87
CA ASP B 403 33.85 6.30 9.24
C ASP B 403 33.80 6.22 7.70
N ASP B 404 32.80 5.52 7.17
CA ASP B 404 32.53 5.47 5.72
C ASP B 404 32.12 6.86 5.20
N LEU B 405 31.32 7.59 5.98
CA LEU B 405 30.93 8.95 5.61
C LEU B 405 32.14 9.91 5.61
N ILE B 406 32.93 9.87 6.67
CA ILE B 406 34.14 10.71 6.77
C ILE B 406 35.13 10.44 5.62
N ALA B 407 35.31 9.16 5.26
CA ALA B 407 36.17 8.79 4.11
C ALA B 407 35.72 9.38 2.77
N ASP B 408 34.40 9.40 2.53
CA ASP B 408 33.82 9.99 1.30
C ASP B 408 34.06 11.52 1.27
N ILE B 409 33.80 12.19 2.40
CA ILE B 409 34.00 13.63 2.52
C ILE B 409 35.48 14.04 2.38
N ASP B 410 36.37 13.28 3.03
CA ASP B 410 37.81 13.56 2.95
C ASP B 410 38.34 13.45 1.52
N ARG B 411 37.88 12.45 0.79
CA ARG B 411 38.30 12.24 -0.58
C ARG B 411 37.73 13.34 -1.51
N ALA B 412 36.49 13.75 -1.27
CA ALA B 412 35.86 14.83 -2.04
C ALA B 412 36.53 16.21 -1.86
N LEU B 413 37.15 16.46 -0.71
CA LEU B 413 37.82 17.75 -0.40
C LEU B 413 39.24 17.81 -0.93
N SER B 414 39.81 16.64 -1.16
CA SER B 414 41.22 16.53 -1.48
C SER B 414 41.29 15.89 -2.84
N SER C 14 13.66 15.54 -21.92
CA SER C 14 12.39 15.68 -21.15
C SER C 14 11.84 14.34 -20.65
N VAL C 15 11.76 14.20 -19.32
CA VAL C 15 11.26 12.98 -18.69
C VAL C 15 9.74 12.93 -18.53
N ARG C 16 9.06 14.02 -18.85
CA ARG C 16 7.62 14.14 -18.55
C ARG C 16 6.64 13.95 -19.72
N THR C 17 7.15 13.73 -20.94
CA THR C 17 6.27 13.48 -22.10
C THR C 17 5.69 12.04 -22.09
N PRO C 18 4.35 11.91 -21.94
CA PRO C 18 3.71 10.58 -21.86
C PRO C 18 3.61 9.83 -23.21
N LYS C 19 3.34 8.52 -23.13
CA LYS C 19 3.23 7.66 -24.30
C LYS C 19 2.01 8.08 -25.16
N ALA C 20 2.28 8.45 -26.41
CA ALA C 20 1.25 8.99 -27.31
C ALA C 20 0.27 7.89 -27.75
N LEU C 21 -1.01 8.24 -27.81
CA LEU C 21 -2.02 7.32 -28.36
C LEU C 21 -2.30 7.68 -29.84
N PRO C 22 -2.82 6.72 -30.64
CA PRO C 22 -3.18 7.08 -32.01
C PRO C 22 -4.28 8.17 -32.06
N ASP C 23 -4.33 8.90 -33.18
CA ASP C 23 -5.30 9.95 -33.39
C ASP C 23 -6.74 9.43 -33.42
N GLY C 24 -7.64 10.19 -32.81
CA GLY C 24 -9.07 9.89 -32.87
C GLY C 24 -9.62 8.79 -31.98
N VAL C 25 -8.81 8.24 -31.07
CA VAL C 25 -9.28 7.22 -30.13
C VAL C 25 -10.31 7.81 -29.16
N SER C 26 -11.26 6.99 -28.73
CA SER C 26 -12.38 7.45 -27.91
C SER C 26 -12.08 7.53 -26.41
N GLN C 27 -13.03 8.11 -25.66
CA GLN C 27 -12.97 8.29 -24.20
C GLN C 27 -12.68 7.00 -23.40
N ALA C 28 -13.31 5.90 -23.81
CA ALA C 28 -13.07 4.59 -23.22
C ALA C 28 -11.61 4.13 -23.33
N THR C 29 -11.04 4.26 -24.52
CA THR C 29 -9.63 3.89 -24.78
C THR C 29 -8.64 4.76 -24.00
N VAL C 30 -8.95 6.05 -23.89
CA VAL C 30 -8.09 6.99 -23.18
C VAL C 30 -8.08 6.67 -21.67
N GLY C 31 -9.23 6.23 -21.14
CA GLY C 31 -9.33 5.86 -19.72
C GLY C 31 -8.48 4.66 -19.32
N VAL C 32 -8.28 3.74 -20.28
CA VAL C 32 -7.51 2.51 -20.09
C VAL C 32 -6.01 2.75 -20.24
N ARG C 33 -5.61 3.50 -21.26
CA ARG C 33 -4.17 3.64 -21.52
C ARG C 33 -3.57 5.03 -21.71
N GLY C 34 -4.32 6.09 -21.41
CA GLY C 34 -3.76 7.46 -21.52
C GLY C 34 -2.81 7.93 -20.42
N GLY C 35 -1.84 8.75 -20.81
CA GLY C 35 -0.95 9.42 -19.85
C GLY C 35 0.21 8.65 -19.23
N MET C 36 0.46 7.43 -19.70
CA MET C 36 1.49 6.56 -19.11
C MET C 36 2.92 7.04 -19.32
N LEU C 37 3.76 6.80 -18.31
CA LEU C 37 5.19 7.04 -18.41
C LEU C 37 5.96 5.82 -17.91
N ARG C 38 6.16 4.81 -18.75
CA ARG C 38 6.86 3.57 -18.36
C ARG C 38 8.35 3.78 -18.20
N SER C 39 8.96 3.07 -17.24
CA SER C 39 10.42 3.10 -16.99
C SER C 39 11.18 2.20 -17.98
N GLY C 40 12.52 2.19 -17.84
CA GLY C 40 13.41 1.25 -18.54
C GLY C 40 13.13 -0.24 -18.34
N PHE C 41 12.40 -0.58 -17.27
CA PHE C 41 12.00 -1.97 -16.98
C PHE C 41 10.81 -2.46 -17.84
N GLU C 42 10.10 -1.54 -18.49
CA GLU C 42 8.96 -1.87 -19.36
C GLU C 42 7.82 -2.66 -18.70
N GLU C 43 7.59 -2.37 -17.41
CA GLU C 43 6.39 -2.83 -16.69
C GLU C 43 5.07 -2.56 -17.46
N THR C 44 4.19 -3.56 -17.58
CA THR C 44 2.86 -3.34 -18.22
C THR C 44 1.97 -2.38 -17.44
N ALA C 45 1.82 -2.64 -16.12
CA ALA C 45 1.02 -1.80 -15.21
C ALA C 45 1.81 -0.64 -14.62
N GLU C 46 1.09 0.41 -14.23
CA GLU C 46 1.68 1.71 -13.85
C GLU C 46 2.41 1.66 -12.50
N ALA C 47 3.67 2.16 -12.48
CA ALA C 47 4.54 2.18 -11.27
C ALA C 47 4.13 3.17 -10.18
N MET C 48 4.47 2.84 -8.92
CA MET C 48 4.18 3.71 -7.77
C MET C 48 5.48 4.25 -7.18
N TYR C 49 5.72 5.56 -7.32
CA TYR C 49 6.96 6.19 -6.83
C TYR C 49 6.74 6.83 -5.47
N LEU C 50 6.85 6.03 -4.42
CA LEU C 50 6.76 6.54 -3.04
C LEU C 50 8.09 7.19 -2.61
N THR C 51 8.25 8.45 -3.00
CA THR C 51 9.46 9.22 -2.66
C THR C 51 9.01 10.67 -2.40
N SER C 52 9.70 11.37 -1.49
CA SER C 52 9.41 12.82 -1.28
C SER C 52 10.35 13.72 -2.08
N GLY C 53 11.60 13.27 -2.26
CA GLY C 53 12.60 13.98 -3.06
C GLY C 53 13.28 13.19 -4.18
N TYR C 54 14.22 13.86 -4.87
CA TYR C 54 14.93 13.35 -6.04
C TYR C 54 16.45 13.66 -5.94
N VAL C 55 17.28 12.86 -6.61
CA VAL C 55 18.75 13.07 -6.69
C VAL C 55 19.20 13.64 -8.06
N TYR C 56 20.39 14.24 -8.13
CA TYR C 56 20.95 14.82 -9.37
C TYR C 56 22.38 14.30 -9.64
N GLY C 57 22.76 14.25 -10.93
CA GLY C 57 24.08 13.74 -11.31
C GLY C 57 25.22 14.70 -11.02
N SER C 58 24.89 15.99 -10.89
CA SER C 58 25.89 17.05 -10.69
C SER C 58 25.26 18.25 -10.00
N ALA C 59 26.09 19.12 -9.43
CA ALA C 59 25.61 20.35 -8.79
C ALA C 59 24.94 21.28 -9.80
N ALA C 60 25.44 21.28 -11.04
CA ALA C 60 24.87 22.09 -12.10
C ALA C 60 23.43 21.72 -12.43
N VAL C 61 23.19 20.43 -12.63
CA VAL C 61 21.83 19.91 -12.90
C VAL C 61 20.88 20.23 -11.75
N ALA C 62 21.38 20.15 -10.50
CA ALA C 62 20.57 20.59 -9.35
C ALA C 62 20.12 22.05 -9.44
N GLU C 63 21.05 22.94 -9.75
CA GLU C 63 20.76 24.39 -9.90
C GLU C 63 19.73 24.64 -11.02
N LYS C 64 19.96 24.05 -12.19
CA LYS C 64 19.06 24.21 -13.34
C LYS C 64 17.64 23.64 -13.10
N SER C 65 17.56 22.51 -12.41
CA SER C 65 16.27 21.89 -12.06
C SER C 65 15.46 22.76 -11.10
N PHE C 66 16.11 23.25 -10.06
CA PHE C 66 15.47 24.20 -9.12
C PHE C 66 14.98 25.50 -9.80
N ALA C 67 15.65 25.93 -10.86
CA ALA C 67 15.27 27.13 -11.61
C ALA C 67 14.15 26.89 -12.63
N GLY C 68 13.79 25.63 -12.86
CA GLY C 68 12.79 25.25 -13.85
C GLY C 68 13.30 25.28 -15.29
N GLU C 69 14.63 25.31 -15.46
CA GLU C 69 15.26 25.27 -16.79
C GLU C 69 15.33 23.85 -17.37
N LEU C 70 15.23 22.86 -16.50
CA LEU C 70 15.05 21.44 -16.89
C LEU C 70 13.78 20.90 -16.25
N ASP C 71 13.18 19.87 -16.83
CA ASP C 71 11.91 19.33 -16.31
C ASP C 71 12.07 18.16 -15.30
N HIS C 72 13.30 17.95 -14.81
CA HIS C 72 13.65 16.98 -13.75
C HIS C 72 12.75 17.20 -12.52
N TYR C 73 12.23 16.14 -11.92
CA TYR C 73 11.42 16.25 -10.69
C TYR C 73 12.28 16.80 -9.53
N VAL C 74 11.65 17.55 -8.63
CA VAL C 74 12.36 18.26 -7.57
C VAL C 74 11.84 17.91 -6.17
N TYR C 75 10.52 17.98 -5.97
CA TYR C 75 9.89 17.69 -4.65
C TYR C 75 8.42 17.30 -4.80
N SER C 76 8.03 16.21 -4.16
CA SER C 76 6.70 15.63 -4.40
C SER C 76 5.47 16.46 -3.94
N ARG C 77 5.69 17.50 -3.13
CA ARG C 77 4.58 18.42 -2.75
C ARG C 77 3.96 19.09 -3.98
N TYR C 78 4.76 19.25 -5.04
CA TYR C 78 4.26 19.87 -6.27
C TYR C 78 4.58 19.17 -7.57
N GLY C 79 5.26 18.01 -7.51
CA GLY C 79 5.41 17.18 -8.70
C GLY C 79 5.97 15.81 -8.40
N ASN C 80 5.30 14.78 -8.91
CA ASN C 80 5.66 13.36 -8.71
C ASN C 80 5.26 12.52 -9.95
N PRO C 81 6.11 11.57 -10.43
CA PRO C 81 5.80 10.84 -11.68
C PRO C 81 4.48 10.01 -11.69
N THR C 82 4.09 9.46 -10.54
CA THR C 82 2.79 8.72 -10.41
C THR C 82 1.59 9.69 -10.38
N VAL C 83 1.74 10.81 -9.67
CA VAL C 83 0.69 11.86 -9.67
C VAL C 83 0.47 12.43 -11.10
N SER C 84 1.55 12.54 -11.88
CA SER C 84 1.48 13.04 -13.28
C SER C 84 0.63 12.15 -14.20
N VAL C 85 0.74 10.83 -14.04
CA VAL C 85 -0.10 9.87 -14.78
C VAL C 85 -1.60 10.09 -14.48
N PHE C 86 -1.99 10.17 -13.21
CA PHE C 86 -3.38 10.52 -12.87
C PHE C 86 -3.87 11.84 -13.50
N GLU C 87 -3.07 12.89 -13.37
CA GLU C 87 -3.43 14.22 -13.86
C GLU C 87 -3.65 14.18 -15.38
N GLU C 88 -2.73 13.57 -16.11
CA GLU C 88 -2.81 13.52 -17.58
C GLU C 88 -3.96 12.65 -18.07
N ARG C 89 -4.19 11.51 -17.41
CA ARG C 89 -5.29 10.61 -17.77
C ARG C 89 -6.64 11.33 -17.64
N LEU C 90 -6.88 11.96 -16.48
CA LEU C 90 -8.10 12.78 -16.29
C LEU C 90 -8.26 13.96 -17.29
N ARG C 91 -7.15 14.66 -17.58
CA ARG C 91 -7.13 15.76 -18.55
C ARG C 91 -7.62 15.32 -19.93
N LEU C 92 -7.21 14.13 -20.35
CA LEU C 92 -7.55 13.60 -21.67
C LEU C 92 -9.01 13.10 -21.72
N ILE C 93 -9.50 12.55 -20.61
CA ILE C 93 -10.91 12.15 -20.49
C ILE C 93 -11.84 13.37 -20.50
N GLU C 94 -11.40 14.46 -19.89
CA GLU C 94 -12.21 15.70 -19.82
C GLU C 94 -12.17 16.54 -21.11
N GLY C 95 -11.01 16.57 -21.76
CA GLY C 95 -10.75 17.49 -22.87
C GLY C 95 -10.33 18.87 -22.38
N ALA C 96 -9.52 18.91 -21.31
CA ALA C 96 -9.04 20.16 -20.72
C ALA C 96 -7.62 20.52 -21.19
N PRO C 97 -7.22 21.81 -21.09
CA PRO C 97 -5.85 22.19 -21.41
C PRO C 97 -4.77 21.74 -20.40
N ALA C 98 -5.13 21.65 -19.12
CA ALA C 98 -4.13 21.38 -18.06
C ALA C 98 -4.84 20.95 -16.78
N ALA C 99 -4.10 20.31 -15.86
CA ALA C 99 -4.67 19.74 -14.62
C ALA C 99 -3.71 19.71 -13.41
N PHE C 100 -4.26 19.88 -12.21
CA PHE C 100 -3.46 19.79 -10.95
C PHE C 100 -4.22 18.98 -9.86
N ALA C 101 -3.61 17.90 -9.36
CA ALA C 101 -4.24 17.01 -8.37
C ALA C 101 -4.15 17.58 -6.95
N THR C 102 -5.11 17.22 -6.10
CA THR C 102 -5.21 17.74 -4.72
C THR C 102 -5.55 16.65 -3.67
N ALA C 103 -5.41 16.98 -2.38
CA ALA C 103 -5.68 16.02 -1.30
C ALA C 103 -7.14 15.55 -1.12
N SER C 104 -8.09 16.39 -1.55
CA SER C 104 -9.54 16.09 -1.48
C SER C 104 -10.32 16.98 -2.47
N GLY C 105 -11.59 16.64 -2.71
CA GLY C 105 -12.47 17.49 -3.53
C GLY C 105 -12.65 18.90 -2.95
N MET C 106 -12.71 19.01 -1.62
CA MET C 106 -12.86 20.33 -0.98
C MET C 106 -11.58 21.17 -1.09
N ALA C 107 -10.42 20.51 -1.19
CA ALA C 107 -9.17 21.25 -1.39
C ALA C 107 -9.12 21.81 -2.82
N ALA C 108 -9.71 21.08 -3.76
CA ALA C 108 -9.85 21.57 -5.14
C ALA C 108 -10.80 22.77 -5.22
N VAL C 109 -11.94 22.70 -4.52
CA VAL C 109 -12.91 23.83 -4.48
C VAL C 109 -12.24 25.07 -3.88
N PHE C 110 -11.69 24.96 -2.65
CA PHE C 110 -11.09 26.12 -1.98
C PHE C 110 -9.90 26.72 -2.75
N THR C 111 -9.03 25.87 -3.27
CA THR C 111 -7.81 26.35 -3.92
C THR C 111 -8.09 26.97 -5.30
N SER C 112 -9.04 26.41 -6.04
CA SER C 112 -9.43 26.97 -7.34
C SER C 112 -9.98 28.41 -7.18
N LEU C 113 -10.83 28.61 -6.18
CA LEU C 113 -11.41 29.93 -5.92
C LEU C 113 -10.43 30.90 -5.24
N GLY C 114 -9.60 30.38 -4.33
CA GLY C 114 -8.51 31.14 -3.75
C GLY C 114 -7.51 31.71 -4.76
N ALA C 115 -7.23 30.95 -5.81
CA ALA C 115 -6.36 31.43 -6.90
C ALA C 115 -6.96 32.60 -7.72
N LEU C 116 -8.28 32.78 -7.63
CA LEU C 116 -8.99 33.84 -8.39
C LEU C 116 -9.38 35.05 -7.54
N LEU C 117 -9.45 34.84 -6.22
CA LEU C 117 -10.05 35.81 -5.30
C LEU C 117 -9.12 36.15 -4.15
N GLY C 118 -8.64 37.39 -4.12
CA GLY C 118 -7.93 37.95 -2.97
C GLY C 118 -8.84 38.95 -2.26
N ALA C 119 -8.35 39.51 -1.16
CA ALA C 119 -9.13 40.52 -0.43
C ALA C 119 -9.51 41.68 -1.37
N GLY C 120 -10.79 42.04 -1.36
CA GLY C 120 -11.31 43.13 -2.21
C GLY C 120 -11.92 42.67 -3.52
N ASP C 121 -11.94 41.36 -3.76
CA ASP C 121 -12.50 40.80 -4.99
C ASP C 121 -13.93 40.27 -4.77
N ARG C 122 -14.63 39.99 -5.86
CA ARG C 122 -16.06 39.72 -5.82
C ARG C 122 -16.45 38.36 -6.44
N LEU C 123 -17.23 37.59 -5.69
CA LEU C 123 -17.73 36.27 -6.10
C LEU C 123 -19.27 36.25 -6.14
N VAL C 124 -19.83 35.77 -7.24
CA VAL C 124 -21.26 35.47 -7.34
C VAL C 124 -21.44 33.94 -7.38
N ALA C 125 -22.24 33.40 -6.44
CA ALA C 125 -22.42 31.95 -6.30
C ALA C 125 -23.88 31.55 -6.24
N ALA C 126 -24.18 30.33 -6.70
CA ALA C 126 -25.50 29.73 -6.48
C ALA C 126 -25.64 29.36 -5.01
N ARG C 127 -26.88 29.37 -4.53
CA ARG C 127 -27.22 29.06 -3.14
C ARG C 127 -27.33 27.54 -2.87
N SER C 128 -27.81 26.79 -3.84
CA SER C 128 -28.04 25.35 -3.70
C SER C 128 -26.72 24.57 -3.88
N LEU C 129 -26.03 24.32 -2.77
CA LEU C 129 -24.68 23.72 -2.76
C LEU C 129 -24.50 22.62 -1.73
N PHE C 130 -23.52 21.73 -1.98
CA PHE C 130 -22.93 20.85 -0.95
C PHE C 130 -22.59 21.70 0.28
N GLY C 131 -22.95 21.20 1.47
CA GLY C 131 -22.67 21.87 2.75
C GLY C 131 -21.34 22.60 2.91
N SER C 132 -20.23 21.89 2.71
CA SER C 132 -18.90 22.47 2.82
C SER C 132 -18.58 23.52 1.76
N CYS C 133 -19.18 23.40 0.58
CA CYS C 133 -18.97 24.42 -0.45
C CYS C 133 -19.65 25.73 0.01
N PHE C 134 -20.82 25.59 0.62
CA PHE C 134 -21.54 26.75 1.15
C PHE C 134 -20.73 27.46 2.23
N VAL C 135 -20.09 26.69 3.11
CA VAL C 135 -19.27 27.24 4.18
C VAL C 135 -18.05 27.99 3.61
N VAL C 136 -17.43 27.43 2.58
CA VAL C 136 -16.29 28.09 1.89
C VAL C 136 -16.68 29.47 1.35
N CYS C 137 -17.81 29.51 0.62
CA CYS C 137 -18.27 30.73 -0.03
C CYS C 137 -18.84 31.79 0.93
N SER C 138 -19.53 31.34 1.97
CA SER C 138 -20.26 32.27 2.86
C SER C 138 -19.50 32.73 4.11
N GLU C 139 -18.55 31.91 4.59
CA GLU C 139 -17.83 32.19 5.84
C GLU C 139 -16.30 32.29 5.70
N ILE C 140 -15.68 31.24 5.13
CA ILE C 140 -14.20 31.19 5.05
C ILE C 140 -13.56 32.28 4.16
N LEU C 141 -13.99 32.38 2.91
CA LEU C 141 -13.41 33.39 2.02
C LEU C 141 -13.78 34.85 2.42
N PRO C 142 -15.03 35.10 2.88
CA PRO C 142 -15.31 36.45 3.39
C PRO C 142 -14.49 36.87 4.64
N ARG C 143 -14.08 35.92 5.48
CA ARG C 143 -13.16 36.23 6.60
C ARG C 143 -11.83 36.79 6.09
N TRP C 144 -11.45 36.39 4.87
CA TRP C 144 -10.24 36.87 4.22
C TRP C 144 -10.52 37.96 3.17
N GLY C 145 -11.68 38.60 3.30
CA GLY C 145 -11.93 39.87 2.62
C GLY C 145 -12.67 39.83 1.30
N VAL C 146 -13.12 38.64 0.90
CA VAL C 146 -13.88 38.45 -0.33
C VAL C 146 -15.35 38.86 -0.14
N GLN C 147 -15.90 39.53 -1.14
CA GLN C 147 -17.31 39.91 -1.17
C GLN C 147 -18.10 38.86 -1.92
N THR C 148 -19.01 38.18 -1.22
CA THR C 148 -19.82 37.11 -1.83
C THR C 148 -21.31 37.47 -1.91
N VAL C 149 -21.90 37.34 -3.10
CA VAL C 149 -23.34 37.49 -3.32
C VAL C 149 -23.96 36.15 -3.78
N PHE C 150 -25.03 35.72 -3.12
CA PHE C 150 -25.75 34.50 -3.52
C PHE C 150 -26.99 34.77 -4.40
N VAL C 151 -27.27 33.82 -5.29
CA VAL C 151 -28.46 33.86 -6.14
C VAL C 151 -29.15 32.48 -6.19
N ASP C 152 -30.40 32.42 -6.63
CA ASP C 152 -31.06 31.15 -6.95
C ASP C 152 -30.61 30.72 -8.35
N GLY C 153 -29.87 29.61 -8.42
CA GLY C 153 -29.21 29.16 -9.65
C GLY C 153 -30.10 29.01 -10.87
N ASP C 154 -31.37 28.65 -10.61
CA ASP C 154 -32.35 28.44 -11.67
C ASP C 154 -33.06 29.72 -12.18
N ASP C 155 -32.59 30.90 -11.73
CA ASP C 155 -33.23 32.19 -12.07
C ASP C 155 -32.27 33.14 -12.81
N LEU C 156 -32.33 33.12 -14.14
CA LEU C 156 -31.41 33.92 -14.96
C LEU C 156 -31.51 35.43 -14.78
N SER C 157 -32.70 35.92 -14.37
CA SER C 157 -32.85 37.35 -14.07
C SER C 157 -32.08 37.76 -12.81
N GLN C 158 -31.96 36.84 -11.85
CA GLN C 158 -31.13 37.05 -10.67
C GLN C 158 -29.63 37.07 -11.00
N TRP C 159 -29.20 36.12 -11.85
CA TRP C 159 -27.82 36.10 -12.38
C TRP C 159 -27.51 37.43 -13.07
N GLU C 160 -28.47 37.91 -13.89
CA GLU C 160 -28.32 39.17 -14.63
C GLU C 160 -28.04 40.37 -13.71
N ARG C 161 -28.82 40.49 -12.65
CA ARG C 161 -28.71 41.59 -11.67
C ARG C 161 -27.41 41.54 -10.84
N ALA C 162 -27.00 40.34 -10.44
CA ALA C 162 -25.73 40.18 -9.72
C ALA C 162 -24.50 40.47 -10.59
N LEU C 163 -24.60 40.16 -11.88
CA LEU C 163 -23.46 40.31 -12.79
C LEU C 163 -23.42 41.65 -13.53
N SER C 164 -24.28 42.60 -13.14
CA SER C 164 -24.32 43.92 -13.76
C SER C 164 -23.20 44.86 -13.31
N VAL C 165 -22.37 44.41 -12.36
CA VAL C 165 -21.15 45.13 -11.96
C VAL C 165 -19.91 44.22 -12.16
N PRO C 166 -18.69 44.81 -12.26
CA PRO C 166 -17.49 43.99 -12.46
C PRO C 166 -17.29 42.90 -11.38
N THR C 167 -16.96 41.68 -11.81
CA THR C 167 -16.93 40.50 -10.95
C THR C 167 -15.69 39.64 -11.30
N GLN C 168 -15.09 39.02 -10.28
CA GLN C 168 -13.88 38.21 -10.50
C GLN C 168 -14.15 36.71 -10.73
N ALA C 169 -15.14 36.16 -10.02
CA ALA C 169 -15.43 34.73 -10.12
C ALA C 169 -16.91 34.39 -9.95
N VAL C 170 -17.30 33.25 -10.54
CA VAL C 170 -18.65 32.70 -10.46
C VAL C 170 -18.51 31.20 -10.16
N PHE C 171 -19.29 30.69 -9.19
CA PHE C 171 -19.27 29.27 -8.78
C PHE C 171 -20.66 28.62 -8.70
N PHE C 172 -20.79 27.39 -9.20
CA PHE C 172 -22.03 26.61 -9.05
C PHE C 172 -21.85 25.12 -9.29
N GLU C 173 -22.80 24.33 -8.78
CA GLU C 173 -22.90 22.90 -9.04
C GLU C 173 -24.15 22.67 -9.85
N THR C 174 -24.09 21.73 -10.79
CA THR C 174 -25.29 21.33 -11.52
C THR C 174 -25.14 19.90 -12.01
N PRO C 175 -26.11 19.02 -11.67
CA PRO C 175 -27.25 19.23 -10.76
C PRO C 175 -26.75 19.44 -9.32
N SER C 176 -27.53 20.13 -8.48
CA SER C 176 -27.14 20.39 -7.08
C SER C 176 -27.34 19.20 -6.14
N ASN C 177 -26.57 19.19 -5.04
CA ASN C 177 -26.56 18.13 -4.02
C ASN C 177 -27.25 18.68 -2.76
N PRO C 178 -28.42 18.13 -2.37
CA PRO C 178 -29.17 16.98 -2.91
C PRO C 178 -30.42 17.26 -3.77
N MET C 179 -30.82 18.52 -3.92
CA MET C 179 -32.12 18.85 -4.52
C MET C 179 -32.18 18.67 -6.05
N GLN C 180 -31.02 18.52 -6.67
CA GLN C 180 -30.92 18.29 -8.12
C GLN C 180 -31.56 19.40 -8.98
N SER C 181 -31.44 20.63 -8.48
CA SER C 181 -31.72 21.85 -9.22
C SER C 181 -30.65 22.06 -10.30
N LEU C 182 -31.07 22.54 -11.47
CA LEU C 182 -30.14 22.77 -12.59
C LEU C 182 -29.78 24.25 -12.82
N VAL C 183 -28.61 24.48 -13.40
CA VAL C 183 -28.15 25.81 -13.83
C VAL C 183 -27.88 25.75 -15.34
N ASP C 184 -28.42 26.70 -16.10
CA ASP C 184 -28.18 26.78 -17.56
C ASP C 184 -26.74 27.25 -17.81
N ILE C 185 -25.85 26.30 -18.13
CA ILE C 185 -24.40 26.58 -18.22
C ILE C 185 -24.04 27.64 -19.29
N ALA C 186 -24.51 27.45 -20.51
CA ALA C 186 -24.15 28.36 -21.60
C ALA C 186 -24.62 29.79 -21.32
N ALA C 187 -25.80 29.91 -20.71
CA ALA C 187 -26.41 31.23 -20.44
C ALA C 187 -25.73 32.00 -19.31
N VAL C 188 -25.39 31.32 -18.21
CA VAL C 188 -24.65 31.94 -17.11
C VAL C 188 -23.22 32.35 -17.54
N THR C 189 -22.57 31.50 -18.33
CA THR C 189 -21.22 31.76 -18.85
C THR C 189 -21.15 33.06 -19.67
N GLU C 190 -22.16 33.29 -20.50
CA GLU C 190 -22.23 34.49 -21.35
C GLU C 190 -22.28 35.76 -20.50
N LEU C 191 -23.13 35.73 -19.47
CA LEU C 191 -23.30 36.84 -18.54
C LEU C 191 -22.06 37.08 -17.68
N ALA C 192 -21.42 36.00 -17.24
CA ALA C 192 -20.21 36.11 -16.43
C ALA C 192 -19.03 36.73 -17.20
N HIS C 193 -18.88 36.34 -18.46
CA HIS C 193 -17.78 36.87 -19.28
C HIS C 193 -17.96 38.35 -19.61
N ALA C 194 -19.21 38.79 -19.79
CA ALA C 194 -19.51 40.23 -19.97
C ALA C 194 -19.12 41.06 -18.75
N ALA C 195 -19.17 40.46 -17.56
CA ALA C 195 -18.74 41.13 -16.32
C ALA C 195 -17.23 40.97 -15.99
N GLY C 196 -16.51 40.24 -16.85
CA GLY C 196 -15.06 40.00 -16.66
C GLY C 196 -14.68 38.84 -15.73
N ALA C 197 -15.66 37.98 -15.40
CA ALA C 197 -15.46 36.93 -14.38
C ALA C 197 -15.01 35.62 -15.02
N LYS C 198 -14.37 34.76 -14.22
CA LYS C 198 -14.07 33.38 -14.63
C LYS C 198 -15.06 32.42 -13.98
N VAL C 199 -15.56 31.47 -14.76
CA VAL C 199 -16.59 30.52 -14.30
C VAL C 199 -15.94 29.20 -13.86
N VAL C 200 -16.17 28.82 -12.59
CA VAL C 200 -15.79 27.54 -11.99
C VAL C 200 -17.02 26.60 -11.81
N LEU C 201 -16.99 25.46 -12.50
CA LEU C 201 -18.04 24.44 -12.35
C LEU C 201 -17.58 23.21 -11.54
N ASP C 202 -18.31 22.88 -10.48
CA ASP C 202 -18.16 21.63 -9.75
C ASP C 202 -18.99 20.55 -10.45
N ASN C 203 -18.32 19.54 -11.02
CA ASN C 203 -18.98 18.56 -11.88
C ASN C 203 -19.07 17.13 -11.31
N VAL C 204 -19.08 17.05 -9.97
CA VAL C 204 -19.09 15.78 -9.24
C VAL C 204 -20.32 14.90 -9.50
N PHE C 205 -21.52 15.50 -9.42
CA PHE C 205 -22.77 14.74 -9.52
C PHE C 205 -22.92 14.10 -10.91
N ALA C 206 -22.48 14.82 -11.95
CA ALA C 206 -22.63 14.38 -13.34
C ALA C 206 -21.51 13.46 -13.88
N THR C 207 -20.26 13.71 -13.46
CA THR C 207 -19.04 13.04 -13.99
C THR C 207 -18.72 13.47 -15.42
N PRO C 208 -17.48 13.21 -15.88
CA PRO C 208 -17.06 13.59 -17.24
C PRO C 208 -17.81 12.84 -18.33
N LEU C 209 -18.47 11.74 -17.97
CA LEU C 209 -19.19 10.93 -18.96
C LEU C 209 -20.57 11.48 -19.40
N LEU C 210 -21.20 12.27 -18.55
CA LEU C 210 -22.57 12.74 -18.80
C LEU C 210 -22.74 14.26 -19.02
N GLN C 211 -21.73 15.06 -18.68
CA GLN C 211 -21.78 16.52 -18.85
C GLN C 211 -20.37 17.11 -19.08
N GLN C 212 -20.22 17.88 -20.16
CA GLN C 212 -18.91 18.48 -20.50
C GLN C 212 -18.96 20.00 -20.64
N GLY C 213 -18.37 20.70 -19.67
CA GLY C 213 -18.48 22.15 -19.55
C GLY C 213 -17.59 23.04 -20.41
N PHE C 214 -16.42 22.53 -20.80
CA PHE C 214 -15.49 23.34 -21.61
C PHE C 214 -16.08 23.74 -22.98
N PRO C 215 -16.76 22.81 -23.69
CA PRO C 215 -17.41 23.25 -24.96
C PRO C 215 -18.49 24.33 -24.81
N LEU C 216 -19.02 24.49 -23.59
CA LEU C 216 -20.03 25.50 -23.29
C LEU C 216 -19.47 26.83 -22.73
N GLY C 217 -18.13 26.98 -22.72
CA GLY C 217 -17.50 28.24 -22.31
C GLY C 217 -16.89 28.33 -20.91
N VAL C 218 -17.15 27.32 -20.06
CA VAL C 218 -16.60 27.28 -18.68
C VAL C 218 -15.06 27.46 -18.68
N ASP C 219 -14.54 28.16 -17.66
CA ASP C 219 -13.09 28.42 -17.53
C ASP C 219 -12.33 27.38 -16.70
N VAL C 220 -12.99 26.85 -15.66
CA VAL C 220 -12.37 25.91 -14.68
C VAL C 220 -13.37 24.82 -14.28
N VAL C 221 -12.96 23.55 -14.30
CA VAL C 221 -13.79 22.45 -13.75
C VAL C 221 -13.08 21.76 -12.58
N VAL C 222 -13.81 21.54 -11.48
CA VAL C 222 -13.26 20.84 -10.30
C VAL C 222 -13.99 19.51 -10.04
N TYR C 223 -13.22 18.50 -9.60
CA TYR C 223 -13.74 17.16 -9.26
C TYR C 223 -13.31 16.70 -7.86
N SER C 224 -14.16 15.87 -7.26
CA SER C 224 -13.76 15.03 -6.13
C SER C 224 -13.40 13.64 -6.66
N GLY C 225 -12.17 13.20 -6.44
CA GLY C 225 -11.76 11.82 -6.77
C GLY C 225 -12.38 10.76 -5.88
N THR C 226 -12.84 11.20 -4.70
CA THR C 226 -13.37 10.34 -3.64
C THR C 226 -14.63 9.58 -4.09
N HIS C 228 -17.12 8.92 -7.81
CA HIS C 228 -17.15 7.93 -8.91
C HIS C 228 -15.78 7.51 -9.46
N ILE C 229 -14.82 8.45 -9.45
CA ILE C 229 -13.45 8.17 -9.91
C ILE C 229 -12.79 6.99 -9.17
N ASP C 230 -12.78 7.02 -7.82
CA ASP C 230 -12.40 5.86 -7.01
C ASP C 230 -13.39 4.70 -7.28
N GLY C 231 -14.68 5.03 -7.13
CA GLY C 231 -15.77 4.08 -7.39
C GLY C 231 -16.08 3.05 -6.34
N GLN C 232 -15.19 2.89 -5.36
CA GLN C 232 -15.33 1.81 -4.36
C GLN C 232 -15.08 2.30 -2.93
N GLY C 233 -15.18 3.61 -2.72
CA GLY C 233 -15.09 4.20 -1.39
C GLY C 233 -13.82 3.99 -0.58
N ARG C 234 -12.66 3.93 -1.26
CA ARG C 234 -11.38 3.62 -0.60
C ARG C 234 -10.57 4.84 -0.09
N VAL C 235 -10.34 5.82 -0.96
CA VAL C 235 -9.46 6.97 -0.64
C VAL C 235 -10.06 8.35 -0.98
N LEU C 236 -9.40 9.40 -0.48
CA LEU C 236 -9.74 10.80 -0.82
C LEU C 236 -8.80 11.39 -1.87
N GLY C 237 -9.33 12.32 -2.65
CA GLY C 237 -8.56 13.02 -3.69
C GLY C 237 -9.38 14.06 -4.44
N GLY C 238 -8.70 15.01 -5.08
CA GLY C 238 -9.37 15.99 -5.96
C GLY C 238 -8.57 16.40 -7.18
N ALA C 239 -9.17 17.24 -8.03
CA ALA C 239 -8.46 17.83 -9.20
C ALA C 239 -8.99 19.21 -9.63
N ILE C 240 -8.09 20.06 -10.13
CA ILE C 240 -8.43 21.36 -10.74
C ILE C 240 -8.02 21.34 -12.21
N LEU C 241 -8.98 21.63 -13.09
CA LEU C 241 -8.75 21.62 -14.55
C LEU C 241 -9.03 23.00 -15.16
N GLY C 242 -8.13 23.46 -16.04
CA GLY C 242 -8.26 24.77 -16.69
C GLY C 242 -7.12 25.17 -17.64
N ASP C 243 -6.92 26.48 -17.81
CA ASP C 243 -5.92 27.07 -18.72
C ASP C 243 -4.50 26.80 -18.26
N ARG C 244 -3.57 26.65 -19.19
CA ARG C 244 -2.16 26.48 -18.82
C ARG C 244 -1.64 27.66 -18.00
N GLU C 245 -2.01 28.88 -18.42
CA GLU C 245 -1.64 30.10 -17.67
C GLU C 245 -2.15 30.09 -16.22
N TYR C 246 -3.41 29.70 -16.04
CA TYR C 246 -4.04 29.61 -14.72
C TYR C 246 -3.46 28.49 -13.85
N ILE C 247 -3.37 27.28 -14.41
CA ILE C 247 -2.87 26.09 -13.67
C ILE C 247 -1.41 26.26 -13.22
N ASP C 248 -0.55 26.69 -14.16
CA ASP C 248 0.87 26.89 -13.91
C ASP C 248 1.20 28.16 -13.15
N GLY C 249 0.25 29.09 -13.06
CA GLY C 249 0.46 30.37 -12.38
C GLY C 249 -0.06 30.44 -10.95
N PRO C 250 -1.22 31.08 -10.73
CA PRO C 250 -1.78 31.25 -9.38
C PRO C 250 -2.16 29.93 -8.68
N VAL C 251 -2.66 28.95 -9.44
CA VAL C 251 -2.94 27.60 -8.87
C VAL C 251 -1.68 26.91 -8.33
N GLN C 252 -0.66 26.82 -9.19
CA GLN C 252 0.64 26.25 -8.79
C GLN C 252 1.29 26.95 -7.58
N LYS C 253 1.18 28.28 -7.50
CA LYS C 253 1.70 29.03 -6.35
C LYS C 253 1.09 28.57 -5.02
N LEU C 254 -0.24 28.50 -4.97
CA LEU C 254 -0.95 28.04 -3.78
C LEU C 254 -0.64 26.57 -3.45
N MET C 255 -0.55 25.73 -4.48
CA MET C 255 -0.27 24.30 -4.27
C MET C 255 1.12 24.05 -3.67
N ARG C 256 2.15 24.69 -4.24
CA ARG C 256 3.53 24.57 -3.74
CA ARG C 256 3.52 24.55 -3.74
C ARG C 256 3.67 25.08 -2.31
N HIS C 257 3.06 26.24 -2.03
CA HIS C 257 3.33 26.90 -0.76
C HIS C 257 2.35 26.65 0.39
N THR C 258 1.09 26.30 0.11
CA THR C 258 0.16 25.88 1.17
C THR C 258 -0.03 24.34 1.29
N GLY C 259 0.47 23.60 0.32
CA GLY C 259 0.62 22.13 0.44
C GLY C 259 -0.58 21.18 0.65
N PRO C 260 -1.73 21.39 -0.04
CA PRO C 260 -2.77 20.33 0.07
C PRO C 260 -2.58 19.18 -0.95
N ALA C 261 -1.46 18.46 -0.77
CA ALA C 261 -0.90 17.53 -1.76
C ALA C 261 -1.56 16.13 -1.77
N MET C 262 -1.81 15.61 -2.97
CA MET C 262 -2.24 14.22 -3.18
C MET C 262 -1.05 13.28 -2.93
N SER C 263 -1.30 12.22 -2.16
CA SER C 263 -0.35 11.13 -1.92
C SER C 263 -0.13 10.32 -3.20
N ALA C 264 1.11 9.89 -3.44
CA ALA C 264 1.43 9.02 -4.59
C ALA C 264 0.66 7.70 -4.53
N PHE C 265 0.45 7.16 -3.31
CA PHE C 265 -0.42 5.97 -3.14
C PHE C 265 -1.85 6.25 -3.61
N ASN C 266 -2.43 7.36 -3.17
CA ASN C 266 -3.81 7.67 -3.55
C ASN C 266 -3.92 7.87 -5.07
N ALA C 267 -2.93 8.53 -5.66
CA ALA C 267 -2.85 8.71 -7.12
C ALA C 267 -2.91 7.38 -7.90
N TRP C 268 -2.18 6.37 -7.42
CA TRP C 268 -2.20 5.01 -7.96
C TRP C 268 -3.62 4.40 -7.91
N VAL C 269 -4.25 4.41 -6.74
CA VAL C 269 -5.64 3.93 -6.61
C VAL C 269 -6.59 4.61 -7.62
N LEU C 270 -6.50 5.94 -7.75
CA LEU C 270 -7.47 6.69 -8.54
C LEU C 270 -7.22 6.55 -10.04
N LEU C 271 -5.96 6.41 -10.47
CA LEU C 271 -5.69 6.29 -11.92
C LEU C 271 -6.13 4.91 -12.44
N LYS C 272 -6.07 3.91 -11.56
CA LYS C 272 -6.59 2.57 -11.86
C LYS C 272 -8.13 2.57 -11.89
N GLY C 273 -8.75 3.38 -11.01
CA GLY C 273 -10.21 3.59 -11.01
C GLY C 273 -10.71 4.17 -12.34
N LEU C 274 -9.93 5.08 -12.93
CA LEU C 274 -10.30 5.70 -14.22
C LEU C 274 -10.47 4.70 -15.38
N GLU C 275 -9.78 3.55 -15.31
CA GLU C 275 -9.88 2.53 -16.35
C GLU C 275 -11.29 1.94 -16.46
N THR C 276 -12.00 1.84 -15.34
CA THR C 276 -13.36 1.25 -15.33
C THR C 276 -14.49 2.28 -15.24
N LEU C 277 -14.15 3.58 -15.25
CA LEU C 277 -15.17 4.64 -15.06
C LEU C 277 -16.29 4.58 -16.07
N ALA C 278 -15.93 4.40 -17.35
CA ALA C 278 -16.94 4.35 -18.42
C ALA C 278 -18.04 3.30 -18.17
N ILE C 279 -17.64 2.03 -18.03
CA ILE C 279 -18.59 0.93 -17.82
C ILE C 279 -19.38 1.00 -16.49
N ARG C 280 -18.74 1.50 -15.44
CA ARG C 280 -19.39 1.65 -14.11
C ARG C 280 -20.52 2.70 -14.13
N VAL C 281 -20.22 3.90 -14.62
CA VAL C 281 -21.23 4.98 -14.78
C VAL C 281 -22.41 4.52 -15.65
N GLN C 282 -22.11 3.87 -16.78
CA GLN C 282 -23.14 3.33 -17.70
CA GLN C 282 -23.16 3.38 -17.68
C GLN C 282 -24.12 2.40 -16.98
N HIS C 283 -23.58 1.47 -16.18
CA HIS C 283 -24.44 0.54 -15.45
CA HIS C 283 -24.42 0.52 -15.41
C HIS C 283 -25.26 1.22 -14.34
N SER C 284 -24.61 2.10 -13.57
CA SER C 284 -25.30 2.79 -12.48
C SER C 284 -26.31 3.85 -12.99
N ASN C 285 -26.03 4.48 -14.12
CA ASN C 285 -26.99 5.42 -14.73
C ASN C 285 -28.29 4.72 -15.13
N ALA C 286 -28.15 3.54 -15.72
CA ALA C 286 -29.28 2.73 -16.17
C ALA C 286 -30.12 2.23 -14.98
N SER C 287 -29.44 1.77 -13.94
CA SER C 287 -30.08 1.31 -12.71
C SER C 287 -30.86 2.45 -11.99
N ALA C 288 -30.23 3.62 -11.86
CA ALA C 288 -30.87 4.80 -11.26
C ALA C 288 -32.16 5.23 -11.98
N GLN C 289 -32.12 5.22 -13.31
CA GLN C 289 -33.28 5.58 -14.12
C GLN C 289 -34.50 4.69 -13.82
N ARG C 290 -34.26 3.38 -13.73
CA ARG C 290 -35.31 2.41 -13.40
C ARG C 290 -35.87 2.61 -11.98
N ILE C 291 -34.98 2.89 -11.03
CA ILE C 291 -35.34 3.12 -9.62
C ILE C 291 -36.19 4.41 -9.49
N ALA C 292 -35.79 5.46 -10.20
CA ALA C 292 -36.55 6.72 -10.23
C ALA C 292 -37.99 6.57 -10.78
N GLU C 293 -38.14 5.80 -11.87
CA GLU C 293 -39.46 5.46 -12.43
C GLU C 293 -40.34 4.66 -11.45
N PHE C 294 -39.72 3.71 -10.72
CA PHE C 294 -40.39 2.95 -9.66
C PHE C 294 -40.94 3.86 -8.55
N LEU C 295 -40.09 4.76 -8.05
CA LEU C 295 -40.46 5.67 -6.98
C LEU C 295 -41.56 6.66 -7.41
N ASN C 296 -41.56 7.02 -8.69
CA ASN C 296 -42.53 8.00 -9.18
C ASN C 296 -43.98 7.48 -9.17
N GLY C 297 -44.15 6.16 -9.19
CA GLY C 297 -45.49 5.56 -9.09
C GLY C 297 -45.92 5.02 -7.72
N HIS C 298 -45.12 5.26 -6.67
CA HIS C 298 -45.37 4.63 -5.36
C HIS C 298 -46.26 5.48 -4.44
N PRO C 299 -47.28 4.85 -3.80
CA PRO C 299 -48.25 5.57 -2.93
C PRO C 299 -47.63 6.37 -1.76
N SER C 300 -46.47 5.95 -1.27
CA SER C 300 -45.82 6.57 -0.10
C SER C 300 -44.95 7.80 -0.46
N VAL C 301 -44.85 8.11 -1.76
CA VAL C 301 -43.93 9.12 -2.29
C VAL C 301 -44.68 10.34 -2.84
N ARG C 302 -44.36 11.54 -2.33
CA ARG C 302 -44.97 12.79 -2.80
C ARG C 302 -44.39 13.29 -4.12
N TRP C 303 -43.06 13.32 -4.23
CA TRP C 303 -42.36 13.70 -5.47
C TRP C 303 -40.97 13.04 -5.61
N VAL C 304 -40.45 13.05 -6.84
CA VAL C 304 -39.12 12.51 -7.16
C VAL C 304 -38.36 13.58 -7.96
N ARG C 305 -37.07 13.75 -7.65
CA ARG C 305 -36.20 14.62 -8.44
CA ARG C 305 -36.21 14.61 -8.45
C ARG C 305 -35.03 13.82 -9.03
N TYR C 306 -35.03 13.67 -10.35
CA TYR C 306 -33.99 12.99 -11.12
C TYR C 306 -34.06 13.63 -12.52
N PRO C 307 -32.92 14.17 -13.03
CA PRO C 307 -32.90 14.99 -14.26
C PRO C 307 -33.47 14.38 -15.54
N TYR C 308 -33.39 13.07 -15.71
CA TYR C 308 -33.88 12.39 -16.93
C TYR C 308 -35.29 11.78 -16.76
N LEU C 309 -35.95 12.08 -15.64
CA LEU C 309 -37.37 11.78 -15.48
C LEU C 309 -38.20 12.96 -16.05
N PRO C 310 -39.14 12.68 -16.99
CA PRO C 310 -39.92 13.77 -17.63
C PRO C 310 -40.67 14.71 -16.66
N SER C 311 -40.88 14.26 -15.42
CA SER C 311 -41.51 15.08 -14.36
C SER C 311 -40.64 16.20 -13.78
N HIS C 312 -39.32 16.18 -14.04
CA HIS C 312 -38.41 17.21 -13.52
C HIS C 312 -38.77 18.59 -14.08
N PRO C 313 -38.88 19.62 -13.21
CA PRO C 313 -39.25 20.98 -13.63
C PRO C 313 -38.37 21.56 -14.74
N GLN C 314 -37.12 21.10 -14.83
CA GLN C 314 -36.17 21.55 -15.85
C GLN C 314 -35.73 20.42 -16.79
N TYR C 315 -36.63 19.46 -17.02
CA TYR C 315 -36.35 18.31 -17.89
C TYR C 315 -35.80 18.73 -19.25
N ASP C 316 -36.38 19.78 -19.85
CA ASP C 316 -35.95 20.26 -21.16
C ASP C 316 -34.48 20.72 -21.19
N LEU C 317 -34.07 21.47 -20.17
CA LEU C 317 -32.65 21.87 -20.04
C LEU C 317 -31.71 20.67 -19.76
N ALA C 318 -32.17 19.68 -18.99
CA ALA C 318 -31.39 18.45 -18.75
C ALA C 318 -31.06 17.73 -20.06
N LYS C 319 -32.06 17.59 -20.92
CA LYS C 319 -31.87 17.00 -22.26
C LYS C 319 -30.92 17.81 -23.13
N ARG C 320 -30.83 19.13 -22.88
CA ARG C 320 -29.96 20.00 -23.64
C ARG C 320 -28.47 19.81 -23.32
N GLN C 321 -28.13 19.76 -22.03
CA GLN C 321 -26.73 19.84 -21.61
C GLN C 321 -26.18 18.57 -20.89
N MET C 322 -27.01 17.53 -20.75
CA MET C 322 -26.61 16.23 -20.19
C MET C 322 -26.96 15.06 -21.13
N SER C 323 -26.13 14.03 -21.13
CA SER C 323 -26.42 12.80 -21.88
C SER C 323 -27.09 11.71 -21.03
N GLY C 324 -27.19 11.94 -19.72
CA GLY C 324 -27.89 11.04 -18.81
C GLY C 324 -28.22 11.76 -17.51
N GLY C 325 -29.07 11.15 -16.68
CA GLY C 325 -29.52 11.78 -15.45
C GLY C 325 -28.59 11.66 -14.25
N GLY C 326 -27.70 10.67 -14.26
CA GLY C 326 -26.77 10.43 -13.15
C GLY C 326 -27.02 9.15 -12.36
N THR C 327 -26.40 9.06 -11.19
CA THR C 327 -26.46 7.85 -10.35
C THR C 327 -27.13 8.05 -8.97
N VAL C 328 -27.66 9.25 -8.72
CA VAL C 328 -28.29 9.57 -7.43
C VAL C 328 -29.78 9.91 -7.64
N VAL C 329 -30.65 9.41 -6.75
CA VAL C 329 -32.10 9.67 -6.80
C VAL C 329 -32.60 10.27 -5.47
N THR C 330 -33.28 11.42 -5.56
CA THR C 330 -33.80 12.14 -4.40
C THR C 330 -35.34 12.10 -4.46
N PHE C 331 -35.98 11.91 -3.30
CA PHE C 331 -37.46 11.87 -3.21
C PHE C 331 -37.98 12.41 -1.87
N ALA C 332 -39.27 12.81 -1.83
CA ALA C 332 -39.91 13.22 -0.57
C ALA C 332 -41.05 12.27 -0.19
N LEU C 333 -41.18 11.98 1.10
CA LEU C 333 -42.26 11.15 1.60
C LEU C 333 -43.55 11.95 1.73
N ASP C 334 -44.70 11.28 1.58
CA ASP C 334 -46.01 11.93 1.72
C ASP C 334 -46.43 11.91 3.20
N CYS C 335 -45.98 12.94 3.94
CA CYS C 335 -46.17 13.03 5.39
C CYS C 335 -46.10 14.52 5.78
N PRO C 336 -47.04 15.01 6.60
CA PRO C 336 -46.94 16.42 7.03
C PRO C 336 -45.58 16.77 7.66
N GLU C 337 -45.16 18.01 7.49
CA GLU C 337 -43.80 18.44 7.83
C GLU C 337 -43.44 18.26 9.31
N ASP C 338 -44.40 18.53 10.20
CA ASP C 338 -44.15 18.45 11.65
C ASP C 338 -43.77 17.06 12.17
N VAL C 339 -44.14 16.02 11.44
CA VAL C 339 -43.78 14.65 11.84
C VAL C 339 -42.99 13.86 10.79
N ALA C 340 -42.52 14.54 9.74
CA ALA C 340 -41.81 13.89 8.64
C ALA C 340 -40.47 13.21 9.02
N LYS C 341 -39.72 13.81 9.94
CA LYS C 341 -38.46 13.20 10.45
C LYS C 341 -38.68 11.80 11.06
N GLN C 342 -39.72 11.66 11.89
CA GLN C 342 -40.10 10.37 12.45
C GLN C 342 -40.35 9.32 11.37
N ARG C 343 -41.08 9.70 10.32
CA ARG C 343 -41.39 8.80 9.20
C ARG C 343 -40.15 8.45 8.37
N ALA C 344 -39.28 9.42 8.10
CA ALA C 344 -38.01 9.16 7.38
C ALA C 344 -37.12 8.16 8.09
N PHE C 345 -37.04 8.29 9.42
CA PHE C 345 -36.21 7.41 10.24
C PHE C 345 -36.75 5.97 10.21
N GLU C 346 -38.07 5.85 10.26
CA GLU C 346 -38.77 4.57 10.15
C GLU C 346 -38.41 3.82 8.86
N VAL C 347 -38.40 4.54 7.74
CA VAL C 347 -38.06 3.97 6.42
C VAL C 347 -36.59 3.51 6.32
N LEU C 348 -35.65 4.39 6.68
CA LEU C 348 -34.22 4.04 6.63
C LEU C 348 -33.86 2.87 7.53
N ASP C 349 -34.46 2.82 8.73
CA ASP C 349 -34.21 1.73 9.68
C ASP C 349 -34.69 0.34 9.18
N LYS C 350 -35.60 0.33 8.19
CA LYS C 350 -36.14 -0.92 7.64
C LYS C 350 -35.32 -1.55 6.48
N MET C 351 -34.38 -0.79 5.91
CA MET C 351 -33.51 -1.28 4.82
C MET C 351 -32.65 -2.43 5.32
N ARG C 352 -32.43 -3.43 4.47
CA ARG C 352 -31.62 -4.61 4.83
C ARG C 352 -30.43 -4.88 3.90
N LEU C 353 -30.44 -4.25 2.73
CA LEU C 353 -29.35 -4.37 1.76
C LEU C 353 -28.56 -3.04 1.64
N ILE C 354 -29.28 -1.95 1.38
CA ILE C 354 -28.69 -0.59 1.31
C ILE C 354 -28.19 -0.17 2.70
N ASP C 355 -26.96 0.37 2.79
CA ASP C 355 -26.41 0.86 4.09
C ASP C 355 -26.84 2.32 4.31
N ILE C 356 -27.11 2.68 5.56
CA ILE C 356 -27.27 4.09 5.95
C ILE C 356 -25.85 4.73 6.03
N SER C 357 -25.57 5.68 5.14
CA SER C 357 -24.24 6.35 5.10
C SER C 357 -24.29 7.67 4.36
N ASN C 358 -23.43 8.62 4.75
CA ASN C 358 -23.33 9.91 4.06
C ASN C 358 -22.15 9.92 3.07
N ASN C 359 -22.39 9.36 1.88
CA ASN C 359 -21.40 9.32 0.79
C ASN C 359 -22.14 9.01 -0.53
N LEU C 360 -21.43 9.10 -1.64
CA LEU C 360 -21.99 8.69 -2.95
C LEU C 360 -20.89 8.25 -3.92
N GLY C 361 -21.28 7.71 -5.07
CA GLY C 361 -20.32 7.26 -6.09
C GLY C 361 -19.58 5.95 -5.79
N ASP C 362 -20.19 5.08 -4.97
CA ASP C 362 -19.60 3.79 -4.59
C ASP C 362 -20.35 2.64 -5.27
N ALA C 363 -19.66 1.53 -5.52
CA ALA C 363 -20.30 0.29 -5.98
C ALA C 363 -21.34 -0.27 -5.00
N LYS C 364 -21.19 0.05 -3.71
CA LYS C 364 -22.18 -0.25 -2.68
C LYS C 364 -23.25 0.85 -2.64
N SER C 365 -24.53 0.46 -2.73
CA SER C 365 -25.65 1.43 -2.64
C SER C 365 -25.84 1.96 -1.22
N LEU C 366 -26.18 3.26 -1.11
CA LEU C 366 -26.22 3.97 0.18
C LEU C 366 -27.44 4.90 0.29
N VAL C 367 -27.92 5.10 1.52
CA VAL C 367 -29.02 6.07 1.74
C VAL C 367 -28.71 7.05 2.87
N THR C 368 -29.19 8.30 2.73
CA THR C 368 -29.01 9.29 3.79
C THR C 368 -30.20 10.26 3.96
N HIS C 369 -30.36 10.77 5.18
CA HIS C 369 -31.36 11.82 5.50
C HIS C 369 -30.66 13.19 5.62
N PRO C 370 -30.68 14.00 4.56
CA PRO C 370 -29.88 15.24 4.52
C PRO C 370 -30.16 16.27 5.63
N ALA C 371 -31.42 16.47 6.02
CA ALA C 371 -31.77 17.50 6.99
C ALA C 371 -31.13 17.32 8.38
N THR C 372 -30.77 16.07 8.72
CA THR C 372 -30.12 15.78 10.02
C THR C 372 -28.65 15.35 9.92
N THR C 373 -28.11 15.34 8.70
CA THR C 373 -26.70 14.96 8.45
C THR C 373 -25.92 15.97 7.58
N THR C 374 -25.89 15.76 6.27
CA THR C 374 -25.10 16.58 5.32
C THR C 374 -25.44 18.07 5.29
N HIS C 375 -26.69 18.41 5.62
CA HIS C 375 -27.17 19.80 5.62
C HIS C 375 -27.79 20.22 6.95
N ARG C 376 -27.38 19.57 8.04
CA ARG C 376 -27.84 19.90 9.38
C ARG C 376 -27.36 21.31 9.79
N ALA C 377 -26.15 21.66 9.37
CA ALA C 377 -25.49 22.91 9.77
C ALA C 377 -26.24 24.18 9.34
N MET C 378 -26.87 24.15 8.16
CA MET C 378 -27.67 25.25 7.60
C MET C 378 -28.76 25.80 8.54
N GLY C 379 -29.34 24.95 9.37
CA GLY C 379 -30.49 25.33 10.20
C GLY C 379 -31.80 25.34 9.43
N PRO C 380 -32.94 25.39 10.15
CA PRO C 380 -34.28 25.28 9.54
C PRO C 380 -34.59 26.33 8.47
N GLU C 381 -34.12 27.56 8.68
CA GLU C 381 -34.32 28.66 7.73
C GLU C 381 -33.44 28.51 6.48
N GLY C 382 -32.17 28.16 6.68
CA GLY C 382 -31.24 27.90 5.57
C GLY C 382 -31.65 26.74 4.67
N ARG C 383 -32.22 25.70 5.26
CA ARG C 383 -32.72 24.54 4.50
C ARG C 383 -33.98 24.89 3.72
N ALA C 384 -34.89 25.64 4.35
CA ALA C 384 -36.15 26.08 3.72
C ALA C 384 -35.90 26.88 2.45
N ALA C 385 -34.83 27.68 2.43
CA ALA C 385 -34.51 28.54 1.29
C ALA C 385 -34.18 27.77 0.00
N ILE C 386 -33.73 26.52 0.14
CA ILE C 386 -33.46 25.64 -1.00
C ILE C 386 -34.47 24.48 -1.19
N GLY C 387 -35.60 24.54 -0.49
CA GLY C 387 -36.67 23.53 -0.57
C GLY C 387 -36.44 22.17 0.11
N LEU C 388 -35.52 22.13 1.09
CA LEU C 388 -35.10 20.86 1.70
C LEU C 388 -35.76 20.58 3.05
N GLY C 389 -36.92 19.91 3.02
CA GLY C 389 -37.64 19.57 4.26
C GLY C 389 -37.22 18.29 4.97
N ASP C 390 -37.89 17.99 6.08
CA ASP C 390 -37.62 16.81 6.90
C ASP C 390 -38.04 15.49 6.23
N GLY C 391 -38.78 15.58 5.12
CA GLY C 391 -39.28 14.38 4.43
C GLY C 391 -38.41 13.91 3.27
N VAL C 392 -37.32 14.64 3.02
CA VAL C 392 -36.44 14.34 1.88
C VAL C 392 -35.46 13.21 2.21
N VAL C 393 -35.29 12.32 1.24
CA VAL C 393 -34.38 11.14 1.31
C VAL C 393 -33.56 11.05 0.03
N ARG C 394 -32.26 10.71 0.15
CA ARG C 394 -31.35 10.59 -1.00
C ARG C 394 -30.75 9.18 -1.07
N ILE C 395 -30.85 8.54 -2.23
CA ILE C 395 -30.29 7.20 -2.48
C ILE C 395 -29.18 7.27 -3.54
N SER C 396 -27.99 6.78 -3.17
CA SER C 396 -26.89 6.64 -4.14
C SER C 396 -26.86 5.21 -4.69
N VAL C 397 -26.95 5.06 -6.01
CA VAL C 397 -27.12 3.76 -6.67
C VAL C 397 -25.77 3.16 -7.13
N GLY C 398 -25.52 1.91 -6.72
CA GLY C 398 -24.26 1.20 -6.99
C GLY C 398 -24.37 0.11 -8.05
N LEU C 399 -23.66 -1.00 -7.86
CA LEU C 399 -23.58 -2.05 -8.88
C LEU C 399 -24.35 -3.37 -8.57
N GLU C 400 -25.07 -3.42 -7.46
CA GLU C 400 -25.93 -4.59 -7.17
C GLU C 400 -27.06 -4.73 -8.19
N ASP C 401 -27.63 -5.94 -8.29
CA ASP C 401 -28.79 -6.18 -9.17
C ASP C 401 -29.93 -5.19 -8.88
N THR C 402 -30.43 -4.56 -9.95
CA THR C 402 -31.45 -3.51 -9.86
C THR C 402 -32.74 -3.98 -9.15
N ASP C 403 -33.13 -5.23 -9.39
CA ASP C 403 -34.37 -5.75 -8.79
C ASP C 403 -34.20 -6.09 -7.29
N ASP C 404 -32.99 -6.48 -6.89
CA ASP C 404 -32.64 -6.64 -5.47
C ASP C 404 -32.79 -5.32 -4.69
N LEU C 405 -32.36 -4.21 -5.31
CA LEU C 405 -32.45 -2.87 -4.70
C LEU C 405 -33.90 -2.39 -4.62
N ILE C 406 -34.63 -2.45 -5.73
CA ILE C 406 -36.09 -2.15 -5.74
C ILE C 406 -36.88 -2.93 -4.68
N ALA C 407 -36.52 -4.19 -4.46
CA ALA C 407 -37.13 -5.05 -3.43
C ALA C 407 -36.88 -4.55 -2.00
N ASP C 408 -35.66 -4.11 -1.72
CA ASP C 408 -35.29 -3.56 -0.40
C ASP C 408 -36.06 -2.25 -0.14
N ILE C 409 -36.18 -1.41 -1.15
CA ILE C 409 -36.91 -0.11 -1.05
C ILE C 409 -38.43 -0.30 -0.91
N ASP C 410 -39.00 -1.20 -1.71
CA ASP C 410 -40.46 -1.49 -1.62
C ASP C 410 -40.85 -1.95 -0.20
N ARG C 411 -40.07 -2.87 0.35
CA ARG C 411 -40.28 -3.39 1.71
CA ARG C 411 -40.31 -3.39 1.69
C ARG C 411 -40.12 -2.31 2.78
N ALA C 412 -39.13 -1.44 2.62
CA ALA C 412 -38.89 -0.35 3.59
C ALA C 412 -40.01 0.68 3.64
N LEU C 413 -40.62 0.97 2.49
CA LEU C 413 -41.71 1.94 2.39
C LEU C 413 -43.06 1.36 2.85
N SER C 414 -43.21 0.05 2.73
CA SER C 414 -44.46 -0.62 3.10
C SER C 414 -44.26 -1.33 4.42
N SER D 14 -17.57 -16.53 18.35
CA SER D 14 -17.05 -16.64 16.95
C SER D 14 -16.82 -15.28 16.27
N VAL D 15 -15.58 -15.05 15.84
CA VAL D 15 -15.20 -13.79 15.17
C VAL D 15 -15.16 -13.90 13.64
N ARG D 16 -15.36 -15.09 13.11
CA ARG D 16 -15.17 -15.33 11.66
C ARG D 16 -16.45 -15.38 10.81
N THR D 17 -17.62 -15.35 11.46
CA THR D 17 -18.90 -15.42 10.73
C THR D 17 -19.25 -14.11 10.00
N PRO D 18 -19.31 -14.17 8.65
CA PRO D 18 -19.52 -12.97 7.86
C PRO D 18 -20.97 -12.47 7.88
N LYS D 19 -21.16 -11.19 7.52
CA LYS D 19 -22.47 -10.54 7.42
C LYS D 19 -23.33 -11.17 6.31
N ALA D 20 -24.29 -12.02 6.68
CA ALA D 20 -25.17 -12.70 5.71
C ALA D 20 -26.09 -11.73 4.97
N LEU D 21 -26.23 -11.94 3.66
CA LEU D 21 -27.10 -11.13 2.80
C LEU D 21 -28.52 -11.71 2.77
N PRO D 22 -29.53 -10.90 2.38
CA PRO D 22 -30.91 -11.43 2.26
C PRO D 22 -31.01 -12.69 1.38
N ASP D 23 -31.97 -13.57 1.68
CA ASP D 23 -32.21 -14.78 0.87
C ASP D 23 -32.48 -14.45 -0.59
N GLY D 24 -31.87 -15.22 -1.49
CA GLY D 24 -32.22 -15.14 -2.91
C GLY D 24 -31.63 -14.03 -3.76
N VAL D 25 -30.70 -13.26 -3.21
CA VAL D 25 -30.04 -12.18 -3.96
C VAL D 25 -29.16 -12.74 -5.08
N SER D 26 -29.13 -12.04 -6.21
CA SER D 26 -28.42 -12.52 -7.41
C SER D 26 -26.89 -12.42 -7.30
N GLN D 27 -26.20 -12.93 -8.33
CA GLN D 27 -24.73 -13.04 -8.33
C GLN D 27 -24.01 -11.69 -8.36
N ALA D 28 -24.62 -10.70 -9.02
CA ALA D 28 -24.07 -9.33 -9.06
C ALA D 28 -23.99 -8.70 -7.67
N THR D 29 -25.05 -8.90 -6.87
CA THR D 29 -25.14 -8.41 -5.49
C THR D 29 -24.10 -9.08 -4.56
N VAL D 30 -23.95 -10.40 -4.68
CA VAL D 30 -22.95 -11.19 -3.94
C VAL D 30 -21.53 -10.63 -4.19
N GLY D 31 -21.22 -10.33 -5.45
CA GLY D 31 -19.90 -9.81 -5.80
C GLY D 31 -19.53 -8.48 -5.16
N VAL D 32 -20.52 -7.59 -4.98
CA VAL D 32 -20.29 -6.27 -4.38
C VAL D 32 -20.17 -6.38 -2.84
N ARG D 33 -20.97 -7.27 -2.22
CA ARG D 33 -21.15 -7.28 -0.74
C ARG D 33 -20.86 -8.57 0.01
N GLY D 34 -20.57 -9.65 -0.70
CA GLY D 34 -20.39 -10.97 -0.06
C GLY D 34 -19.17 -11.07 0.86
N GLY D 35 -19.35 -11.75 2.00
CA GLY D 35 -18.24 -12.14 2.87
C GLY D 35 -17.57 -11.10 3.77
N MET D 36 -18.16 -9.91 3.90
CA MET D 36 -17.59 -8.82 4.71
C MET D 36 -17.59 -9.12 6.21
N LEU D 37 -16.63 -8.52 6.90
CA LEU D 37 -16.49 -8.65 8.36
C LEU D 37 -16.11 -7.27 8.93
N ARG D 38 -17.07 -6.34 9.03
CA ARG D 38 -16.79 -4.98 9.49
C ARG D 38 -16.41 -4.94 10.97
N SER D 39 -15.47 -4.06 11.33
CA SER D 39 -15.06 -3.89 12.73
C SER D 39 -16.05 -3.03 13.52
N GLY D 40 -15.79 -2.85 14.83
CA GLY D 40 -16.56 -1.91 15.67
C GLY D 40 -16.51 -0.43 15.24
N PHE D 41 -15.58 -0.07 14.35
CA PHE D 41 -15.53 1.30 13.76
C PHE D 41 -16.55 1.53 12.63
N GLU D 42 -17.12 0.45 12.09
CA GLU D 42 -18.20 0.52 11.10
C GLU D 42 -17.77 1.18 9.79
N GLU D 43 -16.53 0.91 9.37
CA GLU D 43 -16.02 1.34 8.05
C GLU D 43 -16.95 0.86 6.92
N THR D 44 -17.23 1.72 5.94
CA THR D 44 -18.01 1.30 4.78
C THR D 44 -17.20 0.29 3.94
N ALA D 45 -15.98 0.70 3.57
CA ALA D 45 -15.04 -0.12 2.79
C ALA D 45 -14.25 -1.12 3.63
N GLU D 46 -13.78 -2.18 2.97
CA GLU D 46 -13.14 -3.31 3.65
C GLU D 46 -11.73 -2.97 4.18
N ALA D 47 -11.51 -3.24 5.47
CA ALA D 47 -10.25 -2.93 6.13
C ALA D 47 -9.09 -3.84 5.71
N MET D 48 -7.86 -3.32 5.83
CA MET D 48 -6.62 -4.09 5.54
C MET D 48 -5.84 -4.39 6.84
N TYR D 49 -5.82 -5.65 7.23
CA TYR D 49 -5.08 -6.05 8.46
C TYR D 49 -3.66 -6.54 8.17
N LEU D 50 -2.72 -5.59 8.13
CA LEU D 50 -1.32 -5.90 7.89
C LEU D 50 -0.66 -6.24 9.21
N THR D 51 -0.85 -7.49 9.61
CA THR D 51 -0.25 -8.04 10.83
C THR D 51 0.16 -9.49 10.58
N SER D 52 1.30 -9.92 11.14
CA SER D 52 1.61 -11.35 11.10
C SER D 52 1.03 -12.15 12.28
N GLY D 53 1.04 -11.56 13.48
CA GLY D 53 0.51 -12.22 14.70
C GLY D 53 -0.68 -11.53 15.39
N TYR D 54 -1.17 -12.15 16.47
CA TYR D 54 -2.36 -11.68 17.22
C TYR D 54 -2.07 -11.76 18.73
N VAL D 55 -2.83 -11.00 19.52
CA VAL D 55 -2.67 -10.98 20.99
C VAL D 55 -3.88 -11.61 21.67
N TYR D 56 -3.72 -12.04 22.93
CA TYR D 56 -4.81 -12.69 23.70
C TYR D 56 -5.03 -12.00 25.04
N GLY D 57 -6.29 -12.00 25.48
CA GLY D 57 -6.69 -11.36 26.73
C GLY D 57 -6.17 -12.03 27.99
N SER D 58 -5.89 -13.33 27.91
CA SER D 58 -5.39 -14.10 29.04
C SER D 58 -4.61 -15.30 28.53
N ALA D 59 -3.87 -15.94 29.42
CA ALA D 59 -3.14 -17.17 29.10
C ALA D 59 -4.12 -18.31 28.81
N ALA D 60 -5.31 -18.27 29.39
CA ALA D 60 -6.32 -19.32 29.14
C ALA D 60 -6.91 -19.20 27.72
N VAL D 61 -7.09 -17.97 27.25
CA VAL D 61 -7.54 -17.71 25.86
C VAL D 61 -6.49 -18.10 24.79
N ALA D 62 -5.22 -17.87 25.09
CA ALA D 62 -4.11 -18.30 24.21
C ALA D 62 -4.10 -19.83 24.04
N GLU D 63 -4.26 -20.54 25.16
CA GLU D 63 -4.30 -22.01 25.17
C GLU D 63 -5.45 -22.57 24.32
N LYS D 64 -6.65 -22.01 24.47
CA LYS D 64 -7.83 -22.51 23.76
C LYS D 64 -7.77 -22.18 22.27
N SER D 65 -7.09 -21.09 21.93
CA SER D 65 -6.93 -20.64 20.55
C SER D 65 -5.98 -21.55 19.79
N PHE D 66 -4.89 -21.92 20.45
CA PHE D 66 -3.96 -22.91 19.91
C PHE D 66 -4.56 -24.31 19.82
N ALA D 67 -5.51 -24.61 20.71
CA ALA D 67 -6.16 -25.93 20.72
C ALA D 67 -7.37 -26.01 19.78
N GLY D 68 -7.61 -24.96 19.01
CA GLY D 68 -8.74 -24.91 18.07
C GLY D 68 -10.12 -24.84 18.72
N GLU D 69 -10.17 -24.61 20.03
CA GLU D 69 -11.46 -24.49 20.74
C GLU D 69 -12.13 -23.13 20.58
N LEU D 70 -11.35 -22.10 20.22
CA LEU D 70 -11.87 -20.79 19.81
C LEU D 70 -11.45 -20.51 18.37
N ASP D 71 -12.23 -19.73 17.64
CA ASP D 71 -11.86 -19.40 16.25
C ASP D 71 -11.02 -18.12 16.14
N HIS D 72 -10.52 -17.64 17.28
CA HIS D 72 -9.56 -16.51 17.40
C HIS D 72 -8.44 -16.72 16.39
N TYR D 73 -8.03 -15.66 15.69
CA TYR D 73 -6.89 -15.76 14.76
C TYR D 73 -5.58 -16.04 15.52
N VAL D 74 -4.61 -16.71 14.88
CA VAL D 74 -3.36 -17.11 15.55
C VAL D 74 -2.10 -16.66 14.80
N TYR D 75 -2.11 -16.80 13.47
CA TYR D 75 -0.92 -16.52 12.67
C TYR D 75 -1.30 -16.43 11.21
N SER D 76 -0.86 -15.33 10.59
CA SER D 76 -1.25 -14.98 9.21
C SER D 76 -0.77 -15.91 8.11
N ARG D 77 0.17 -16.82 8.39
CA ARG D 77 0.57 -17.82 7.40
C ARG D 77 -0.60 -18.73 7.05
N TYR D 78 -1.48 -18.98 8.02
CA TYR D 78 -2.65 -19.84 7.79
C TYR D 78 -4.05 -19.28 8.09
N GLY D 79 -4.14 -18.02 8.50
CA GLY D 79 -5.43 -17.33 8.65
C GLY D 79 -5.26 -15.84 8.95
N ASN D 80 -6.00 -14.98 8.25
CA ASN D 80 -5.97 -13.51 8.44
C ASN D 80 -7.37 -12.95 8.09
N PRO D 81 -7.86 -11.92 8.83
CA PRO D 81 -9.25 -11.41 8.55
C PRO D 81 -9.51 -10.88 7.13
N THR D 82 -8.54 -10.17 6.56
CA THR D 82 -8.67 -9.65 5.19
C THR D 82 -8.64 -10.76 4.14
N VAL D 83 -7.73 -11.71 4.29
CA VAL D 83 -7.67 -12.90 3.42
C VAL D 83 -9.01 -13.69 3.49
N SER D 84 -9.59 -13.81 4.68
CA SER D 84 -10.92 -14.48 4.83
C SER D 84 -12.05 -13.84 4.01
N VAL D 85 -12.05 -12.52 3.88
CA VAL D 85 -13.05 -11.83 3.08
C VAL D 85 -12.88 -12.19 1.59
N PHE D 86 -11.65 -12.22 1.09
CA PHE D 86 -11.41 -12.66 -0.31
C PHE D 86 -11.89 -14.11 -0.52
N GLU D 87 -11.50 -15.00 0.40
CA GLU D 87 -11.84 -16.43 0.34
C GLU D 87 -13.37 -16.63 0.27
N GLU D 88 -14.10 -15.96 1.16
CA GLU D 88 -15.55 -16.15 1.29
C GLU D 88 -16.33 -15.54 0.12
N ARG D 89 -15.87 -14.39 -0.38
CA ARG D 89 -16.50 -13.73 -1.54
C ARG D 89 -16.35 -14.55 -2.83
N LEU D 90 -15.20 -15.16 -3.02
CA LEU D 90 -14.97 -16.03 -4.18
C LEU D 90 -15.80 -17.35 -4.08
N ARG D 91 -15.86 -17.93 -2.88
CA ARG D 91 -16.61 -19.18 -2.62
C ARG D 91 -18.10 -19.00 -2.94
N LEU D 92 -18.63 -17.83 -2.60
CA LEU D 92 -20.04 -17.51 -2.81
C LEU D 92 -20.34 -17.26 -4.30
N ILE D 93 -19.43 -16.58 -4.99
CA ILE D 93 -19.56 -16.38 -6.44
C ILE D 93 -19.56 -17.74 -7.16
N GLU D 94 -18.60 -18.60 -6.79
CA GLU D 94 -18.41 -19.92 -7.42
C GLU D 94 -19.52 -20.93 -7.06
N GLY D 95 -20.03 -20.87 -5.83
CA GLY D 95 -20.97 -21.88 -5.32
C GLY D 95 -20.28 -23.13 -4.81
N ALA D 96 -19.15 -22.94 -4.12
CA ALA D 96 -18.32 -24.03 -3.60
C ALA D 96 -18.54 -24.23 -2.10
N PRO D 97 -18.20 -25.42 -1.56
CA PRO D 97 -18.33 -25.67 -0.12
C PRO D 97 -17.26 -24.98 0.73
N ALA D 98 -16.03 -24.84 0.21
CA ALA D 98 -14.90 -24.24 0.96
C ALA D 98 -13.79 -23.68 0.06
N ALA D 99 -12.93 -22.85 0.63
CA ALA D 99 -11.90 -22.10 -0.13
C ALA D 99 -10.65 -21.82 0.70
N PHE D 100 -9.49 -21.80 0.05
CA PHE D 100 -8.19 -21.47 0.67
C PHE D 100 -7.35 -20.65 -0.31
N ALA D 101 -6.93 -19.45 0.11
CA ALA D 101 -6.14 -18.54 -0.73
C ALA D 101 -4.65 -18.91 -0.80
N THR D 102 -4.00 -18.60 -1.93
CA THR D 102 -2.58 -18.91 -2.18
C THR D 102 -1.78 -17.73 -2.78
N ALA D 103 -0.44 -17.84 -2.72
CA ALA D 103 0.49 -16.79 -3.21
C ALA D 103 0.45 -16.56 -4.74
N SER D 104 0.01 -17.58 -5.48
CA SER D 104 -0.10 -17.52 -6.95
C SER D 104 -1.02 -18.63 -7.45
N GLY D 105 -1.40 -18.56 -8.73
CA GLY D 105 -2.14 -19.64 -9.38
C GLY D 105 -1.38 -20.95 -9.47
N MET D 106 -0.07 -20.90 -9.70
CA MET D 106 0.74 -22.14 -9.76
C MET D 106 0.88 -22.82 -8.39
N ALA D 107 0.81 -22.01 -7.32
CA ALA D 107 0.80 -22.53 -5.93
C ALA D 107 -0.51 -23.27 -5.65
N ALA D 108 -1.61 -22.79 -6.21
CA ALA D 108 -2.92 -23.49 -6.12
C ALA D 108 -2.88 -24.85 -6.86
N VAL D 109 -2.33 -24.84 -8.08
CA VAL D 109 -2.14 -26.07 -8.87
C VAL D 109 -1.27 -27.11 -8.13
N PHE D 110 -0.06 -26.70 -7.73
CA PHE D 110 0.85 -27.64 -7.07
C PHE D 110 0.30 -28.16 -5.74
N THR D 111 -0.25 -27.26 -4.92
CA THR D 111 -0.70 -27.64 -3.57
C THR D 111 -1.95 -28.53 -3.62
N SER D 112 -2.87 -28.24 -4.54
CA SER D 112 -4.09 -29.07 -4.69
C SER D 112 -3.78 -30.52 -5.09
N LEU D 113 -2.86 -30.67 -6.04
CA LEU D 113 -2.43 -31.99 -6.53
C LEU D 113 -1.59 -32.75 -5.50
N GLY D 114 -0.63 -32.04 -4.88
CA GLY D 114 0.20 -32.58 -3.80
C GLY D 114 -0.61 -33.08 -2.62
N ALA D 115 -1.74 -32.45 -2.34
CA ALA D 115 -2.59 -32.91 -1.23
C ALA D 115 -3.35 -34.21 -1.54
N LEU D 116 -3.43 -34.56 -2.83
CA LEU D 116 -4.07 -35.80 -3.30
C LEU D 116 -3.07 -36.93 -3.59
N LEU D 117 -1.80 -36.58 -3.81
CA LEU D 117 -0.79 -37.47 -4.39
C LEU D 117 0.51 -37.63 -3.60
N GLY D 118 0.72 -38.83 -3.07
CA GLY D 118 1.98 -39.24 -2.41
C GLY D 118 2.83 -40.15 -3.30
N ALA D 119 3.99 -40.58 -2.80
CA ALA D 119 4.83 -41.57 -3.49
C ALA D 119 4.00 -42.82 -3.69
N GLY D 120 3.95 -43.31 -4.93
CA GLY D 120 3.18 -44.52 -5.26
C GLY D 120 1.78 -44.26 -5.79
N ASP D 121 1.36 -42.99 -5.81
CA ASP D 121 0.02 -42.63 -6.30
C ASP D 121 0.03 -42.30 -7.80
N ARG D 122 -1.15 -42.36 -8.42
CA ARG D 122 -1.32 -42.26 -9.87
C ARG D 122 -2.18 -41.06 -10.31
N LEU D 123 -1.68 -40.30 -11.28
CA LEU D 123 -2.33 -39.11 -11.85
C LEU D 123 -2.54 -39.30 -13.35
N VAL D 124 -3.74 -39.02 -13.84
CA VAL D 124 -4.01 -38.99 -15.27
C VAL D 124 -4.35 -37.55 -15.68
N ALA D 125 -3.62 -37.00 -16.65
CA ALA D 125 -3.76 -35.60 -17.03
C ALA D 125 -3.84 -35.41 -18.54
N ALA D 126 -4.54 -34.36 -18.99
CA ALA D 126 -4.51 -33.92 -20.39
C ALA D 126 -3.12 -33.42 -20.75
N ARG D 127 -2.72 -33.55 -22.02
CA ARG D 127 -1.39 -33.10 -22.47
C ARG D 127 -1.31 -31.58 -22.71
N SER D 128 -2.36 -31.00 -23.29
CA SER D 128 -2.34 -29.57 -23.64
C SER D 128 -2.60 -28.66 -22.44
N LEU D 129 -1.53 -28.42 -21.68
CA LEU D 129 -1.59 -27.64 -20.44
C LEU D 129 -0.76 -26.35 -20.52
N PHE D 130 -1.08 -25.38 -19.66
CA PHE D 130 -0.22 -24.22 -19.39
C PHE D 130 1.21 -24.72 -19.07
N GLY D 131 2.22 -24.04 -19.63
CA GLY D 131 3.62 -24.49 -19.52
C GLY D 131 4.06 -24.98 -18.14
N SER D 132 3.87 -24.13 -17.13
CA SER D 132 4.23 -24.51 -15.75
C SER D 132 3.42 -25.68 -15.20
N CYS D 133 2.16 -25.82 -15.64
CA CYS D 133 1.33 -26.96 -15.23
C CYS D 133 1.88 -28.30 -15.76
N PHE D 134 2.37 -28.30 -17.00
CA PHE D 134 2.99 -29.50 -17.60
C PHE D 134 4.25 -29.92 -16.84
N VAL D 135 5.09 -28.95 -16.47
CA VAL D 135 6.29 -29.23 -15.67
C VAL D 135 5.97 -29.86 -14.29
N VAL D 136 4.93 -29.34 -13.62
CA VAL D 136 4.47 -29.88 -12.33
C VAL D 136 4.08 -31.37 -12.49
N CYS D 137 3.32 -31.66 -13.54
CA CYS D 137 2.79 -33.02 -13.77
C CYS D 137 3.82 -34.04 -14.31
N SER D 138 4.71 -33.59 -15.19
CA SER D 138 5.64 -34.49 -15.87
CA SER D 138 5.64 -34.49 -15.87
C SER D 138 6.99 -34.65 -15.15
N GLU D 139 7.44 -33.60 -14.47
CA GLU D 139 8.78 -33.63 -13.84
C GLU D 139 8.80 -33.51 -12.31
N ILE D 140 8.17 -32.46 -11.77
CA ILE D 140 8.24 -32.18 -10.33
C ILE D 140 7.59 -33.26 -9.44
N LEU D 141 6.35 -33.63 -9.75
CA LEU D 141 5.66 -34.67 -8.97
C LEU D 141 6.27 -36.09 -9.12
N PRO D 142 6.66 -36.49 -10.36
CA PRO D 142 7.35 -37.77 -10.53
C PRO D 142 8.69 -37.91 -9.81
N ARG D 143 9.43 -36.80 -9.66
CA ARG D 143 10.67 -36.80 -8.89
C ARG D 143 10.37 -37.22 -7.45
N TRP D 144 9.16 -36.90 -6.98
CA TRP D 144 8.73 -37.27 -5.63
C TRP D 144 7.87 -38.58 -5.61
N GLY D 145 8.03 -39.38 -6.66
CA GLY D 145 7.45 -40.76 -6.67
C GLY D 145 6.05 -40.98 -7.22
N VAL D 146 5.50 -39.96 -7.88
CA VAL D 146 4.18 -40.04 -8.51
C VAL D 146 4.26 -40.63 -9.93
N GLN D 147 3.35 -41.55 -10.24
CA GLN D 147 3.19 -42.04 -11.61
C GLN D 147 2.19 -41.16 -12.36
N THR D 148 2.59 -40.61 -13.50
CA THR D 148 1.77 -39.72 -14.32
C THR D 148 1.58 -40.26 -15.75
N VAL D 149 0.32 -40.33 -16.19
CA VAL D 149 0.00 -40.70 -17.58
C VAL D 149 -0.80 -39.59 -18.32
N PHE D 150 -0.31 -39.20 -19.51
CA PHE D 150 -0.92 -38.16 -20.35
C PHE D 150 -1.80 -38.69 -21.49
N VAL D 151 -2.91 -37.99 -21.75
CA VAL D 151 -3.84 -38.30 -22.85
C VAL D 151 -4.12 -37.06 -23.72
N ASP D 152 -4.71 -37.27 -24.89
CA ASP D 152 -5.29 -36.14 -25.65
C ASP D 152 -6.66 -35.79 -25.08
N GLY D 153 -6.77 -34.59 -24.51
CA GLY D 153 -7.96 -34.12 -23.79
C GLY D 153 -9.30 -34.27 -24.49
N ASP D 154 -9.30 -34.19 -25.82
CA ASP D 154 -10.54 -34.24 -26.60
C ASP D 154 -10.96 -35.66 -27.07
N ASP D 155 -10.26 -36.69 -26.60
CA ASP D 155 -10.50 -38.08 -27.01
C ASP D 155 -10.98 -38.94 -25.84
N LEU D 156 -12.29 -39.18 -25.78
CA LEU D 156 -12.90 -39.89 -24.65
C LEU D 156 -12.48 -41.36 -24.47
N SER D 157 -12.10 -42.02 -25.56
CA SER D 157 -11.64 -43.42 -25.44
C SER D 157 -10.24 -43.48 -24.82
N GLN D 158 -9.43 -42.44 -25.08
CA GLN D 158 -8.11 -42.34 -24.45
C GLN D 158 -8.24 -42.14 -22.95
N TRP D 159 -9.19 -41.30 -22.52
CA TRP D 159 -9.54 -41.18 -21.11
C TRP D 159 -9.95 -42.54 -20.51
N GLU D 160 -10.84 -43.25 -21.23
CA GLU D 160 -11.42 -44.50 -20.75
C GLU D 160 -10.39 -45.61 -20.48
N ARG D 161 -9.42 -45.77 -21.38
CA ARG D 161 -8.32 -46.73 -21.20
C ARG D 161 -7.44 -46.38 -19.99
N ALA D 162 -7.08 -45.11 -19.88
CA ALA D 162 -6.21 -44.65 -18.80
C ALA D 162 -6.85 -44.81 -17.42
N LEU D 163 -8.17 -44.69 -17.35
CA LEU D 163 -8.87 -44.77 -16.06
C LEU D 163 -9.42 -46.16 -15.68
N SER D 164 -8.96 -47.20 -16.36
CA SER D 164 -9.35 -48.57 -15.99
C SER D 164 -8.50 -49.12 -14.84
N VAL D 165 -7.34 -48.49 -14.65
CA VAL D 165 -6.47 -48.71 -13.50
C VAL D 165 -6.91 -47.77 -12.38
N PRO D 166 -7.07 -48.29 -11.14
CA PRO D 166 -7.42 -47.44 -10.00
C PRO D 166 -6.52 -46.20 -9.91
N THR D 167 -7.14 -45.03 -9.82
CA THR D 167 -6.46 -43.75 -9.95
C THR D 167 -6.83 -42.84 -8.78
N GLN D 168 -5.91 -41.97 -8.39
CA GLN D 168 -6.09 -41.07 -7.25
C GLN D 168 -6.58 -39.67 -7.65
N ALA D 169 -6.07 -39.15 -8.77
CA ALA D 169 -6.40 -37.79 -9.23
C ALA D 169 -6.44 -37.65 -10.75
N VAL D 170 -7.31 -36.76 -11.24
CA VAL D 170 -7.40 -36.33 -12.67
C VAL D 170 -7.29 -34.79 -12.79
N PHE D 171 -6.46 -34.28 -13.72
CA PHE D 171 -6.24 -32.82 -13.93
C PHE D 171 -6.33 -32.40 -15.41
N PHE D 172 -7.10 -31.34 -15.72
CA PHE D 172 -7.11 -30.76 -17.08
C PHE D 172 -7.55 -29.29 -17.12
N GLU D 173 -7.27 -28.60 -18.25
CA GLU D 173 -7.79 -27.24 -18.55
C GLU D 173 -8.72 -27.29 -19.77
N THR D 174 -9.78 -26.47 -19.77
CA THR D 174 -10.66 -26.35 -20.93
C THR D 174 -11.34 -24.97 -20.95
N PRO D 175 -11.27 -24.26 -22.10
CA PRO D 175 -10.50 -24.56 -23.32
C PRO D 175 -8.99 -24.54 -23.08
N SER D 176 -8.23 -25.22 -23.95
CA SER D 176 -6.78 -25.15 -23.92
C SER D 176 -6.29 -23.82 -24.50
N ASN D 177 -4.99 -23.56 -24.34
CA ASN D 177 -4.40 -22.30 -24.81
C ASN D 177 -3.04 -22.59 -25.46
N PRO D 178 -2.83 -22.16 -26.73
CA PRO D 178 -3.60 -21.22 -27.53
C PRO D 178 -4.62 -21.83 -28.51
N MET D 179 -4.57 -23.14 -28.74
CA MET D 179 -5.41 -23.76 -29.79
C MET D 179 -6.90 -23.89 -29.43
N GLN D 180 -7.22 -23.72 -28.15
CA GLN D 180 -8.62 -23.66 -27.67
C GLN D 180 -9.43 -24.93 -27.95
N SER D 181 -8.80 -26.10 -27.81
CA SER D 181 -9.54 -27.37 -27.82
C SER D 181 -10.19 -27.61 -26.46
N LEU D 182 -11.29 -28.36 -26.45
CA LEU D 182 -12.12 -28.55 -25.26
C LEU D 182 -12.05 -29.97 -24.74
N VAL D 183 -12.35 -30.12 -23.45
CA VAL D 183 -12.55 -31.41 -22.80
C VAL D 183 -14.02 -31.49 -22.36
N ASP D 184 -14.64 -32.66 -22.51
CA ASP D 184 -16.03 -32.88 -22.06
C ASP D 184 -16.05 -33.11 -20.55
N ILE D 185 -16.41 -32.07 -19.79
CA ILE D 185 -16.32 -32.11 -18.31
C ILE D 185 -17.19 -33.26 -17.71
N ALA D 186 -18.47 -33.27 -18.05
CA ALA D 186 -19.43 -34.26 -17.54
C ALA D 186 -19.02 -35.72 -17.82
N ALA D 187 -18.67 -36.00 -19.08
CA ALA D 187 -18.24 -37.35 -19.48
C ALA D 187 -16.93 -37.82 -18.81
N VAL D 188 -15.92 -36.95 -18.74
CA VAL D 188 -14.65 -37.30 -18.10
C VAL D 188 -14.83 -37.55 -16.59
N THR D 189 -15.68 -36.73 -15.97
CA THR D 189 -15.96 -36.83 -14.53
C THR D 189 -16.59 -38.21 -14.17
N GLU D 190 -17.52 -38.68 -15.00
CA GLU D 190 -18.14 -40.00 -14.82
C GLU D 190 -17.11 -41.13 -14.85
N LEU D 191 -16.22 -41.10 -15.84
CA LEU D 191 -15.16 -42.11 -15.99
C LEU D 191 -14.16 -42.10 -14.84
N ALA D 192 -13.86 -40.90 -14.34
CA ALA D 192 -12.93 -40.73 -13.22
C ALA D 192 -13.50 -41.26 -11.90
N HIS D 193 -14.77 -40.96 -11.64
CA HIS D 193 -15.36 -41.37 -10.37
C HIS D 193 -15.46 -42.91 -10.25
N ALA D 194 -15.53 -43.58 -11.40
CA ALA D 194 -15.59 -45.05 -11.44
C ALA D 194 -14.23 -45.67 -11.18
N ALA D 195 -13.18 -44.85 -11.19
CA ALA D 195 -11.83 -45.30 -10.87
C ALA D 195 -11.42 -44.87 -9.46
N GLY D 196 -12.36 -44.26 -8.74
CA GLY D 196 -12.11 -43.77 -7.38
C GLY D 196 -11.26 -42.50 -7.35
N ALA D 197 -11.22 -41.80 -8.48
CA ALA D 197 -10.36 -40.60 -8.64
C ALA D 197 -11.09 -39.30 -8.34
N LYS D 198 -10.33 -38.30 -7.88
CA LYS D 198 -10.85 -36.95 -7.67
C LYS D 198 -10.45 -36.07 -8.84
N VAL D 199 -11.39 -35.24 -9.29
CA VAL D 199 -11.21 -34.41 -10.50
C VAL D 199 -10.86 -32.96 -10.11
N VAL D 200 -9.70 -32.50 -10.57
CA VAL D 200 -9.27 -31.10 -10.43
C VAL D 200 -9.36 -30.33 -11.77
N LEU D 201 -10.24 -29.33 -11.83
CA LEU D 201 -10.37 -28.47 -13.01
C LEU D 201 -9.69 -27.12 -12.81
N ASP D 202 -8.82 -26.76 -13.75
CA ASP D 202 -8.21 -25.43 -13.80
C ASP D 202 -9.09 -24.55 -14.70
N ASN D 203 -9.72 -23.53 -14.10
CA ASN D 203 -10.77 -22.76 -14.76
C ASN D 203 -10.42 -21.29 -15.10
N VAL D 204 -9.13 -21.02 -15.26
CA VAL D 204 -8.61 -19.64 -15.47
C VAL D 204 -9.04 -18.99 -16.79
N PHE D 205 -8.93 -19.75 -17.88
CA PHE D 205 -9.33 -19.27 -19.22
C PHE D 205 -10.79 -18.75 -19.24
N ALA D 206 -11.70 -19.48 -18.61
CA ALA D 206 -13.15 -19.18 -18.70
C ALA D 206 -13.69 -18.21 -17.66
N THR D 207 -13.06 -18.17 -16.46
CA THR D 207 -13.55 -17.48 -15.25
C THR D 207 -14.74 -18.20 -14.62
N PRO D 208 -15.06 -17.88 -13.35
CA PRO D 208 -16.26 -18.42 -12.68
C PRO D 208 -17.57 -18.08 -13.39
N LEU D 209 -17.57 -17.02 -14.19
CA LEU D 209 -18.79 -16.48 -14.79
C LEU D 209 -19.26 -17.17 -16.07
N LEU D 210 -18.34 -17.82 -16.79
CA LEU D 210 -18.69 -18.45 -18.06
C LEU D 210 -18.72 -19.99 -18.06
N GLN D 211 -18.21 -20.62 -17.00
CA GLN D 211 -18.19 -22.08 -16.90
C GLN D 211 -18.24 -22.50 -15.43
N GLN D 212 -19.20 -23.38 -15.09
CA GLN D 212 -19.36 -23.85 -13.71
C GLN D 212 -19.15 -25.36 -13.55
N GLY D 213 -18.06 -25.71 -12.87
CA GLY D 213 -17.66 -27.11 -12.71
C GLY D 213 -18.38 -27.91 -11.65
N PHE D 214 -18.72 -27.28 -10.53
CA PHE D 214 -19.33 -28.02 -9.41
C PHE D 214 -20.69 -28.69 -9.76
N PRO D 215 -21.60 -27.98 -10.47
CA PRO D 215 -22.84 -28.66 -10.91
C PRO D 215 -22.64 -29.90 -11.79
N LEU D 216 -21.45 -30.05 -12.37
CA LEU D 216 -21.15 -31.20 -13.23
C LEU D 216 -20.37 -32.32 -12.54
N GLY D 217 -20.21 -32.21 -11.22
CA GLY D 217 -19.61 -33.27 -10.42
C GLY D 217 -18.13 -33.13 -10.13
N VAL D 218 -17.52 -32.03 -10.58
CA VAL D 218 -16.08 -31.78 -10.31
C VAL D 218 -15.82 -31.73 -8.80
N ASP D 219 -14.74 -32.35 -8.35
CA ASP D 219 -14.38 -32.35 -6.92
C ASP D 219 -13.62 -31.09 -6.43
N VAL D 220 -12.80 -30.53 -7.31
CA VAL D 220 -11.85 -29.43 -6.97
C VAL D 220 -11.74 -28.46 -8.16
N VAL D 221 -11.82 -27.14 -7.89
CA VAL D 221 -11.59 -26.12 -8.93
C VAL D 221 -10.47 -25.20 -8.44
N VAL D 222 -9.50 -24.91 -9.30
CA VAL D 222 -8.39 -23.96 -8.96
C VAL D 222 -8.38 -22.70 -9.83
N TYR D 223 -7.95 -21.58 -9.24
CA TYR D 223 -7.90 -20.31 -9.94
C TYR D 223 -6.58 -19.58 -9.77
N SER D 224 -6.17 -18.87 -10.83
CA SER D 224 -5.21 -17.78 -10.68
C SER D 224 -5.96 -16.46 -10.51
N GLY D 225 -5.74 -15.75 -9.40
CA GLY D 225 -6.29 -14.40 -9.23
C GLY D 225 -5.54 -13.33 -10.01
N THR D 226 -4.35 -13.68 -10.49
CA THR D 226 -3.50 -12.78 -11.28
C THR D 226 -4.18 -12.29 -12.58
N HIS D 228 -8.15 -12.42 -14.66
CA HIS D 228 -9.40 -11.60 -14.64
C HIS D 228 -9.86 -11.12 -13.26
N ILE D 229 -9.58 -11.90 -12.23
CA ILE D 229 -9.98 -11.52 -10.86
C ILE D 229 -9.38 -10.12 -10.48
N ASP D 230 -8.05 -9.97 -10.56
CA ASP D 230 -7.41 -8.62 -10.56
C ASP D 230 -7.97 -7.73 -11.67
N GLY D 231 -7.79 -8.17 -12.92
CA GLY D 231 -8.37 -7.49 -14.09
C GLY D 231 -7.56 -6.33 -14.63
N GLN D 232 -6.48 -5.98 -13.92
CA GLN D 232 -5.70 -4.76 -14.21
C GLN D 232 -4.17 -4.95 -14.16
N GLY D 233 -3.73 -6.21 -14.08
CA GLY D 233 -2.30 -6.54 -14.21
C GLY D 233 -1.42 -6.13 -13.03
N ARG D 234 -1.98 -6.03 -11.83
CA ARG D 234 -1.25 -5.45 -10.68
C ARG D 234 -0.47 -6.45 -9.78
N VAL D 235 -1.13 -7.53 -9.33
CA VAL D 235 -0.53 -8.46 -8.33
C VAL D 235 -0.76 -9.93 -8.69
N LEU D 236 -0.07 -10.84 -7.96
CA LEU D 236 -0.30 -12.29 -8.07
C LEU D 236 -1.12 -12.85 -6.93
N GLY D 237 -1.84 -13.94 -7.21
CA GLY D 237 -2.63 -14.62 -6.20
C GLY D 237 -3.28 -15.87 -6.82
N GLY D 238 -3.79 -16.75 -5.96
CA GLY D 238 -4.53 -17.95 -6.42
C GLY D 238 -5.55 -18.43 -5.40
N ALA D 239 -6.32 -19.48 -5.74
CA ALA D 239 -7.25 -20.08 -4.79
C ALA D 239 -7.55 -21.58 -5.09
N ILE D 240 -7.77 -22.35 -4.03
CA ILE D 240 -8.21 -23.77 -4.14
C ILE D 240 -9.63 -23.91 -3.55
N LEU D 241 -10.57 -24.44 -4.34
CA LEU D 241 -11.95 -24.65 -3.86
C LEU D 241 -12.41 -26.12 -3.95
N GLY D 242 -12.98 -26.62 -2.86
CA GLY D 242 -13.50 -28.00 -2.76
C GLY D 242 -14.32 -28.29 -1.52
N ASP D 243 -14.45 -29.58 -1.19
CA ASP D 243 -15.16 -30.03 0.02
C ASP D 243 -14.50 -29.54 1.30
N ARG D 244 -15.31 -29.32 2.34
CA ARG D 244 -14.78 -28.88 3.67
C ARG D 244 -13.71 -29.80 4.25
N GLU D 245 -13.90 -31.12 4.15
CA GLU D 245 -12.93 -32.04 4.75
C GLU D 245 -11.58 -32.10 3.99
N TYR D 246 -11.61 -31.94 2.66
CA TYR D 246 -10.40 -31.82 1.83
C TYR D 246 -9.62 -30.52 2.12
N ILE D 247 -10.35 -29.39 2.13
CA ILE D 247 -9.75 -28.05 2.36
C ILE D 247 -9.16 -27.93 3.79
N ASP D 248 -9.91 -28.42 4.78
CA ASP D 248 -9.47 -28.36 6.18
C ASP D 248 -8.50 -29.49 6.56
N GLY D 249 -8.35 -30.49 5.70
CA GLY D 249 -7.47 -31.64 5.99
C GLY D 249 -6.11 -31.53 5.31
N PRO D 250 -5.91 -32.34 4.26
CA PRO D 250 -4.65 -32.37 3.50
C PRO D 250 -4.20 -31.02 2.91
N VAL D 251 -5.12 -30.19 2.42
CA VAL D 251 -4.77 -28.85 1.89
C VAL D 251 -4.23 -27.93 2.99
N GLN D 252 -5.01 -27.75 4.05
CA GLN D 252 -4.57 -26.98 5.20
C GLN D 252 -3.20 -27.41 5.74
N LYS D 253 -2.94 -28.73 5.78
CA LYS D 253 -1.65 -29.23 6.29
C LYS D 253 -0.48 -28.73 5.45
N LEU D 254 -0.60 -28.79 4.12
CA LEU D 254 0.45 -28.26 3.25
C LEU D 254 0.58 -26.73 3.34
N MET D 255 -0.56 -26.04 3.33
CA MET D 255 -0.56 -24.58 3.48
C MET D 255 0.15 -24.08 4.75
N ARG D 256 -0.18 -24.66 5.91
CA ARG D 256 0.44 -24.24 7.17
CA ARG D 256 0.44 -24.24 7.17
C ARG D 256 1.94 -24.50 7.20
N HIS D 257 2.35 -25.67 6.73
CA HIS D 257 3.74 -26.08 6.91
C HIS D 257 4.73 -25.83 5.77
N THR D 258 4.26 -25.71 4.53
CA THR D 258 5.13 -25.34 3.40
C THR D 258 5.01 -23.83 3.03
N GLY D 259 3.96 -23.18 3.49
CA GLY D 259 3.81 -21.71 3.48
C GLY D 259 3.73 -20.87 2.18
N PRO D 260 3.02 -21.36 1.13
CA PRO D 260 2.84 -20.48 -0.04
C PRO D 260 1.68 -19.47 0.16
N ALA D 261 1.88 -18.56 1.11
CA ALA D 261 0.80 -17.71 1.66
C ALA D 261 0.45 -16.46 0.85
N MET D 262 -0.85 -16.16 0.76
CA MET D 262 -1.30 -14.87 0.20
C MET D 262 -1.06 -13.70 1.18
N SER D 263 -0.46 -12.65 0.66
CA SER D 263 -0.27 -11.39 1.38
C SER D 263 -1.62 -10.68 1.62
N ALA D 264 -1.86 -10.22 2.84
CA ALA D 264 -3.03 -9.37 3.14
C ALA D 264 -3.21 -8.14 2.22
N PHE D 265 -2.11 -7.49 1.78
CA PHE D 265 -2.22 -6.39 0.79
C PHE D 265 -2.79 -6.92 -0.54
N ASN D 266 -2.28 -8.06 -1.02
CA ASN D 266 -2.75 -8.69 -2.26
C ASN D 266 -4.24 -9.10 -2.17
N ALA D 267 -4.64 -9.56 -0.99
CA ALA D 267 -6.03 -9.99 -0.76
C ALA D 267 -7.03 -8.82 -0.85
N TRP D 268 -6.60 -7.64 -0.40
CA TRP D 268 -7.40 -6.41 -0.49
C TRP D 268 -7.59 -6.02 -1.98
N VAL D 269 -6.49 -6.03 -2.73
CA VAL D 269 -6.55 -5.76 -4.19
C VAL D 269 -7.55 -6.71 -4.90
N LEU D 270 -7.42 -8.00 -4.64
CA LEU D 270 -8.26 -9.00 -5.30
C LEU D 270 -9.74 -8.99 -4.90
N LEU D 271 -10.03 -8.85 -3.61
CA LEU D 271 -11.44 -8.80 -3.16
C LEU D 271 -12.18 -7.59 -3.72
N LYS D 272 -11.47 -6.48 -3.93
CA LYS D 272 -12.07 -5.30 -4.53
C LYS D 272 -12.26 -5.51 -6.04
N GLY D 273 -11.36 -6.27 -6.68
CA GLY D 273 -11.50 -6.54 -8.12
C GLY D 273 -12.72 -7.45 -8.35
N LEU D 274 -13.08 -8.26 -7.36
CA LEU D 274 -14.27 -9.14 -7.46
C LEU D 274 -15.58 -8.35 -7.62
N GLU D 275 -15.60 -7.10 -7.15
CA GLU D 275 -16.84 -6.28 -7.22
C GLU D 275 -17.21 -5.90 -8.65
N THR D 276 -16.21 -5.75 -9.51
CA THR D 276 -16.45 -5.37 -10.93
C THR D 276 -16.30 -6.52 -11.93
N LEU D 277 -15.98 -7.72 -11.44
CA LEU D 277 -15.81 -8.91 -12.31
C LEU D 277 -16.96 -9.12 -13.32
N ALA D 278 -18.20 -9.15 -12.82
CA ALA D 278 -19.38 -9.33 -13.69
C ALA D 278 -19.40 -8.41 -14.91
N ILE D 279 -19.31 -7.08 -14.70
CA ILE D 279 -19.43 -6.14 -15.82
C ILE D 279 -18.19 -6.12 -16.73
N ARG D 280 -17.03 -6.41 -16.15
CA ARG D 280 -15.77 -6.46 -16.92
C ARG D 280 -15.76 -7.66 -17.88
N VAL D 281 -16.12 -8.83 -17.36
CA VAL D 281 -16.21 -10.05 -18.16
C VAL D 281 -17.28 -9.89 -19.26
N GLN D 282 -18.44 -9.35 -18.88
CA GLN D 282 -19.51 -9.11 -19.85
C GLN D 282 -19.04 -8.25 -21.04
N HIS D 283 -18.38 -7.11 -20.75
CA HIS D 283 -17.89 -6.23 -21.81
CA HIS D 283 -17.85 -6.21 -21.79
C HIS D 283 -16.79 -6.87 -22.66
N SER D 284 -15.82 -7.52 -22.02
CA SER D 284 -14.68 -8.14 -22.73
C SER D 284 -15.07 -9.35 -23.60
N ASN D 285 -15.99 -10.17 -23.09
CA ASN D 285 -16.55 -11.30 -23.83
C ASN D 285 -17.24 -10.86 -25.13
N ALA D 286 -18.09 -9.83 -25.05
CA ALA D 286 -18.83 -9.34 -26.22
C ALA D 286 -17.89 -8.72 -27.26
N SER D 287 -16.90 -7.98 -26.77
CA SER D 287 -15.85 -7.40 -27.60
C SER D 287 -15.05 -8.48 -28.36
N ALA D 288 -14.61 -9.52 -27.65
CA ALA D 288 -13.87 -10.64 -28.28
C ALA D 288 -14.67 -11.38 -29.36
N GLN D 289 -15.97 -11.60 -29.11
CA GLN D 289 -16.91 -12.14 -30.10
C GLN D 289 -16.92 -11.34 -31.41
N ARG D 290 -17.02 -10.02 -31.31
CA ARG D 290 -17.00 -9.11 -32.48
C ARG D 290 -15.69 -9.19 -33.24
N ILE D 291 -14.58 -9.29 -32.50
CA ILE D 291 -13.24 -9.34 -33.07
C ILE D 291 -12.98 -10.68 -33.78
N ALA D 292 -13.43 -11.79 -33.18
CA ALA D 292 -13.34 -13.10 -33.83
C ALA D 292 -14.07 -13.08 -35.19
N GLU D 293 -15.26 -12.47 -35.21
CA GLU D 293 -16.08 -12.39 -36.43
C GLU D 293 -15.43 -11.53 -37.53
N PHE D 294 -14.78 -10.44 -37.12
CA PHE D 294 -14.03 -9.58 -38.03
C PHE D 294 -12.88 -10.35 -38.72
N LEU D 295 -12.09 -11.06 -37.92
CA LEU D 295 -10.95 -11.84 -38.42
C LEU D 295 -11.38 -12.97 -39.35
N ASN D 296 -12.51 -13.61 -39.01
CA ASN D 296 -13.05 -14.71 -39.80
C ASN D 296 -13.49 -14.30 -41.22
N GLY D 297 -13.58 -12.99 -41.47
CA GLY D 297 -13.88 -12.49 -42.82
C GLY D 297 -12.76 -11.73 -43.53
N HIS D 298 -11.56 -11.71 -42.94
CA HIS D 298 -10.44 -10.94 -43.49
C HIS D 298 -9.59 -11.74 -44.49
N PRO D 299 -9.26 -11.13 -45.65
CA PRO D 299 -8.49 -11.82 -46.70
C PRO D 299 -7.07 -12.30 -46.32
N SER D 300 -6.49 -11.72 -45.27
CA SER D 300 -5.14 -12.12 -44.83
C SER D 300 -5.13 -13.29 -43.83
N VAL D 301 -6.32 -13.76 -43.45
CA VAL D 301 -6.48 -14.74 -42.39
C VAL D 301 -6.97 -16.09 -42.94
N ARG D 302 -6.27 -17.17 -42.60
CA ARG D 302 -6.65 -18.53 -43.01
C ARG D 302 -7.74 -19.16 -42.14
N TRP D 303 -7.58 -19.08 -40.81
CA TRP D 303 -8.55 -19.60 -39.85
C TRP D 303 -8.57 -18.87 -38.50
N VAL D 304 -9.63 -19.10 -37.74
CA VAL D 304 -9.81 -18.49 -36.42
C VAL D 304 -10.29 -19.54 -35.42
N ARG D 305 -9.76 -19.47 -34.19
CA ARG D 305 -10.27 -20.29 -33.07
C ARG D 305 -10.85 -19.42 -31.95
N TYR D 306 -12.14 -19.63 -31.70
CA TYR D 306 -12.89 -18.98 -30.63
C TYR D 306 -14.11 -19.88 -30.38
N PRO D 307 -14.36 -20.27 -29.11
CA PRO D 307 -15.39 -21.31 -28.84
C PRO D 307 -16.85 -20.97 -29.21
N TYR D 308 -17.21 -19.68 -29.23
CA TYR D 308 -18.58 -19.28 -29.60
C TYR D 308 -18.69 -18.82 -31.07
N LEU D 309 -17.72 -19.20 -31.88
CA LEU D 309 -17.82 -19.03 -33.33
C LEU D 309 -18.33 -20.36 -33.89
N PRO D 310 -19.45 -20.32 -34.66
CA PRO D 310 -20.09 -21.59 -35.11
C PRO D 310 -19.17 -22.58 -35.82
N SER D 311 -18.07 -22.10 -36.39
CA SER D 311 -17.13 -22.96 -37.12
C SER D 311 -16.03 -23.62 -36.26
N HIS D 312 -16.08 -23.42 -34.94
CA HIS D 312 -15.22 -24.19 -34.03
C HIS D 312 -15.59 -25.67 -34.17
N PRO D 313 -14.58 -26.56 -34.26
CA PRO D 313 -14.81 -28.02 -34.40
C PRO D 313 -15.58 -28.67 -33.24
N GLN D 314 -15.61 -28.01 -32.09
CA GLN D 314 -16.36 -28.48 -30.91
C GLN D 314 -17.46 -27.48 -30.47
N TYR D 315 -18.04 -26.77 -31.43
CA TYR D 315 -19.04 -25.72 -31.17
C TYR D 315 -20.21 -26.19 -30.30
N ASP D 316 -20.74 -27.38 -30.62
CA ASP D 316 -21.86 -27.94 -29.86
C ASP D 316 -21.50 -28.20 -28.39
N LEU D 317 -20.30 -28.74 -28.14
CA LEU D 317 -19.83 -28.91 -26.76
C LEU D 317 -19.69 -27.58 -26.00
N ALA D 318 -19.10 -26.56 -26.64
CA ALA D 318 -18.97 -25.24 -26.02
C ALA D 318 -20.33 -24.63 -25.59
N LYS D 319 -21.34 -24.78 -26.44
CA LYS D 319 -22.70 -24.30 -26.14
C LYS D 319 -23.35 -25.01 -24.94
N ARG D 320 -23.04 -26.31 -24.78
CA ARG D 320 -23.55 -27.11 -23.67
C ARG D 320 -22.89 -26.78 -22.32
N GLN D 321 -21.59 -26.50 -22.31
CA GLN D 321 -20.89 -26.29 -21.03
C GLN D 321 -20.34 -24.88 -20.70
N MET D 322 -20.42 -23.94 -21.67
CA MET D 322 -20.02 -22.53 -21.48
C MET D 322 -21.15 -21.56 -21.83
N SER D 323 -21.19 -20.39 -21.19
CA SER D 323 -22.22 -19.37 -21.48
C SER D 323 -21.72 -18.22 -22.37
N GLY D 324 -20.44 -18.28 -22.72
CA GLY D 324 -19.79 -17.34 -23.64
C GLY D 324 -18.43 -17.90 -24.02
N GLY D 325 -17.80 -17.32 -25.04
CA GLY D 325 -16.55 -17.85 -25.57
C GLY D 325 -15.27 -17.48 -24.84
N GLY D 326 -15.30 -16.37 -24.10
CA GLY D 326 -14.11 -15.90 -23.33
C GLY D 326 -13.55 -14.59 -23.87
N THR D 327 -12.33 -14.25 -23.46
CA THR D 327 -11.69 -12.97 -23.83
C THR D 327 -10.42 -13.08 -24.69
N VAL D 328 -10.18 -14.27 -25.25
CA VAL D 328 -8.98 -14.55 -26.07
C VAL D 328 -9.34 -15.04 -27.49
N VAL D 329 -8.62 -14.54 -28.49
CA VAL D 329 -8.85 -14.90 -29.90
C VAL D 329 -7.54 -15.35 -30.58
N THR D 330 -7.53 -16.58 -31.11
CA THR D 330 -6.37 -17.15 -31.83
C THR D 330 -6.63 -17.23 -33.35
N PHE D 331 -5.62 -16.90 -34.16
CA PHE D 331 -5.75 -17.01 -35.63
C PHE D 331 -4.43 -17.32 -36.37
N ALA D 332 -4.54 -17.71 -37.64
CA ALA D 332 -3.38 -18.04 -38.46
C ALA D 332 -3.40 -17.27 -39.77
N LEU D 333 -2.23 -16.77 -40.19
CA LEU D 333 -2.10 -16.02 -41.44
C LEU D 333 -2.19 -16.94 -42.68
N ASP D 334 -2.76 -16.40 -43.75
CA ASP D 334 -2.83 -17.10 -45.04
C ASP D 334 -1.58 -16.78 -45.86
N CYS D 335 -0.50 -17.51 -45.56
CA CYS D 335 0.77 -17.38 -46.30
C CYS D 335 1.52 -18.72 -46.32
N PRO D 336 2.52 -18.87 -47.23
CA PRO D 336 3.36 -20.08 -47.17
C PRO D 336 4.10 -20.23 -45.84
N GLU D 337 4.27 -21.48 -45.38
CA GLU D 337 4.85 -21.78 -44.08
C GLU D 337 6.32 -21.32 -43.94
N ASP D 338 7.05 -21.27 -45.05
CA ASP D 338 8.47 -20.90 -45.01
C ASP D 338 8.73 -19.40 -44.81
N VAL D 339 7.69 -18.58 -44.97
CA VAL D 339 7.80 -17.15 -44.66
C VAL D 339 6.89 -16.71 -43.50
N ALA D 340 6.15 -17.67 -42.92
CA ALA D 340 5.13 -17.39 -41.89
C ALA D 340 5.64 -16.64 -40.64
N LYS D 341 6.81 -17.05 -40.13
CA LYS D 341 7.42 -16.39 -38.97
C LYS D 341 7.76 -14.91 -39.30
N GLN D 342 8.34 -14.69 -40.47
CA GLN D 342 8.68 -13.34 -40.93
C GLN D 342 7.41 -12.45 -41.00
N ARG D 343 6.32 -13.00 -41.54
CA ARG D 343 5.04 -12.27 -41.70
C ARG D 343 4.37 -11.96 -40.36
N ALA D 344 4.33 -12.96 -39.48
CA ALA D 344 3.80 -12.81 -38.12
C ALA D 344 4.56 -11.72 -37.33
N PHE D 345 5.88 -11.73 -37.44
CA PHE D 345 6.70 -10.69 -36.80
C PHE D 345 6.35 -9.29 -37.31
N GLU D 346 6.07 -9.17 -38.61
CA GLU D 346 5.65 -7.90 -39.20
C GLU D 346 4.35 -7.36 -38.61
N VAL D 347 3.36 -8.25 -38.45
CA VAL D 347 2.05 -7.91 -37.88
C VAL D 347 2.18 -7.41 -36.44
N LEU D 348 2.94 -8.13 -35.61
CA LEU D 348 3.17 -7.70 -34.23
C LEU D 348 3.82 -6.32 -34.17
N ASP D 349 4.85 -6.12 -35.00
CA ASP D 349 5.64 -4.89 -34.98
C ASP D 349 4.90 -3.67 -35.57
N LYS D 350 3.78 -3.91 -36.26
CA LYS D 350 2.96 -2.84 -36.85
C LYS D 350 1.83 -2.31 -35.93
N MET D 351 1.52 -3.04 -34.85
CA MET D 351 0.55 -2.58 -33.84
C MET D 351 0.96 -1.24 -33.22
N ARG D 352 0.00 -0.35 -33.00
CA ARG D 352 0.28 0.96 -32.39
C ARG D 352 -0.52 1.23 -31.10
N LEU D 353 -1.51 0.39 -30.80
CA LEU D 353 -2.34 0.52 -29.60
C LEU D 353 -2.15 -0.67 -28.65
N ILE D 354 -2.36 -1.89 -29.19
CA ILE D 354 -2.17 -3.14 -28.45
C ILE D 354 -0.67 -3.36 -28.14
N ASP D 355 -0.33 -3.74 -26.90
CA ASP D 355 1.08 -3.99 -26.49
C ASP D 355 1.54 -5.41 -26.84
N ILE D 356 2.83 -5.58 -27.16
CA ILE D 356 3.42 -6.94 -27.29
C ILE D 356 3.76 -7.49 -25.88
N SER D 357 3.07 -8.55 -25.45
CA SER D 357 3.20 -9.09 -24.08
C SER D 357 2.55 -10.48 -24.00
N ASN D 358 3.01 -11.33 -23.07
CA ASN D 358 2.52 -12.73 -22.92
C ASN D 358 1.35 -12.96 -21.93
N ASN D 359 0.89 -11.90 -21.26
CA ASN D 359 -0.10 -12.03 -20.18
C ASN D 359 -1.57 -12.13 -20.68
N LEU D 360 -2.49 -12.39 -19.75
CA LEU D 360 -3.92 -12.53 -20.00
C LEU D 360 -4.78 -11.85 -18.94
N GLY D 361 -6.02 -11.50 -19.31
CA GLY D 361 -7.02 -11.02 -18.34
C GLY D 361 -6.81 -9.61 -17.81
N ASP D 362 -6.27 -8.71 -18.64
CA ASP D 362 -6.00 -7.33 -18.23
C ASP D 362 -7.00 -6.44 -18.98
N ALA D 363 -7.31 -5.28 -18.40
CA ALA D 363 -8.05 -4.22 -19.11
C ALA D 363 -7.27 -3.67 -20.33
N LYS D 364 -5.95 -3.77 -20.28
CA LYS D 364 -5.11 -3.44 -21.43
C LYS D 364 -5.06 -4.63 -22.41
N SER D 365 -5.38 -4.40 -23.69
CA SER D 365 -5.28 -5.48 -24.70
C SER D 365 -3.82 -5.81 -25.07
N LEU D 366 -3.54 -7.09 -25.30
CA LEU D 366 -2.17 -7.59 -25.54
C LEU D 366 -2.08 -8.62 -26.67
N VAL D 367 -0.92 -8.69 -27.32
CA VAL D 367 -0.67 -9.64 -28.43
C VAL D 367 0.62 -10.46 -28.23
N THR D 368 0.60 -11.74 -28.64
CA THR D 368 1.77 -12.62 -28.44
C THR D 368 1.93 -13.62 -29.61
N HIS D 369 3.17 -14.09 -29.82
CA HIS D 369 3.50 -15.12 -30.83
C HIS D 369 3.88 -16.44 -30.11
N PRO D 370 2.89 -17.35 -29.94
CA PRO D 370 3.09 -18.55 -29.11
C PRO D 370 4.31 -19.40 -29.49
N ALA D 371 4.60 -19.54 -30.78
CA ALA D 371 5.68 -20.44 -31.24
C ALA D 371 7.08 -20.05 -30.76
N THR D 372 7.29 -18.77 -30.44
CA THR D 372 8.59 -18.29 -30.01
C THR D 372 8.60 -17.80 -28.55
N THR D 373 7.43 -17.89 -27.89
CA THR D 373 7.26 -17.46 -26.49
C THR D 373 6.50 -18.51 -25.67
N THR D 374 5.18 -18.32 -25.56
CA THR D 374 4.25 -19.23 -24.86
C THR D 374 4.63 -20.71 -24.93
N HIS D 375 4.94 -21.18 -26.14
CA HIS D 375 5.26 -22.59 -26.38
C HIS D 375 6.67 -22.81 -26.96
N ARG D 376 7.64 -22.08 -26.42
CA ARG D 376 9.04 -22.21 -26.84
C ARG D 376 9.63 -23.59 -26.52
N ALA D 377 9.44 -24.07 -25.28
CA ALA D 377 10.03 -25.34 -24.82
C ALA D 377 9.29 -26.60 -25.34
N MET D 378 9.08 -26.67 -26.65
CA MET D 378 8.37 -27.79 -27.28
C MET D 378 9.12 -28.34 -28.49
N GLY D 379 9.78 -27.45 -29.22
CA GLY D 379 10.45 -27.81 -30.46
C GLY D 379 9.47 -27.92 -31.62
N PRO D 380 9.97 -27.78 -32.86
CA PRO D 380 9.15 -27.89 -34.08
C PRO D 380 8.25 -29.13 -34.10
N GLU D 381 8.79 -30.26 -33.62
CA GLU D 381 8.08 -31.54 -33.60
C GLU D 381 6.79 -31.51 -32.79
N GLY D 382 6.90 -31.03 -31.54
CA GLY D 382 5.75 -30.97 -30.61
C GLY D 382 4.69 -29.92 -30.94
N ARG D 383 5.08 -28.84 -31.60
CA ARG D 383 4.11 -27.82 -32.02
C ARG D 383 3.29 -28.29 -33.22
N ALA D 384 3.94 -29.01 -34.12
CA ALA D 384 3.27 -29.61 -35.28
C ALA D 384 2.16 -30.58 -34.89
N ALA D 385 2.37 -31.32 -33.79
CA ALA D 385 1.42 -32.31 -33.28
C ALA D 385 0.06 -31.73 -32.86
N ILE D 386 0.05 -30.44 -32.49
CA ILE D 386 -1.18 -29.77 -32.06
C ILE D 386 -1.66 -28.72 -33.08
N GLY D 387 -0.93 -28.59 -34.19
CA GLY D 387 -1.27 -27.64 -35.26
C GLY D 387 -0.85 -26.20 -35.01
N LEU D 388 0.23 -26.00 -34.24
CA LEU D 388 0.69 -24.64 -33.91
C LEU D 388 1.86 -24.16 -34.80
N GLY D 389 1.53 -23.62 -35.96
CA GLY D 389 2.56 -23.19 -36.92
C GLY D 389 3.18 -21.84 -36.59
N ASP D 390 4.18 -21.45 -37.40
CA ASP D 390 4.85 -20.14 -37.26
C ASP D 390 3.94 -18.94 -37.59
N GLY D 391 2.78 -19.22 -38.18
CA GLY D 391 1.83 -18.18 -38.60
C GLY D 391 0.72 -17.88 -37.62
N VAL D 392 0.78 -18.49 -36.43
CA VAL D 392 -0.27 -18.34 -35.42
C VAL D 392 -0.04 -17.14 -34.48
N VAL D 393 -1.10 -16.34 -34.28
CA VAL D 393 -1.08 -15.11 -33.45
C VAL D 393 -2.24 -15.16 -32.43
N ARG D 394 -1.96 -14.78 -31.18
CA ARG D 394 -2.95 -14.74 -30.08
C ARG D 394 -3.22 -13.30 -29.60
N ILE D 395 -4.49 -12.91 -29.52
CA ILE D 395 -4.87 -11.59 -28.96
C ILE D 395 -5.72 -11.72 -27.67
N SER D 396 -5.31 -11.01 -26.63
CA SER D 396 -6.03 -10.96 -25.34
C SER D 396 -6.83 -9.65 -25.30
N VAL D 397 -8.15 -9.75 -25.20
CA VAL D 397 -9.05 -8.55 -25.35
C VAL D 397 -9.41 -7.88 -24.02
N GLY D 398 -9.14 -6.56 -23.94
CA GLY D 398 -9.40 -5.78 -22.73
C GLY D 398 -10.65 -4.91 -22.79
N LEU D 399 -10.56 -3.68 -22.29
CA LEU D 399 -11.70 -2.75 -22.16
C LEU D 399 -11.66 -1.49 -23.05
N GLU D 400 -10.69 -1.41 -23.98
CA GLU D 400 -10.69 -0.32 -24.96
C GLU D 400 -11.92 -0.42 -25.89
N ASP D 401 -12.29 0.69 -26.53
CA ASP D 401 -13.36 0.71 -27.55
C ASP D 401 -13.09 -0.33 -28.65
N THR D 402 -14.05 -1.22 -28.89
CA THR D 402 -13.92 -2.30 -29.86
C THR D 402 -13.52 -1.81 -31.27
N ASP D 403 -14.07 -0.67 -31.69
CA ASP D 403 -13.75 -0.16 -33.04
C ASP D 403 -12.33 0.41 -33.10
N ASP D 404 -11.81 0.89 -31.97
CA ASP D 404 -10.39 1.30 -31.87
C ASP D 404 -9.43 0.09 -31.97
N LEU D 405 -9.86 -1.04 -31.41
CA LEU D 405 -9.08 -2.30 -31.48
C LEU D 405 -9.09 -2.89 -32.90
N ILE D 406 -10.26 -2.95 -33.52
CA ILE D 406 -10.39 -3.38 -34.92
C ILE D 406 -9.54 -2.53 -35.87
N ALA D 407 -9.51 -1.21 -35.65
CA ALA D 407 -8.71 -0.32 -36.51
C ALA D 407 -7.20 -0.65 -36.45
N ASP D 408 -6.68 -0.89 -35.23
CA ASP D 408 -5.26 -1.24 -35.05
C ASP D 408 -4.91 -2.57 -35.71
N ILE D 409 -5.77 -3.58 -35.54
CA ILE D 409 -5.57 -4.92 -36.11
C ILE D 409 -5.64 -4.88 -37.65
N ASP D 410 -6.61 -4.14 -38.21
CA ASP D 410 -6.74 -4.02 -39.68
C ASP D 410 -5.53 -3.37 -40.34
N ARG D 411 -5.03 -2.29 -39.74
CA ARG D 411 -3.83 -1.62 -40.23
C ARG D 411 -2.59 -2.52 -40.15
N ALA D 412 -2.46 -3.27 -39.04
CA ALA D 412 -1.33 -4.18 -38.85
C ALA D 412 -1.29 -5.35 -39.84
N LEU D 413 -2.48 -5.84 -40.23
CA LEU D 413 -2.60 -6.93 -41.20
C LEU D 413 -2.37 -6.45 -42.65
N SER D 414 -2.62 -5.16 -42.88
CA SER D 414 -2.58 -4.58 -44.21
C SER D 414 -1.47 -3.53 -44.25
#